data_7QDE
#
_entry.id   7QDE
#
loop_
_entity.id
_entity.type
_entity.pdbx_description
1 polymer "RNA (5'-R(*AP*UP*CP*CP*AP*GP*UP*GP*GP*AP*A)-3')"
2 polymer 'Nucleolar protein 3'
#
loop_
_entity_poly.entity_id
_entity_poly.type
_entity_poly.pdbx_seq_one_letter_code
_entity_poly.pdbx_strand_id
1 'polyribonucleotide' AUCCAGUGGAA A
2 'polypeptide(L)'
;MHHRQEGELSNTRLFVRPFPLDVQESELNEIFGPFGPMKEVKILNGFAFVEFEEAESAAKAIEEVHGKSFANQPLEVVYS
KLPAKRYRITMKNLPEGCSWQDLKDLARENSLETTFSSVNTRDFDGTGALEFPSEEILVEALERLNNIEFRGSVITVERD
DNPPPIRRS
;
B
#
# COMPACT_ATOMS: atom_id res chain seq x y z
N MET B 1 3.13 -10.46 -1.37
CA MET B 1 4.22 -11.14 -2.08
C MET B 1 3.98 -11.10 -3.59
N HIS B 2 5.07 -10.98 -4.37
CA HIS B 2 5.01 -10.94 -5.82
C HIS B 2 6.33 -11.43 -6.39
N HIS B 3 6.31 -12.03 -7.59
CA HIS B 3 7.51 -12.61 -8.19
C HIS B 3 8.39 -11.54 -8.82
N ARG B 4 7.82 -10.39 -9.19
CA ARG B 4 8.58 -9.30 -9.78
C ARG B 4 9.23 -8.47 -8.69
N GLN B 5 10.55 -8.49 -8.62
CA GLN B 5 11.33 -7.75 -7.62
C GLN B 5 12.56 -7.16 -8.28
N GLU B 6 13.22 -6.21 -7.61
CA GLU B 6 14.36 -5.51 -8.20
C GLU B 6 15.48 -5.29 -7.19
N GLY B 7 15.15 -5.07 -5.91
CA GLY B 7 16.15 -4.87 -4.88
C GLY B 7 16.92 -3.54 -5.04
N GLU B 8 16.40 -2.63 -5.88
CA GLU B 8 17.02 -1.33 -6.12
C GLU B 8 16.17 -0.20 -5.54
N LEU B 9 15.84 -0.32 -4.25
CA LEU B 9 14.99 0.63 -3.55
C LEU B 9 15.67 1.99 -3.40
N SER B 10 14.88 3.00 -3.06
CA SER B 10 15.35 4.37 -2.89
C SER B 10 16.20 4.53 -1.63
N ASN B 11 16.56 3.41 -1.00
CA ASN B 11 17.35 3.40 0.23
C ASN B 11 16.61 4.12 1.36
N THR B 12 15.33 3.81 1.56
CA THR B 12 14.54 4.44 2.61
C THR B 12 13.81 3.43 3.49
N ARG B 13 13.16 2.42 2.90
CA ARG B 13 12.48 1.39 3.68
C ARG B 13 13.45 0.36 4.24
N LEU B 14 13.20 -0.08 5.48
CA LEU B 14 14.09 -0.98 6.20
C LEU B 14 13.30 -2.16 6.76
N PHE B 15 13.63 -3.37 6.31
CA PHE B 15 12.91 -4.58 6.68
C PHE B 15 13.47 -5.27 7.90
N VAL B 16 12.65 -5.41 8.95
CA VAL B 16 13.04 -6.06 10.20
C VAL B 16 12.28 -7.37 10.40
N ARG B 17 12.83 -8.31 11.18
CA ARG B 17 12.24 -9.64 11.31
C ARG B 17 12.17 -10.15 12.76
N PRO B 18 13.26 -10.12 13.54
CA PRO B 18 13.33 -10.78 14.83
C PRO B 18 12.67 -9.95 15.93
N PHE B 19 11.37 -9.68 15.78
CA PHE B 19 10.57 -9.00 16.78
C PHE B 19 10.20 -9.87 17.98
N PRO B 20 9.84 -9.24 19.11
CA PRO B 20 9.31 -9.93 20.26
C PRO B 20 7.92 -10.46 19.93
N LEU B 21 6.86 -9.65 20.14
CA LEU B 21 5.50 -10.02 19.79
C LEU B 21 4.55 -8.83 19.97
N ASP B 22 4.79 -8.01 20.99
CA ASP B 22 3.93 -6.87 21.31
C ASP B 22 4.68 -5.58 21.01
N VAL B 23 5.57 -5.62 20.01
CA VAL B 23 6.34 -4.45 19.61
C VAL B 23 5.38 -3.33 19.21
N GLN B 24 4.43 -3.63 18.32
CA GLN B 24 3.30 -2.77 17.96
C GLN B 24 3.61 -1.27 18.05
N GLU B 25 4.63 -0.82 17.32
CA GLU B 25 4.95 0.60 17.19
C GLU B 25 5.13 1.24 18.57
N SER B 26 6.07 0.70 19.36
CA SER B 26 6.31 1.21 20.71
C SER B 26 7.82 1.38 20.98
N GLU B 27 8.67 0.82 20.12
CA GLU B 27 10.12 0.95 20.29
C GLU B 27 10.82 1.26 18.98
N LEU B 28 10.13 1.10 17.84
CA LEU B 28 10.69 1.51 16.55
C LEU B 28 10.85 3.03 16.56
N ASN B 29 9.86 3.72 17.12
CA ASN B 29 9.89 5.18 17.25
C ASN B 29 11.01 5.64 18.17
N GLU B 30 11.57 4.71 18.95
CA GLU B 30 12.65 5.03 19.87
C GLU B 30 14.01 4.67 19.28
N ILE B 31 14.09 3.54 18.58
CA ILE B 31 15.34 3.09 17.95
C ILE B 31 15.58 3.84 16.66
N PHE B 32 14.57 3.88 15.79
CA PHE B 32 14.64 4.59 14.52
C PHE B 32 14.39 6.09 14.64
N GLY B 33 14.00 6.53 15.84
CA GLY B 33 13.67 7.93 16.12
C GLY B 33 14.89 8.84 16.00
N PRO B 34 15.98 8.58 16.74
CA PRO B 34 17.17 9.42 16.72
C PRO B 34 17.90 9.34 15.38
N PHE B 35 17.58 8.34 14.55
CA PHE B 35 18.22 8.19 13.25
C PHE B 35 17.73 9.16 12.19
N GLY B 36 16.49 9.61 12.29
CA GLY B 36 15.93 10.54 11.33
C GLY B 36 14.46 10.85 11.63
N PRO B 37 13.82 11.67 10.79
CA PRO B 37 12.44 12.11 10.97
C PRO B 37 11.43 10.98 10.79
N MET B 38 11.89 9.83 10.27
CA MET B 38 11.10 8.62 10.03
C MET B 38 9.65 8.91 9.60
N LYS B 39 9.40 8.86 8.29
CA LYS B 39 8.08 9.16 7.73
C LYS B 39 7.02 8.26 8.35
N GLU B 40 7.33 6.98 8.53
CA GLU B 40 6.34 5.99 8.94
C GLU B 40 7.02 4.69 9.38
N VAL B 41 6.34 3.91 10.22
CA VAL B 41 6.76 2.56 10.56
C VAL B 41 5.52 1.67 10.42
N LYS B 42 5.64 0.63 9.59
CA LYS B 42 4.57 -0.35 9.42
C LYS B 42 5.02 -1.69 9.99
N ILE B 43 4.67 -1.92 11.26
CA ILE B 43 4.89 -3.20 11.91
C ILE B 43 3.67 -4.09 11.70
N LEU B 44 3.90 -5.39 11.60
CA LEU B 44 2.85 -6.37 11.37
C LEU B 44 3.37 -7.75 11.79
N ASN B 45 2.48 -8.75 11.76
CA ASN B 45 2.80 -10.08 12.26
C ASN B 45 4.05 -10.65 11.61
N GLY B 46 5.16 -10.68 12.37
CA GLY B 46 6.38 -11.38 11.98
C GLY B 46 7.48 -10.45 11.48
N PHE B 47 7.15 -9.21 11.13
CA PHE B 47 8.13 -8.25 10.62
C PHE B 47 7.65 -6.80 10.60
N ALA B 48 8.52 -5.87 10.18
CA ALA B 48 8.17 -4.47 10.11
C ALA B 48 8.94 -3.78 8.98
N PHE B 49 8.48 -2.57 8.63
CA PHE B 49 9.12 -1.78 7.61
C PHE B 49 9.08 -0.31 8.04
N VAL B 50 10.24 0.22 8.45
CA VAL B 50 10.40 1.63 8.78
C VAL B 50 10.78 2.37 7.50
N GLU B 51 10.45 3.66 7.41
CA GLU B 51 10.77 4.47 6.23
C GLU B 51 11.28 5.85 6.65
N PHE B 52 12.20 6.43 5.87
CA PHE B 52 12.81 7.72 6.16
C PHE B 52 12.61 8.76 5.07
N GLU B 53 12.91 10.02 5.39
CA GLU B 53 12.75 11.13 4.45
C GLU B 53 13.99 11.29 3.58
N GLU B 54 15.09 10.67 3.99
CA GLU B 54 16.37 10.77 3.29
C GLU B 54 17.02 9.40 3.19
N ALA B 55 17.72 9.15 2.09
CA ALA B 55 18.43 7.90 1.89
C ALA B 55 19.54 7.74 2.93
N GLU B 56 20.03 8.88 3.43
CA GLU B 56 21.11 8.90 4.41
C GLU B 56 20.63 8.47 5.78
N SER B 57 19.43 8.89 6.19
CA SER B 57 18.90 8.57 7.50
C SER B 57 18.56 7.08 7.59
N ALA B 58 18.09 6.52 6.48
CA ALA B 58 17.78 5.10 6.40
C ALA B 58 19.04 4.25 6.45
N ALA B 59 20.01 4.52 5.57
CA ALA B 59 21.26 3.79 5.55
C ALA B 59 21.95 3.84 6.90
N LYS B 60 21.86 4.99 7.60
CA LYS B 60 22.50 5.15 8.90
C LYS B 60 21.85 4.24 9.93
N ALA B 61 20.52 4.17 9.94
CA ALA B 61 19.80 3.34 10.89
C ALA B 61 20.05 1.87 10.62
N ILE B 62 19.98 1.43 9.36
CA ILE B 62 20.26 0.05 9.03
C ILE B 62 21.69 -0.30 9.44
N GLU B 63 22.64 0.58 9.15
CA GLU B 63 24.04 0.34 9.48
C GLU B 63 24.24 0.15 10.98
N GLU B 64 23.38 0.77 11.80
CA GLU B 64 23.52 0.74 13.25
C GLU B 64 22.55 -0.23 13.92
N VAL B 65 21.47 -0.61 13.25
CA VAL B 65 20.46 -1.48 13.84
C VAL B 65 20.63 -2.93 13.36
N HIS B 66 21.28 -3.15 12.21
CA HIS B 66 21.44 -4.50 11.67
C HIS B 66 22.52 -5.30 12.41
N GLY B 67 22.72 -5.02 13.70
CA GLY B 67 23.79 -5.63 14.46
C GLY B 67 23.66 -5.38 15.97
N LYS B 68 22.42 -5.19 16.44
CA LYS B 68 22.16 -4.93 17.86
C LYS B 68 20.88 -5.64 18.29
N SER B 69 20.22 -5.18 19.35
CA SER B 69 19.04 -5.84 19.89
C SER B 69 18.06 -4.85 20.49
N PHE B 70 16.77 -5.17 20.40
CA PHE B 70 15.72 -4.42 21.07
C PHE B 70 14.75 -5.33 21.83
N ALA B 71 15.03 -6.64 21.84
CA ALA B 71 14.12 -7.65 22.35
C ALA B 71 14.88 -8.91 22.75
N ASN B 72 16.11 -8.75 23.26
CA ASN B 72 16.99 -9.86 23.59
C ASN B 72 17.23 -10.76 22.38
N GLN B 73 17.12 -10.21 21.18
CA GLN B 73 17.32 -10.94 19.93
C GLN B 73 18.16 -10.10 18.97
N PRO B 74 19.11 -10.73 18.26
CA PRO B 74 20.01 -10.04 17.35
C PRO B 74 19.24 -9.58 16.12
N LEU B 75 19.21 -8.26 15.90
CA LEU B 75 18.58 -7.68 14.72
C LEU B 75 19.54 -7.75 13.53
N GLU B 76 18.98 -7.83 12.32
CA GLU B 76 19.76 -7.96 11.10
C GLU B 76 19.06 -7.24 9.96
N VAL B 77 18.52 -6.05 10.23
CA VAL B 77 17.82 -5.24 9.24
C VAL B 77 18.47 -5.22 7.86
N VAL B 78 17.63 -5.14 6.82
CA VAL B 78 18.08 -5.09 5.44
C VAL B 78 17.12 -4.21 4.65
N TYR B 79 17.42 -3.95 3.37
CA TYR B 79 16.56 -3.13 2.55
C TYR B 79 15.28 -3.83 2.10
N SER B 80 14.17 -3.10 2.10
CA SER B 80 12.85 -3.65 1.81
C SER B 80 12.54 -3.63 0.31
N LYS B 81 11.36 -4.14 -0.07
CA LYS B 81 10.86 -3.98 -1.44
C LYS B 81 10.69 -2.50 -1.79
N LEU B 82 10.54 -2.23 -3.09
CA LEU B 82 10.58 -0.90 -3.67
C LEU B 82 9.36 -0.06 -3.26
N PRO B 83 9.54 1.01 -2.47
CA PRO B 83 8.50 1.97 -2.20
C PRO B 83 7.93 2.51 -3.52
N ALA B 84 6.62 2.71 -3.59
CA ALA B 84 5.98 3.17 -4.81
C ALA B 84 4.62 3.78 -4.53
N LYS B 85 4.25 4.80 -5.30
CA LYS B 85 2.91 5.38 -5.28
C LYS B 85 1.99 4.54 -6.16
N ARG B 86 0.69 4.59 -5.88
CA ARG B 86 -0.32 3.97 -6.71
C ARG B 86 -1.51 4.90 -6.83
N TYR B 87 -2.46 4.57 -7.71
CA TYR B 87 -3.62 5.41 -7.95
C TYR B 87 -4.90 4.81 -7.38
N ARG B 88 -5.92 5.65 -7.16
CA ARG B 88 -7.22 5.19 -6.69
C ARG B 88 -8.29 6.14 -7.19
N ILE B 89 -9.52 5.65 -7.33
CA ILE B 89 -10.64 6.46 -7.78
C ILE B 89 -11.90 6.11 -7.00
N THR B 90 -12.85 7.05 -6.98
CA THR B 90 -14.12 6.84 -6.30
C THR B 90 -15.09 6.28 -7.33
N MET B 91 -15.85 5.26 -6.95
CA MET B 91 -16.81 4.64 -7.84
C MET B 91 -18.15 4.48 -7.14
N LYS B 92 -19.22 4.50 -7.92
CA LYS B 92 -20.57 4.31 -7.41
C LYS B 92 -21.19 3.15 -8.15
N ASN B 93 -22.05 2.39 -7.47
CA ASN B 93 -22.76 1.28 -8.06
C ASN B 93 -23.98 0.99 -7.18
N LEU B 94 -24.50 -0.24 -7.24
CA LEU B 94 -25.77 -0.61 -6.61
C LEU B 94 -25.52 -1.67 -5.54
N PRO B 95 -26.33 -1.67 -4.47
CA PRO B 95 -26.15 -2.50 -3.29
C PRO B 95 -26.58 -3.94 -3.54
N GLU B 96 -26.03 -4.57 -4.58
CA GLU B 96 -26.36 -5.95 -4.91
C GLU B 96 -25.35 -6.56 -5.89
N GLY B 97 -25.13 -7.87 -5.78
CA GLY B 97 -24.37 -8.63 -6.76
C GLY B 97 -22.92 -8.14 -6.88
N CYS B 98 -22.36 -7.53 -5.85
CA CYS B 98 -21.02 -6.97 -5.93
C CYS B 98 -20.15 -7.33 -4.71
N SER B 99 -18.86 -7.55 -4.99
CA SER B 99 -17.81 -7.70 -4.01
C SER B 99 -16.49 -7.38 -4.70
N TRP B 100 -15.41 -7.14 -3.97
CA TRP B 100 -14.16 -6.70 -4.58
C TRP B 100 -13.67 -7.74 -5.60
N GLN B 101 -14.15 -8.98 -5.50
CA GLN B 101 -13.82 -10.03 -6.45
C GLN B 101 -14.46 -9.76 -7.81
N ASP B 102 -15.72 -9.29 -7.81
CA ASP B 102 -16.42 -8.99 -9.05
C ASP B 102 -15.95 -7.73 -9.75
N LEU B 103 -15.48 -6.74 -8.99
CA LEU B 103 -14.93 -5.53 -9.60
C LEU B 103 -13.55 -5.81 -10.18
N LYS B 104 -12.84 -6.83 -9.65
CA LYS B 104 -11.56 -7.24 -10.22
C LYS B 104 -11.79 -7.94 -11.56
N ASP B 105 -12.78 -8.82 -11.63
CA ASP B 105 -13.09 -9.54 -12.85
C ASP B 105 -13.72 -8.60 -13.88
N LEU B 106 -14.54 -7.65 -13.40
CA LEU B 106 -15.16 -6.65 -14.26
C LEU B 106 -14.10 -5.79 -14.92
N ALA B 107 -13.14 -5.29 -14.14
CA ALA B 107 -12.14 -4.38 -14.65
C ALA B 107 -11.22 -5.09 -15.66
N ARG B 108 -10.91 -6.37 -15.40
CA ARG B 108 -9.97 -7.10 -16.22
C ARG B 108 -10.63 -7.66 -17.48
N GLU B 109 -11.96 -7.68 -17.56
CA GLU B 109 -12.62 -8.22 -18.75
C GLU B 109 -12.91 -7.13 -19.79
N ASN B 110 -12.39 -5.92 -19.60
CA ASN B 110 -12.55 -4.85 -20.58
C ASN B 110 -11.21 -4.57 -21.25
N SER B 111 -10.21 -4.14 -20.49
CA SER B 111 -8.88 -3.88 -21.03
C SER B 111 -7.88 -3.60 -19.91
N LEU B 112 -8.33 -2.84 -18.90
CA LEU B 112 -7.49 -2.44 -17.78
C LEU B 112 -7.40 -3.56 -16.74
N GLU B 113 -6.77 -3.29 -15.59
CA GLU B 113 -6.70 -4.24 -14.49
C GLU B 113 -6.42 -3.50 -13.19
N THR B 114 -7.03 -3.96 -12.09
CA THR B 114 -6.85 -3.37 -10.77
C THR B 114 -5.77 -4.08 -9.96
N THR B 115 -4.98 -3.31 -9.22
CA THR B 115 -4.01 -3.88 -8.29
C THR B 115 -4.72 -4.17 -6.97
N PHE B 116 -5.85 -3.48 -6.74
CA PHE B 116 -6.66 -3.67 -5.54
C PHE B 116 -8.09 -3.15 -5.71
N SER B 117 -9.06 -3.76 -5.02
CA SER B 117 -10.46 -3.37 -5.15
C SER B 117 -11.14 -3.30 -3.79
N SER B 118 -12.05 -2.33 -3.59
CA SER B 118 -12.70 -2.15 -2.31
C SER B 118 -14.17 -1.80 -2.46
N VAL B 119 -14.93 -2.03 -1.38
CA VAL B 119 -16.34 -1.73 -1.28
C VAL B 119 -16.62 -1.21 0.14
N ASN B 120 -15.85 -0.20 0.54
CA ASN B 120 -15.97 0.39 1.86
C ASN B 120 -17.32 1.09 2.02
N THR B 121 -18.25 0.42 2.70
CA THR B 121 -19.56 0.97 3.01
C THR B 121 -20.10 0.11 4.16
N ARG B 122 -20.72 0.75 5.16
CA ARG B 122 -21.20 0.07 6.36
C ARG B 122 -22.44 -0.76 6.06
N ASP B 123 -23.40 -0.18 5.32
CA ASP B 123 -24.67 -0.81 5.03
C ASP B 123 -24.65 -1.49 3.66
N PHE B 124 -23.47 -1.59 3.05
CA PHE B 124 -23.27 -2.10 1.71
C PHE B 124 -24.11 -1.36 0.67
N ASP B 125 -23.57 -0.26 0.15
CA ASP B 125 -24.27 0.60 -0.79
C ASP B 125 -23.94 0.26 -2.24
N GLY B 126 -23.10 -0.77 -2.44
CA GLY B 126 -22.64 -1.15 -3.76
C GLY B 126 -21.44 -0.32 -4.19
N THR B 127 -21.43 0.96 -3.81
CA THR B 127 -20.31 1.86 -4.04
C THR B 127 -19.03 1.39 -3.35
N GLY B 128 -17.88 1.90 -3.80
CA GLY B 128 -16.59 1.48 -3.29
C GLY B 128 -15.47 2.31 -3.92
N ALA B 129 -14.37 1.66 -4.28
CA ALA B 129 -13.23 2.33 -4.90
C ALA B 129 -12.29 1.29 -5.51
N LEU B 130 -11.49 1.72 -6.49
CA LEU B 130 -10.57 0.82 -7.19
C LEU B 130 -9.17 1.41 -7.21
N GLU B 131 -8.17 0.54 -7.15
CA GLU B 131 -6.77 0.95 -7.12
C GLU B 131 -6.14 0.69 -8.50
N PHE B 132 -5.10 1.45 -8.85
CA PHE B 132 -4.39 1.31 -10.11
C PHE B 132 -2.87 1.46 -9.95
N PRO B 133 -2.08 0.78 -10.79
CA PRO B 133 -0.63 0.81 -10.72
C PRO B 133 -0.05 2.15 -11.17
N SER B 134 -0.81 2.95 -11.93
CA SER B 134 -0.33 4.23 -12.44
C SER B 134 -1.50 5.07 -12.97
N GLU B 135 -1.24 6.33 -13.31
CA GLU B 135 -2.27 7.25 -13.77
C GLU B 135 -2.77 6.88 -15.16
N GLU B 136 -1.94 6.22 -15.97
CA GLU B 136 -2.29 5.89 -17.34
C GLU B 136 -3.41 4.85 -17.39
N ILE B 137 -3.75 4.25 -16.23
CA ILE B 137 -4.85 3.32 -16.13
C ILE B 137 -6.08 4.03 -15.55
N LEU B 138 -5.85 5.07 -14.74
CA LEU B 138 -6.94 5.85 -14.17
C LEU B 138 -7.64 6.65 -15.27
N VAL B 139 -6.87 7.39 -16.07
CA VAL B 139 -7.43 8.24 -17.12
C VAL B 139 -8.10 7.42 -18.22
N GLU B 140 -7.86 6.10 -18.22
CA GLU B 140 -8.50 5.21 -19.17
C GLU B 140 -9.73 4.55 -18.53
N ALA B 141 -9.66 4.25 -17.24
CA ALA B 141 -10.74 3.57 -16.54
C ALA B 141 -12.00 4.44 -16.53
N LEU B 142 -11.84 5.76 -16.47
CA LEU B 142 -12.96 6.69 -16.45
C LEU B 142 -13.58 6.85 -17.85
N GLU B 143 -13.11 6.06 -18.83
CA GLU B 143 -13.67 6.10 -20.16
C GLU B 143 -14.10 4.69 -20.61
N ARG B 144 -13.49 3.66 -20.02
CA ARG B 144 -13.78 2.27 -20.37
C ARG B 144 -14.62 1.60 -19.30
N LEU B 145 -14.22 1.74 -18.03
CA LEU B 145 -14.93 1.17 -16.90
C LEU B 145 -16.06 2.11 -16.44
N ASN B 146 -16.28 3.23 -17.14
CA ASN B 146 -17.33 4.17 -16.78
C ASN B 146 -18.67 3.80 -17.42
N ASN B 147 -19.68 3.57 -16.58
CA ASN B 147 -21.08 3.42 -16.99
C ASN B 147 -21.26 2.32 -18.06
N ILE B 148 -20.51 1.24 -17.93
CA ILE B 148 -20.53 0.12 -18.88
C ILE B 148 -21.77 -0.76 -18.68
N GLU B 149 -22.56 -0.45 -17.64
CA GLU B 149 -23.70 -1.27 -17.21
C GLU B 149 -23.22 -2.65 -16.72
N PHE B 150 -22.97 -2.74 -15.42
CA PHE B 150 -22.45 -3.95 -14.80
C PHE B 150 -23.55 -4.67 -14.03
N ARG B 151 -23.91 -5.88 -14.48
CA ARG B 151 -24.96 -6.69 -13.84
C ARG B 151 -26.30 -5.95 -13.85
N GLY B 152 -26.43 -4.93 -14.71
CA GLY B 152 -27.63 -4.10 -14.77
C GLY B 152 -27.48 -2.85 -13.91
N SER B 153 -26.37 -2.76 -13.16
CA SER B 153 -26.04 -1.61 -12.35
C SER B 153 -25.23 -0.62 -13.21
N VAL B 154 -24.59 0.37 -12.58
CA VAL B 154 -23.83 1.38 -13.30
C VAL B 154 -22.62 1.77 -12.46
N ILE B 155 -21.45 1.76 -13.08
CA ILE B 155 -20.19 2.11 -12.44
C ILE B 155 -19.85 3.57 -12.71
N THR B 156 -19.85 4.39 -11.66
CA THR B 156 -19.45 5.79 -11.77
C THR B 156 -18.01 6.04 -11.36
N VAL B 157 -17.08 5.24 -11.88
CA VAL B 157 -15.66 5.41 -11.60
C VAL B 157 -15.24 6.82 -12.05
N GLU B 158 -14.71 7.59 -11.09
CA GLU B 158 -14.22 8.94 -11.37
C GLU B 158 -13.10 9.28 -10.40
N ARG B 159 -12.13 10.08 -10.86
CA ARG B 159 -10.99 10.44 -10.03
C ARG B 159 -11.38 11.51 -9.01
N ASP B 160 -11.16 11.19 -7.74
CA ASP B 160 -11.31 12.14 -6.65
C ASP B 160 -9.98 12.74 -6.20
N ASP B 161 -8.95 12.64 -7.05
CA ASP B 161 -7.59 13.03 -6.70
C ASP B 161 -7.13 12.36 -5.41
N ASN B 162 -6.90 11.05 -5.49
CA ASN B 162 -6.64 10.21 -4.33
C ASN B 162 -5.49 10.74 -3.46
N PRO B 163 -5.57 10.51 -2.14
CA PRO B 163 -4.53 10.83 -1.18
C PRO B 163 -3.35 9.88 -1.35
N PRO B 164 -2.21 10.16 -0.69
CA PRO B 164 -1.06 9.28 -0.66
C PRO B 164 -1.44 7.94 -0.02
N PRO B 165 -0.55 6.93 -0.12
CA PRO B 165 -0.78 5.59 0.40
C PRO B 165 -1.26 5.60 1.85
N ILE B 166 -2.03 4.59 2.23
CA ILE B 166 -2.63 4.52 3.56
C ILE B 166 -1.53 4.36 4.61
N ARG B 167 -1.66 5.11 5.71
CA ARG B 167 -0.66 5.13 6.76
C ARG B 167 -0.88 4.00 7.75
N ARG B 168 0.20 3.30 8.11
CA ARG B 168 0.20 2.20 9.07
C ARG B 168 -0.71 1.03 8.67
N SER B 169 -0.61 -0.08 9.41
CA SER B 169 -1.46 -1.24 9.20
C SER B 169 -2.90 -0.95 9.63
N MET B 1 14.58 -0.84 -18.56
CA MET B 1 13.89 -1.46 -17.42
C MET B 1 14.32 -0.80 -16.11
N HIS B 2 13.40 -0.06 -15.47
CA HIS B 2 13.69 0.63 -14.22
C HIS B 2 13.62 -0.33 -13.04
N HIS B 3 13.04 -1.52 -13.24
CA HIS B 3 12.91 -2.52 -12.19
C HIS B 3 14.31 -3.05 -11.81
N ARG B 4 14.46 -3.46 -10.55
CA ARG B 4 15.73 -3.95 -10.02
C ARG B 4 15.48 -4.79 -8.78
N GLN B 5 16.52 -5.48 -8.30
CA GLN B 5 16.43 -6.36 -7.15
C GLN B 5 16.13 -5.56 -5.87
N GLU B 6 15.67 -6.25 -4.84
CA GLU B 6 15.31 -5.64 -3.56
C GLU B 6 16.53 -5.04 -2.88
N GLY B 7 16.29 -4.22 -1.86
CA GLY B 7 17.37 -3.60 -1.08
C GLY B 7 17.98 -2.41 -1.81
N GLU B 8 17.35 -1.96 -2.90
CA GLU B 8 17.86 -0.85 -3.72
C GLU B 8 16.82 0.26 -3.86
N LEU B 9 15.99 0.42 -2.83
CA LEU B 9 15.01 1.50 -2.75
C LEU B 9 15.72 2.85 -2.53
N SER B 10 14.93 3.92 -2.45
CA SER B 10 15.44 5.29 -2.34
C SER B 10 16.12 5.57 -1.00
N ASN B 11 16.55 4.52 -0.30
CA ASN B 11 17.17 4.62 1.02
C ASN B 11 16.18 5.20 2.06
N THR B 12 14.94 4.72 2.05
CA THR B 12 13.91 5.19 2.98
C THR B 12 13.03 4.06 3.55
N ARG B 13 13.61 2.86 3.72
CA ARG B 13 12.84 1.70 4.18
C ARG B 13 13.82 0.64 4.71
N LEU B 14 13.66 0.25 5.98
CA LEU B 14 14.61 -0.65 6.65
C LEU B 14 13.93 -1.95 7.07
N PHE B 15 14.41 -3.08 6.55
CA PHE B 15 13.91 -4.40 6.93
C PHE B 15 14.63 -5.00 8.14
N VAL B 16 13.89 -5.23 9.22
CA VAL B 16 14.41 -5.93 10.39
C VAL B 16 13.89 -7.36 10.44
N ARG B 17 14.53 -8.25 11.19
CA ARG B 17 14.15 -9.67 11.20
C ARG B 17 14.21 -10.24 12.62
N PRO B 18 15.33 -10.07 13.35
CA PRO B 18 15.43 -10.52 14.72
C PRO B 18 14.45 -9.75 15.60
N PHE B 19 13.44 -10.44 16.13
CA PHE B 19 12.48 -9.88 17.04
C PHE B 19 12.09 -10.79 18.21
N PRO B 20 11.68 -10.20 19.34
CA PRO B 20 11.19 -10.93 20.49
C PRO B 20 9.79 -11.47 20.18
N LEU B 21 8.74 -10.69 20.46
CA LEU B 21 7.36 -11.10 20.22
C LEU B 21 6.38 -9.95 20.46
N ASP B 22 6.63 -9.13 21.49
CA ASP B 22 5.72 -8.04 21.87
C ASP B 22 6.26 -6.70 21.34
N VAL B 23 7.10 -6.77 20.31
CA VAL B 23 7.70 -5.61 19.66
C VAL B 23 6.67 -4.85 18.80
N GLN B 24 5.40 -4.92 19.17
CA GLN B 24 4.29 -4.33 18.43
C GLN B 24 4.30 -2.82 18.58
N GLU B 25 5.23 -2.17 17.88
CA GLU B 25 5.35 -0.72 17.85
C GLU B 25 5.51 -0.17 19.27
N SER B 26 6.53 -0.65 19.98
CA SER B 26 6.75 -0.30 21.37
C SER B 26 8.20 0.08 21.65
N GLU B 27 9.12 -0.21 20.71
CA GLU B 27 10.52 0.14 20.88
C GLU B 27 11.16 0.59 19.57
N LEU B 28 10.53 0.31 18.43
CA LEU B 28 11.02 0.82 17.16
C LEU B 28 10.95 2.34 17.17
N ASN B 29 9.89 2.88 17.77
CA ASN B 29 9.74 4.33 17.93
C ASN B 29 10.81 4.90 18.85
N GLU B 30 11.49 4.04 19.62
CA GLU B 30 12.54 4.49 20.53
C GLU B 30 13.92 4.33 19.89
N ILE B 31 14.12 3.27 19.11
CA ILE B 31 15.40 3.01 18.44
C ILE B 31 15.50 3.83 17.15
N PHE B 32 14.48 3.75 16.30
CA PHE B 32 14.42 4.52 15.07
C PHE B 32 13.94 5.96 15.27
N GLY B 33 13.51 6.27 16.49
CA GLY B 33 12.96 7.57 16.83
C GLY B 33 13.99 8.70 16.74
N PRO B 34 15.11 8.59 17.47
CA PRO B 34 16.13 9.63 17.50
C PRO B 34 16.85 9.75 16.15
N PHE B 35 16.68 8.77 15.26
CA PHE B 35 17.34 8.79 13.96
C PHE B 35 16.67 9.70 12.93
N GLY B 36 15.35 9.91 13.06
CA GLY B 36 14.62 10.77 12.15
C GLY B 36 13.14 10.83 12.49
N PRO B 37 12.35 11.56 11.70
CA PRO B 37 10.93 11.78 11.93
C PRO B 37 10.09 10.51 11.73
N MET B 38 10.70 9.46 11.14
CA MET B 38 10.08 8.17 10.86
C MET B 38 8.59 8.27 10.49
N LYS B 39 8.30 8.26 9.18
CA LYS B 39 6.95 8.41 8.69
C LYS B 39 6.02 7.37 9.32
N GLU B 40 6.49 6.12 9.42
CA GLU B 40 5.69 5.03 9.95
C GLU B 40 6.58 3.80 10.20
N VAL B 41 6.15 2.91 11.08
CA VAL B 41 6.80 1.62 11.26
C VAL B 41 5.74 0.53 11.14
N LYS B 42 6.04 -0.50 10.34
CA LYS B 42 5.18 -1.65 10.17
C LYS B 42 5.89 -2.87 10.73
N ILE B 43 5.64 -3.17 12.01
CA ILE B 43 6.07 -4.42 12.61
C ILE B 43 4.96 -5.46 12.49
N LEU B 44 5.35 -6.71 12.26
CA LEU B 44 4.42 -7.80 12.07
C LEU B 44 5.14 -9.12 12.31
N ASN B 45 4.41 -10.23 12.31
CA ASN B 45 4.94 -11.52 12.73
C ASN B 45 6.24 -11.88 11.99
N GLY B 46 7.36 -11.79 12.72
CA GLY B 46 8.66 -12.29 12.25
C GLY B 46 9.57 -11.20 11.70
N PHE B 47 9.06 -9.99 11.48
CA PHE B 47 9.86 -8.90 10.95
C PHE B 47 9.22 -7.52 11.07
N ALA B 48 9.93 -6.48 10.61
CA ALA B 48 9.42 -5.12 10.66
C ALA B 48 10.00 -4.29 9.52
N PHE B 49 9.36 -3.16 9.24
CA PHE B 49 9.78 -2.26 8.18
C PHE B 49 9.52 -0.83 8.65
N VAL B 50 10.59 -0.08 8.90
CA VAL B 50 10.50 1.33 9.25
C VAL B 50 10.60 2.16 7.97
N GLU B 51 10.10 3.39 7.98
CA GLU B 51 10.18 4.27 6.82
C GLU B 51 10.58 5.68 7.28
N PHE B 52 11.39 6.39 6.48
CA PHE B 52 11.83 7.74 6.81
C PHE B 52 11.48 8.80 5.77
N GLU B 53 11.62 10.07 6.15
CA GLU B 53 11.33 11.20 5.28
C GLU B 53 12.56 11.60 4.48
N GLU B 54 13.73 11.15 4.93
CA GLU B 54 15.01 11.51 4.31
C GLU B 54 15.90 10.28 4.21
N ALA B 55 16.71 10.23 3.16
CA ALA B 55 17.61 9.10 2.94
C ALA B 55 18.67 9.05 4.02
N GLU B 56 19.00 10.21 4.59
CA GLU B 56 19.99 10.30 5.65
C GLU B 56 19.48 9.68 6.93
N SER B 57 18.20 9.88 7.24
CA SER B 57 17.61 9.36 8.47
C SER B 57 17.58 7.84 8.44
N ALA B 58 17.23 7.26 7.30
CA ALA B 58 17.21 5.80 7.16
C ALA B 58 18.62 5.21 7.18
N ALA B 59 19.54 5.79 6.39
CA ALA B 59 20.90 5.30 6.31
C ALA B 59 21.59 5.38 7.67
N LYS B 60 21.42 6.48 8.39
CA LYS B 60 22.05 6.67 9.70
C LYS B 60 21.53 5.62 10.66
N ALA B 61 20.22 5.37 10.65
CA ALA B 61 19.62 4.38 11.54
C ALA B 61 20.19 3.01 11.23
N ILE B 62 20.08 2.54 9.99
CA ILE B 62 20.56 1.21 9.61
C ILE B 62 22.04 1.09 9.98
N GLU B 63 22.82 2.14 9.74
CA GLU B 63 24.24 2.13 10.02
C GLU B 63 24.49 1.91 11.52
N GLU B 64 23.55 2.33 12.37
CA GLU B 64 23.74 2.26 13.80
C GLU B 64 22.96 1.11 14.45
N VAL B 65 21.97 0.55 13.74
CA VAL B 65 21.18 -0.54 14.29
C VAL B 65 21.50 -1.90 13.65
N HIS B 66 22.21 -1.93 12.52
CA HIS B 66 22.57 -3.20 11.88
C HIS B 66 23.72 -3.91 12.59
N GLY B 67 23.91 -3.64 13.89
CA GLY B 67 25.06 -4.15 14.62
C GLY B 67 24.91 -3.99 16.13
N LYS B 68 23.67 -4.01 16.63
CA LYS B 68 23.38 -3.87 18.06
C LYS B 68 22.23 -4.78 18.45
N SER B 69 21.54 -4.47 19.56
CA SER B 69 20.48 -5.30 20.08
C SER B 69 19.40 -4.47 20.76
N PHE B 70 18.15 -4.90 20.65
CA PHE B 70 17.03 -4.29 21.35
C PHE B 70 16.23 -5.29 22.20
N ALA B 71 16.67 -6.56 22.19
CA ALA B 71 15.92 -7.66 22.79
C ALA B 71 16.86 -8.83 23.08
N ASN B 72 18.09 -8.52 23.51
CA ASN B 72 19.11 -9.53 23.77
C ASN B 72 19.40 -10.37 22.52
N GLN B 73 19.20 -9.79 21.34
CA GLN B 73 19.41 -10.50 20.08
C GLN B 73 20.10 -9.58 19.08
N PRO B 74 21.09 -10.10 18.34
CA PRO B 74 21.90 -9.32 17.44
C PRO B 74 21.08 -8.90 16.22
N LEU B 75 20.97 -7.59 16.00
CA LEU B 75 20.28 -7.04 14.84
C LEU B 75 21.21 -6.99 13.63
N GLU B 76 20.61 -6.97 12.43
CA GLU B 76 21.32 -7.03 11.17
C GLU B 76 20.53 -6.30 10.08
N VAL B 77 19.85 -5.20 10.44
CA VAL B 77 18.99 -4.47 9.52
C VAL B 77 19.61 -4.22 8.14
N VAL B 78 18.74 -4.23 7.13
CA VAL B 78 19.11 -4.00 5.73
C VAL B 78 17.96 -3.27 5.07
N TYR B 79 18.10 -2.88 3.79
CA TYR B 79 17.03 -2.18 3.10
C TYR B 79 15.96 -3.16 2.61
N SER B 80 14.70 -2.74 2.65
CA SER B 80 13.55 -3.59 2.34
C SER B 80 13.34 -3.75 0.84
N LYS B 81 12.18 -4.29 0.45
CA LYS B 81 11.76 -4.29 -0.94
C LYS B 81 11.41 -2.86 -1.37
N LEU B 82 11.23 -2.66 -2.68
CA LEU B 82 10.91 -1.36 -3.24
C LEU B 82 9.48 -0.96 -2.85
N PRO B 83 9.29 0.18 -2.17
CA PRO B 83 7.97 0.73 -1.89
C PRO B 83 7.13 0.75 -3.16
N ALA B 84 5.96 0.10 -3.10
CA ALA B 84 5.12 -0.08 -4.27
C ALA B 84 4.16 1.09 -4.47
N LYS B 85 4.06 1.55 -5.71
CA LYS B 85 3.12 2.58 -6.11
C LYS B 85 1.84 1.91 -6.63
N ARG B 86 0.70 2.59 -6.47
CA ARG B 86 -0.56 2.12 -7.00
C ARG B 86 -1.46 3.31 -7.31
N TYR B 87 -2.55 3.04 -8.02
CA TYR B 87 -3.53 4.05 -8.38
C TYR B 87 -4.92 3.71 -7.84
N ARG B 88 -5.77 4.71 -7.62
CA ARG B 88 -7.13 4.48 -7.16
C ARG B 88 -8.07 5.54 -7.73
N ILE B 89 -9.36 5.21 -7.82
CA ILE B 89 -10.37 6.13 -8.32
C ILE B 89 -11.67 5.95 -7.53
N THR B 90 -12.50 6.99 -7.54
CA THR B 90 -13.79 6.94 -6.85
C THR B 90 -14.81 6.44 -7.87
N MET B 91 -15.66 5.50 -7.45
CA MET B 91 -16.71 4.98 -8.30
C MET B 91 -18.05 5.02 -7.59
N LYS B 92 -19.11 5.15 -8.37
CA LYS B 92 -20.48 5.15 -7.84
C LYS B 92 -21.27 4.13 -8.62
N ASN B 93 -22.22 3.46 -7.96
CA ASN B 93 -23.05 2.46 -8.58
C ASN B 93 -24.36 2.34 -7.78
N LEU B 94 -24.90 1.13 -7.64
CA LEU B 94 -26.16 0.91 -6.96
C LEU B 94 -26.05 -0.33 -6.06
N PRO B 95 -26.72 -0.29 -4.90
CA PRO B 95 -26.60 -1.32 -3.87
C PRO B 95 -27.38 -2.57 -4.23
N GLU B 96 -26.82 -3.42 -5.11
CA GLU B 96 -27.43 -4.69 -5.44
C GLU B 96 -26.45 -5.64 -6.11
N GLY B 97 -26.35 -6.86 -5.55
CA GLY B 97 -25.58 -7.97 -6.11
C GLY B 97 -24.07 -7.71 -6.17
N CYS B 98 -23.64 -6.47 -5.98
CA CYS B 98 -22.24 -6.11 -6.15
C CYS B 98 -21.39 -6.49 -4.95
N SER B 99 -20.14 -6.86 -5.23
CA SER B 99 -19.10 -7.10 -4.24
C SER B 99 -17.76 -6.92 -4.94
N TRP B 100 -16.66 -6.76 -4.20
CA TRP B 100 -15.38 -6.41 -4.81
C TRP B 100 -14.99 -7.47 -5.85
N GLN B 101 -15.47 -8.70 -5.70
CA GLN B 101 -15.20 -9.76 -6.66
C GLN B 101 -15.86 -9.46 -8.01
N ASP B 102 -17.06 -8.86 -7.96
CA ASP B 102 -17.86 -8.65 -9.16
C ASP B 102 -17.24 -7.51 -9.96
N LEU B 103 -16.66 -6.53 -9.26
CA LEU B 103 -16.04 -5.39 -9.94
C LEU B 103 -14.70 -5.80 -10.57
N LYS B 104 -14.02 -6.82 -10.02
CA LYS B 104 -12.79 -7.32 -10.62
C LYS B 104 -13.11 -8.01 -11.94
N ASP B 105 -14.18 -8.80 -11.96
CA ASP B 105 -14.61 -9.48 -13.18
C ASP B 105 -15.21 -8.49 -14.18
N LEU B 106 -15.98 -7.53 -13.67
CA LEU B 106 -16.57 -6.50 -14.51
C LEU B 106 -15.49 -5.72 -15.25
N ALA B 107 -14.38 -5.41 -14.57
CA ALA B 107 -13.32 -4.61 -15.15
C ALA B 107 -12.57 -5.38 -16.23
N ARG B 108 -12.36 -6.69 -16.03
CA ARG B 108 -11.63 -7.51 -16.99
C ARG B 108 -12.52 -7.95 -18.14
N GLU B 109 -13.83 -7.68 -18.07
CA GLU B 109 -14.77 -7.97 -19.14
C GLU B 109 -14.83 -6.85 -20.18
N ASN B 110 -13.81 -5.98 -20.21
CA ASN B 110 -13.74 -4.92 -21.20
C ASN B 110 -12.37 -4.92 -21.88
N SER B 111 -11.32 -4.58 -21.14
CA SER B 111 -9.96 -4.58 -21.67
C SER B 111 -8.94 -4.39 -20.54
N LEU B 112 -9.28 -3.57 -19.55
CA LEU B 112 -8.39 -3.28 -18.45
C LEU B 112 -8.43 -4.38 -17.39
N GLU B 113 -7.70 -4.18 -16.29
CA GLU B 113 -7.66 -5.10 -15.17
C GLU B 113 -7.47 -4.32 -13.88
N THR B 114 -7.66 -4.98 -12.73
CA THR B 114 -7.52 -4.34 -11.42
C THR B 114 -6.59 -5.11 -10.49
N THR B 115 -5.84 -4.37 -9.68
CA THR B 115 -4.94 -4.97 -8.69
C THR B 115 -5.71 -5.17 -7.39
N PHE B 116 -6.79 -4.43 -7.20
CA PHE B 116 -7.58 -4.50 -5.98
C PHE B 116 -8.94 -3.85 -6.28
N SER B 117 -9.95 -4.19 -5.49
CA SER B 117 -11.29 -3.62 -5.62
C SER B 117 -11.93 -3.43 -4.26
N SER B 118 -12.81 -2.43 -4.09
CA SER B 118 -13.46 -2.20 -2.81
C SER B 118 -14.88 -1.69 -2.98
N VAL B 119 -15.68 -1.86 -1.91
CA VAL B 119 -17.05 -1.41 -1.81
C VAL B 119 -17.27 -0.80 -0.43
N ASN B 120 -16.37 0.12 -0.05
CA ASN B 120 -16.43 0.79 1.23
C ASN B 120 -17.68 1.68 1.32
N THR B 121 -18.69 1.21 2.04
CA THR B 121 -19.91 1.96 2.30
C THR B 121 -20.53 1.33 3.55
N ARG B 122 -21.00 2.18 4.48
CA ARG B 122 -21.55 1.71 5.75
C ARG B 122 -22.96 1.15 5.57
N ASP B 123 -23.82 1.92 4.91
CA ASP B 123 -25.21 1.56 4.71
C ASP B 123 -25.39 0.71 3.45
N PHE B 124 -24.28 0.34 2.82
CA PHE B 124 -24.24 -0.34 1.53
C PHE B 124 -24.97 0.42 0.44
N ASP B 125 -24.22 1.22 -0.33
CA ASP B 125 -24.76 2.07 -1.36
C ASP B 125 -24.38 1.64 -2.77
N GLY B 126 -23.72 0.48 -2.91
CA GLY B 126 -23.24 0.00 -4.19
C GLY B 126 -21.94 0.69 -4.61
N THR B 127 -21.75 1.93 -4.14
CA THR B 127 -20.51 2.67 -4.37
C THR B 127 -19.29 2.02 -3.70
N GLY B 128 -18.10 2.39 -4.16
CA GLY B 128 -16.86 1.81 -3.65
C GLY B 128 -15.66 2.52 -4.27
N ALA B 129 -14.66 1.75 -4.68
CA ALA B 129 -13.48 2.30 -5.32
C ALA B 129 -12.69 1.17 -5.99
N LEU B 130 -11.84 1.53 -6.96
CA LEU B 130 -11.06 0.55 -7.70
C LEU B 130 -9.62 1.03 -7.78
N GLU B 131 -8.67 0.10 -7.84
CA GLU B 131 -7.27 0.42 -7.91
C GLU B 131 -6.62 -0.14 -9.16
N PHE B 132 -5.50 0.47 -9.56
CA PHE B 132 -4.82 0.15 -10.80
C PHE B 132 -3.30 0.07 -10.63
N PRO B 133 -2.64 -0.78 -11.44
CA PRO B 133 -1.20 -0.98 -11.37
C PRO B 133 -0.42 0.23 -11.86
N SER B 134 -1.05 1.13 -12.63
CA SER B 134 -0.38 2.31 -13.17
C SER B 134 -1.39 3.34 -13.66
N GLU B 135 -0.92 4.55 -13.98
CA GLU B 135 -1.77 5.64 -14.42
C GLU B 135 -2.37 5.35 -15.80
N GLU B 136 -1.67 4.56 -16.62
CA GLU B 136 -2.11 4.30 -17.99
C GLU B 136 -3.38 3.45 -18.01
N ILE B 137 -3.80 2.93 -16.86
CA ILE B 137 -5.04 2.19 -16.73
C ILE B 137 -6.12 3.06 -16.10
N LEU B 138 -5.72 4.04 -15.30
CA LEU B 138 -6.65 4.97 -14.66
C LEU B 138 -7.27 5.89 -15.73
N VAL B 139 -6.42 6.49 -16.57
CA VAL B 139 -6.89 7.42 -17.60
C VAL B 139 -7.68 6.70 -18.69
N GLU B 140 -7.62 5.37 -18.73
CA GLU B 140 -8.38 4.58 -19.67
C GLU B 140 -9.67 4.06 -19.05
N ALA B 141 -9.63 3.70 -17.77
CA ALA B 141 -10.78 3.12 -17.08
C ALA B 141 -11.95 4.11 -17.04
N LEU B 142 -11.64 5.41 -17.01
CA LEU B 142 -12.66 6.45 -16.93
C LEU B 142 -13.35 6.65 -18.28
N GLU B 143 -13.04 5.81 -19.28
CA GLU B 143 -13.69 5.89 -20.58
C GLU B 143 -14.21 4.53 -21.01
N ARG B 144 -13.60 3.46 -20.51
CA ARG B 144 -13.98 2.09 -20.85
C ARG B 144 -14.85 1.46 -19.77
N LEU B 145 -14.45 1.64 -18.50
CA LEU B 145 -15.22 1.15 -17.36
C LEU B 145 -16.23 2.19 -16.88
N ASN B 146 -16.34 3.31 -17.57
CA ASN B 146 -17.30 4.35 -17.21
C ASN B 146 -18.66 4.09 -17.87
N ASN B 147 -19.70 4.00 -17.03
CA ASN B 147 -21.10 3.97 -17.45
C ASN B 147 -21.37 2.85 -18.48
N ILE B 148 -20.73 1.70 -18.30
CA ILE B 148 -20.87 0.56 -19.21
C ILE B 148 -22.20 -0.17 -19.00
N GLU B 149 -22.98 0.28 -18.02
CA GLU B 149 -24.23 -0.35 -17.61
C GLU B 149 -23.99 -1.73 -16.99
N PHE B 150 -23.77 -1.77 -15.67
CA PHE B 150 -23.49 -3.01 -14.94
C PHE B 150 -24.80 -3.59 -14.41
N ARG B 151 -25.31 -4.63 -15.06
CA ARG B 151 -26.58 -5.26 -14.71
C ARG B 151 -27.73 -4.25 -14.68
N GLY B 152 -27.58 -3.13 -15.41
CA GLY B 152 -28.60 -2.09 -15.47
C GLY B 152 -28.24 -0.90 -14.55
N SER B 153 -27.20 -1.07 -13.73
CA SER B 153 -26.68 0.01 -12.90
C SER B 153 -25.72 0.85 -13.74
N VAL B 154 -25.02 1.81 -13.11
CA VAL B 154 -24.07 2.65 -13.82
C VAL B 154 -22.83 2.89 -12.96
N ILE B 155 -21.66 2.60 -13.54
CA ILE B 155 -20.38 2.81 -12.87
C ILE B 155 -19.87 4.22 -13.16
N THR B 156 -19.71 5.03 -12.13
CA THR B 156 -19.16 6.37 -12.26
C THR B 156 -17.69 6.47 -11.89
N VAL B 157 -16.88 5.50 -12.33
CA VAL B 157 -15.46 5.52 -12.08
C VAL B 157 -14.86 6.83 -12.59
N GLU B 158 -14.22 7.58 -11.70
CA GLU B 158 -13.55 8.82 -12.06
C GLU B 158 -12.39 9.10 -11.10
N ARG B 159 -11.38 9.83 -11.58
CA ARG B 159 -10.19 10.11 -10.80
C ARG B 159 -10.54 10.93 -9.56
N ASP B 160 -9.90 10.57 -8.44
CA ASP B 160 -10.03 11.32 -7.20
C ASP B 160 -8.66 11.86 -6.76
N ASP B 161 -7.68 11.83 -7.67
CA ASP B 161 -6.31 12.28 -7.39
C ASP B 161 -5.76 11.60 -6.13
N ASN B 162 -5.91 10.27 -6.05
CA ASN B 162 -5.55 9.50 -4.87
C ASN B 162 -4.08 9.74 -4.49
N PRO B 163 -3.80 9.87 -3.19
CA PRO B 163 -2.45 9.97 -2.65
C PRO B 163 -1.77 8.60 -2.71
N PRO B 164 -0.43 8.55 -2.81
CA PRO B 164 0.31 7.30 -2.90
C PRO B 164 -0.05 6.31 -1.79
N PRO B 165 -0.05 6.72 -0.50
CA PRO B 165 -0.52 5.88 0.58
C PRO B 165 -2.05 5.91 0.61
N ILE B 166 -2.68 4.74 0.60
CA ILE B 166 -4.14 4.66 0.68
C ILE B 166 -4.56 4.81 2.13
N ARG B 167 -5.54 5.68 2.38
CA ARG B 167 -6.03 5.95 3.73
C ARG B 167 -7.45 6.53 3.69
N ARG B 168 -7.81 7.18 2.58
CA ARG B 168 -9.15 7.77 2.42
C ARG B 168 -10.19 6.69 2.26
N SER B 169 -11.47 7.07 2.36
CA SER B 169 -12.59 6.16 2.19
C SER B 169 -12.57 5.55 0.79
N MET B 1 11.40 -3.59 -15.60
CA MET B 1 10.67 -2.91 -14.51
C MET B 1 10.92 -3.61 -13.18
N HIS B 2 10.66 -2.92 -12.07
CA HIS B 2 10.85 -3.47 -10.73
C HIS B 2 9.82 -4.56 -10.45
N HIS B 3 10.08 -5.37 -9.42
CA HIS B 3 9.21 -6.46 -9.01
C HIS B 3 9.39 -6.72 -7.53
N ARG B 4 8.42 -7.39 -6.90
CA ARG B 4 8.44 -7.66 -5.46
C ARG B 4 9.50 -8.73 -5.11
N GLN B 5 10.46 -8.94 -6.02
CA GLN B 5 11.57 -9.85 -5.81
C GLN B 5 12.87 -9.28 -6.40
N GLU B 6 12.82 -8.03 -6.89
CA GLU B 6 13.95 -7.45 -7.60
C GLU B 6 15.10 -7.10 -6.64
N GLY B 7 14.77 -6.63 -5.43
CA GLY B 7 15.78 -6.40 -4.40
C GLY B 7 16.63 -5.15 -4.67
N GLU B 8 16.16 -4.26 -5.56
CA GLU B 8 16.85 -3.02 -5.85
C GLU B 8 16.00 -1.84 -5.41
N LEU B 9 16.24 -1.35 -4.20
CA LEU B 9 15.41 -0.35 -3.55
C LEU B 9 16.12 1.01 -3.48
N SER B 10 15.35 2.05 -3.14
CA SER B 10 15.85 3.42 -3.07
C SER B 10 16.70 3.64 -1.81
N ASN B 11 17.04 2.57 -1.09
CA ASN B 11 17.84 2.64 0.12
C ASN B 11 17.10 3.43 1.21
N THR B 12 15.83 3.11 1.44
CA THR B 12 15.03 3.81 2.45
C THR B 12 14.31 2.88 3.41
N ARG B 13 13.68 1.80 2.91
CA ARG B 13 13.00 0.85 3.78
C ARG B 13 13.96 -0.15 4.41
N LEU B 14 13.69 -0.50 5.69
CA LEU B 14 14.59 -1.35 6.48
C LEU B 14 13.80 -2.51 7.07
N PHE B 15 14.12 -3.74 6.65
CA PHE B 15 13.42 -4.94 7.08
C PHE B 15 13.99 -5.47 8.40
N VAL B 16 13.16 -5.48 9.44
CA VAL B 16 13.55 -6.01 10.75
C VAL B 16 12.82 -7.32 11.04
N ARG B 17 13.36 -8.15 11.94
CA ARG B 17 12.85 -9.51 12.14
C ARG B 17 12.77 -9.91 13.62
N PRO B 18 13.88 -9.76 14.40
CA PRO B 18 14.02 -10.29 15.75
C PRO B 18 13.17 -9.55 16.80
N PHE B 19 11.91 -9.24 16.49
CA PHE B 19 11.02 -8.56 17.42
C PHE B 19 10.61 -9.39 18.63
N PRO B 20 10.20 -8.72 19.72
CA PRO B 20 9.62 -9.37 20.87
C PRO B 20 8.22 -9.89 20.52
N LEU B 21 7.19 -9.05 20.69
CA LEU B 21 5.82 -9.40 20.32
C LEU B 21 4.89 -8.20 20.45
N ASP B 22 5.11 -7.35 21.45
CA ASP B 22 4.24 -6.20 21.71
C ASP B 22 4.98 -4.91 21.36
N VAL B 23 5.91 -4.99 20.40
CA VAL B 23 6.69 -3.84 19.96
C VAL B 23 5.71 -2.76 19.47
N GLN B 24 4.80 -3.12 18.56
CA GLN B 24 3.68 -2.30 18.12
C GLN B 24 3.97 -0.79 18.10
N GLU B 25 5.00 -0.39 17.37
CA GLU B 25 5.31 1.03 17.14
C GLU B 25 5.43 1.75 18.48
N SER B 26 6.36 1.30 19.32
CA SER B 26 6.56 1.88 20.64
C SER B 26 8.05 2.06 20.96
N GLU B 27 8.94 1.51 20.13
CA GLU B 27 10.38 1.66 20.33
C GLU B 27 11.11 1.88 19.01
N LEU B 28 10.47 1.61 17.88
CA LEU B 28 11.05 1.92 16.58
C LEU B 28 11.20 3.45 16.46
N ASN B 29 10.20 4.18 16.96
CA ASN B 29 10.22 5.62 16.95
C ASN B 29 11.31 6.16 17.87
N GLU B 30 11.86 5.30 18.75
CA GLU B 30 12.91 5.70 19.67
C GLU B 30 14.29 5.31 19.13
N ILE B 31 14.39 4.15 18.48
CA ILE B 31 15.65 3.66 17.92
C ILE B 31 15.90 4.31 16.56
N PHE B 32 14.91 4.26 15.67
CA PHE B 32 15.00 4.88 14.35
C PHE B 32 14.73 6.38 14.36
N GLY B 33 14.31 6.91 15.52
CA GLY B 33 13.97 8.32 15.68
C GLY B 33 15.19 9.23 15.51
N PRO B 34 16.26 9.02 16.30
CA PRO B 34 17.44 9.87 16.23
C PRO B 34 18.20 9.70 14.91
N PHE B 35 17.90 8.65 14.15
CA PHE B 35 18.55 8.41 12.87
C PHE B 35 18.07 9.29 11.73
N GLY B 36 16.81 9.74 11.79
CA GLY B 36 16.25 10.59 10.74
C GLY B 36 14.77 10.87 11.00
N PRO B 37 14.13 11.62 10.09
CA PRO B 37 12.76 12.07 10.23
C PRO B 37 11.75 10.93 10.12
N MET B 38 12.20 9.74 9.68
CA MET B 38 11.41 8.52 9.52
C MET B 38 9.96 8.77 9.12
N LYS B 39 9.67 8.69 7.81
CA LYS B 39 8.35 8.98 7.27
C LYS B 39 7.28 8.09 7.91
N GLU B 40 7.61 6.81 8.14
CA GLU B 40 6.64 5.84 8.63
C GLU B 40 7.35 4.58 9.12
N VAL B 41 6.71 3.85 10.03
CA VAL B 41 7.17 2.54 10.44
C VAL B 41 5.97 1.60 10.38
N LYS B 42 6.09 0.52 9.61
CA LYS B 42 5.05 -0.48 9.49
C LYS B 42 5.49 -1.77 10.17
N ILE B 43 5.14 -1.92 11.46
CA ILE B 43 5.37 -3.15 12.20
C ILE B 43 4.17 -4.06 12.07
N LEU B 44 4.41 -5.37 12.05
CA LEU B 44 3.38 -6.37 11.92
C LEU B 44 3.92 -7.71 12.44
N ASN B 45 3.09 -8.76 12.41
CA ASN B 45 3.43 -10.03 13.01
C ASN B 45 4.71 -10.63 12.43
N GLY B 46 5.80 -10.58 13.20
CA GLY B 46 7.03 -11.29 12.90
C GLY B 46 8.10 -10.39 12.27
N PHE B 47 7.73 -9.19 11.82
CA PHE B 47 8.68 -8.27 11.21
C PHE B 47 8.17 -6.83 11.11
N ALA B 48 9.02 -5.92 10.61
CA ALA B 48 8.65 -4.52 10.44
C ALA B 48 9.42 -3.90 9.30
N PHE B 49 8.96 -2.72 8.86
CA PHE B 49 9.60 -1.99 7.79
C PHE B 49 9.56 -0.51 8.14
N VAL B 50 10.70 0.04 8.58
CA VAL B 50 10.84 1.47 8.80
C VAL B 50 11.24 2.13 7.49
N GLU B 51 10.88 3.41 7.30
CA GLU B 51 11.23 4.12 6.07
C GLU B 51 11.70 5.54 6.38
N PHE B 52 12.61 6.07 5.56
CA PHE B 52 13.20 7.39 5.76
C PHE B 52 13.00 8.36 4.59
N GLU B 53 13.31 9.64 4.82
CA GLU B 53 13.16 10.67 3.81
C GLU B 53 14.40 10.77 2.92
N GLU B 54 15.50 10.16 3.38
CA GLU B 54 16.78 10.23 2.69
C GLU B 54 17.44 8.85 2.68
N ALA B 55 18.15 8.53 1.60
CA ALA B 55 18.86 7.26 1.50
C ALA B 55 19.95 7.16 2.55
N GLU B 56 20.45 8.32 3.01
CA GLU B 56 21.53 8.38 3.98
C GLU B 56 21.03 8.05 5.38
N SER B 57 19.84 8.54 5.75
CA SER B 57 19.29 8.31 7.08
C SER B 57 18.94 6.85 7.25
N ALA B 58 18.47 6.21 6.18
CA ALA B 58 18.15 4.79 6.18
C ALA B 58 19.42 3.95 6.31
N ALA B 59 20.39 4.17 5.44
CA ALA B 59 21.65 3.43 5.48
C ALA B 59 22.30 3.56 6.85
N LYS B 60 22.29 4.76 7.44
CA LYS B 60 22.96 4.99 8.71
C LYS B 60 22.28 4.21 9.84
N ALA B 61 20.94 4.19 9.85
CA ALA B 61 20.21 3.46 10.86
C ALA B 61 20.44 1.95 10.72
N ILE B 62 20.40 1.42 9.50
CA ILE B 62 20.67 0.01 9.28
C ILE B 62 22.09 -0.32 9.76
N GLU B 63 23.06 0.53 9.40
CA GLU B 63 24.45 0.31 9.74
C GLU B 63 24.67 0.30 11.25
N GLU B 64 23.78 0.94 12.01
CA GLU B 64 23.92 1.02 13.47
C GLU B 64 22.94 0.09 14.21
N VAL B 65 21.86 -0.33 13.55
CA VAL B 65 20.85 -1.18 14.20
C VAL B 65 21.06 -2.65 13.82
N HIS B 66 21.73 -2.94 12.71
CA HIS B 66 21.94 -4.32 12.27
C HIS B 66 23.02 -5.04 13.09
N GLY B 67 23.20 -4.65 14.36
CA GLY B 67 24.27 -5.17 15.18
C GLY B 67 24.09 -4.85 16.66
N LYS B 68 22.84 -4.65 17.08
CA LYS B 68 22.52 -4.32 18.47
C LYS B 68 21.23 -5.02 18.89
N SER B 69 20.54 -4.50 19.92
CA SER B 69 19.37 -5.17 20.48
C SER B 69 18.37 -4.16 21.01
N PHE B 70 17.08 -4.50 20.92
CA PHE B 70 16.02 -3.72 21.53
C PHE B 70 15.04 -4.59 22.33
N ALA B 71 15.33 -5.90 22.41
CA ALA B 71 14.42 -6.88 22.99
C ALA B 71 15.21 -8.10 23.47
N ASN B 72 16.43 -7.88 23.95
CA ASN B 72 17.33 -8.95 24.37
C ASN B 72 17.59 -9.93 23.23
N GLN B 73 17.50 -9.45 21.98
CA GLN B 73 17.72 -10.26 20.80
C GLN B 73 18.59 -9.50 19.80
N PRO B 74 19.53 -10.19 19.14
CA PRO B 74 20.46 -9.57 18.21
C PRO B 74 19.74 -9.15 16.94
N LEU B 75 19.74 -7.85 16.65
CA LEU B 75 19.14 -7.31 15.44
C LEU B 75 20.12 -7.44 14.26
N GLU B 76 19.57 -7.59 13.06
CA GLU B 76 20.35 -7.80 11.85
C GLU B 76 19.63 -7.17 10.65
N VAL B 77 19.06 -5.98 10.86
CA VAL B 77 18.33 -5.25 9.82
C VAL B 77 19.00 -5.29 8.45
N VAL B 78 18.17 -5.33 7.40
CA VAL B 78 18.62 -5.33 6.02
C VAL B 78 17.68 -4.48 5.18
N TYR B 79 18.01 -4.23 3.91
CA TYR B 79 17.14 -3.47 3.04
C TYR B 79 15.87 -4.23 2.68
N SER B 80 14.72 -3.55 2.79
CA SER B 80 13.44 -4.14 2.42
C SER B 80 13.31 -4.16 0.91
N LYS B 81 12.20 -4.71 0.42
CA LYS B 81 11.84 -4.58 -0.97
C LYS B 81 11.48 -3.12 -1.26
N LEU B 82 11.52 -2.76 -2.54
CA LEU B 82 11.35 -1.40 -3.02
C LEU B 82 9.94 -0.86 -2.74
N PRO B 83 9.83 0.29 -2.06
CA PRO B 83 8.58 1.03 -1.91
C PRO B 83 7.92 1.28 -3.27
N ALA B 84 6.60 1.46 -3.28
CA ALA B 84 5.87 1.73 -4.50
C ALA B 84 4.55 2.44 -4.19
N LYS B 85 4.16 3.38 -5.06
CA LYS B 85 2.90 4.09 -4.94
C LYS B 85 1.80 3.32 -5.66
N ARG B 86 0.55 3.51 -5.25
CA ARG B 86 -0.61 2.89 -5.89
C ARG B 86 -1.77 3.89 -5.99
N TYR B 87 -2.77 3.53 -6.80
CA TYR B 87 -3.85 4.42 -7.15
C TYR B 87 -5.22 3.83 -6.84
N ARG B 88 -6.25 4.67 -6.72
CA ARG B 88 -7.60 4.20 -6.40
C ARG B 88 -8.62 5.23 -6.87
N ILE B 89 -9.86 4.79 -7.10
CA ILE B 89 -10.93 5.70 -7.48
C ILE B 89 -12.20 5.34 -6.72
N THR B 90 -13.10 6.32 -6.58
CA THR B 90 -14.37 6.13 -5.89
C THR B 90 -15.38 5.72 -6.94
N MET B 91 -16.18 4.69 -6.64
CA MET B 91 -17.17 4.19 -7.58
C MET B 91 -18.50 3.98 -6.89
N LYS B 92 -19.58 4.15 -7.67
CA LYS B 92 -20.94 3.94 -7.20
C LYS B 92 -21.60 2.98 -8.17
N ASN B 93 -22.55 2.15 -7.69
CA ASN B 93 -23.20 1.18 -8.55
C ASN B 93 -24.58 0.81 -7.97
N LEU B 94 -24.78 -0.45 -7.60
CA LEU B 94 -26.07 -0.95 -7.16
C LEU B 94 -25.88 -2.03 -6.09
N PRO B 95 -26.64 -1.97 -4.99
CA PRO B 95 -26.55 -2.92 -3.88
C PRO B 95 -27.17 -4.26 -4.25
N GLU B 96 -26.65 -4.89 -5.30
CA GLU B 96 -27.16 -6.19 -5.73
C GLU B 96 -26.18 -6.90 -6.67
N GLY B 97 -25.99 -8.19 -6.44
CA GLY B 97 -25.22 -9.06 -7.32
C GLY B 97 -23.75 -8.66 -7.44
N CYS B 98 -23.29 -7.71 -6.64
CA CYS B 98 -21.93 -7.19 -6.74
C CYS B 98 -21.02 -7.72 -5.62
N SER B 99 -19.77 -7.99 -5.97
CA SER B 99 -18.71 -8.29 -5.01
C SER B 99 -17.37 -7.98 -5.70
N TRP B 100 -16.30 -7.84 -4.93
CA TRP B 100 -15.02 -7.40 -5.48
C TRP B 100 -14.55 -8.33 -6.61
N GLN B 101 -15.05 -9.57 -6.62
CA GLN B 101 -14.72 -10.54 -7.66
C GLN B 101 -15.28 -10.09 -9.01
N ASP B 102 -16.52 -9.61 -9.00
CA ASP B 102 -17.18 -9.19 -10.23
C ASP B 102 -16.65 -7.88 -10.79
N LEU B 103 -16.20 -6.97 -9.93
CA LEU B 103 -15.63 -5.72 -10.39
C LEU B 103 -14.23 -5.93 -10.97
N LYS B 104 -13.53 -7.00 -10.55
CA LYS B 104 -12.25 -7.35 -11.15
C LYS B 104 -12.44 -7.80 -12.60
N ASP B 105 -13.40 -8.69 -12.82
CA ASP B 105 -13.67 -9.23 -14.14
C ASP B 105 -14.32 -8.16 -15.02
N LEU B 106 -15.22 -7.37 -14.44
CA LEU B 106 -15.88 -6.30 -15.16
C LEU B 106 -14.85 -5.32 -15.72
N ALA B 107 -13.82 -5.00 -14.94
CA ALA B 107 -12.85 -4.00 -15.32
C ALA B 107 -11.94 -4.51 -16.44
N ARG B 108 -11.59 -5.80 -16.42
CA ARG B 108 -10.70 -6.35 -17.43
C ARG B 108 -11.46 -6.64 -18.73
N GLU B 109 -12.80 -6.58 -18.69
CA GLU B 109 -13.62 -6.78 -19.88
C GLU B 109 -13.76 -5.51 -20.72
N ASN B 110 -12.79 -4.58 -20.62
CA ASN B 110 -12.80 -3.36 -21.41
C ASN B 110 -11.43 -3.11 -22.03
N SER B 111 -10.44 -2.78 -21.19
CA SER B 111 -9.08 -2.54 -21.67
C SER B 111 -8.12 -2.44 -20.50
N LEU B 112 -8.57 -1.85 -19.38
CA LEU B 112 -7.75 -1.68 -18.20
C LEU B 112 -7.78 -2.94 -17.34
N GLU B 113 -7.10 -2.89 -16.19
CA GLU B 113 -7.10 -4.00 -15.25
C GLU B 113 -6.82 -3.51 -13.84
N THR B 114 -7.59 -4.00 -12.86
CA THR B 114 -7.40 -3.64 -11.47
C THR B 114 -6.39 -4.52 -10.76
N THR B 115 -5.69 -3.96 -9.78
CA THR B 115 -4.76 -4.71 -8.95
C THR B 115 -5.48 -5.12 -7.66
N PHE B 116 -6.60 -4.45 -7.36
CA PHE B 116 -7.40 -4.73 -6.18
C PHE B 116 -8.80 -4.12 -6.28
N SER B 117 -9.80 -4.74 -5.63
CA SER B 117 -11.18 -4.26 -5.72
C SER B 117 -11.84 -4.26 -4.34
N SER B 118 -12.70 -3.27 -4.08
CA SER B 118 -13.34 -3.17 -2.76
C SER B 118 -14.80 -2.77 -2.89
N VAL B 119 -15.55 -3.04 -1.80
CA VAL B 119 -16.96 -2.70 -1.68
C VAL B 119 -17.22 -2.13 -0.28
N ASN B 120 -16.33 -1.23 0.16
CA ASN B 120 -16.47 -0.58 1.44
C ASN B 120 -17.70 0.33 1.44
N THR B 121 -18.77 -0.13 2.11
CA THR B 121 -20.01 0.64 2.25
C THR B 121 -20.76 0.03 3.43
N ARG B 122 -21.37 0.88 4.26
CA ARG B 122 -22.20 0.41 5.35
C ARG B 122 -23.55 -0.02 4.79
N ASP B 123 -24.17 -1.03 5.42
CA ASP B 123 -25.46 -1.56 4.98
C ASP B 123 -25.44 -2.05 3.53
N PHE B 124 -24.24 -2.09 2.92
CA PHE B 124 -24.03 -2.47 1.54
C PHE B 124 -24.85 -1.68 0.51
N ASP B 125 -24.20 -0.67 -0.11
CA ASP B 125 -24.85 0.20 -1.07
C ASP B 125 -24.46 -0.08 -2.51
N GLY B 126 -23.69 -1.15 -2.74
CA GLY B 126 -23.21 -1.49 -4.06
C GLY B 126 -21.95 -0.70 -4.42
N THR B 127 -21.75 0.43 -3.75
CA THR B 127 -20.57 1.27 -3.94
C THR B 127 -19.30 0.62 -3.38
N GLY B 128 -18.14 1.13 -3.81
CA GLY B 128 -16.86 0.59 -3.38
C GLY B 128 -15.72 1.43 -3.95
N ALA B 129 -14.66 0.78 -4.39
CA ALA B 129 -13.51 1.45 -4.97
C ALA B 129 -12.63 0.46 -5.72
N LEU B 130 -11.93 0.95 -6.75
CA LEU B 130 -11.05 0.10 -7.55
C LEU B 130 -9.63 0.64 -7.49
N GLU B 131 -8.66 -0.27 -7.33
CA GLU B 131 -7.25 0.09 -7.23
C GLU B 131 -6.58 0.01 -8.60
N PHE B 132 -5.52 0.79 -8.80
CA PHE B 132 -4.77 0.81 -10.04
C PHE B 132 -3.25 0.87 -9.83
N PRO B 133 -2.47 0.28 -10.73
CA PRO B 133 -1.02 0.22 -10.62
C PRO B 133 -0.35 1.57 -10.89
N SER B 134 -1.05 2.51 -11.54
CA SER B 134 -0.48 3.81 -11.88
C SER B 134 -1.57 4.81 -12.28
N GLU B 135 -1.20 6.10 -12.38
CA GLU B 135 -2.11 7.17 -12.73
C GLU B 135 -2.59 7.01 -14.17
N GLU B 136 -1.79 6.35 -15.01
CA GLU B 136 -2.10 6.17 -16.42
C GLU B 136 -3.33 5.28 -16.61
N ILE B 137 -3.79 4.64 -15.53
CA ILE B 137 -4.97 3.80 -15.57
C ILE B 137 -6.12 4.47 -14.82
N LEU B 138 -5.78 5.36 -13.88
CA LEU B 138 -6.78 6.11 -13.12
C LEU B 138 -7.53 7.07 -14.05
N VAL B 139 -6.78 7.89 -14.78
CA VAL B 139 -7.37 8.88 -15.69
C VAL B 139 -8.06 8.23 -16.88
N GLU B 140 -7.79 6.94 -17.12
CA GLU B 140 -8.42 6.21 -18.22
C GLU B 140 -9.67 5.48 -17.72
N ALA B 141 -9.64 4.96 -16.49
CA ALA B 141 -10.73 4.18 -15.95
C ALA B 141 -12.01 5.02 -15.84
N LEU B 142 -11.85 6.32 -15.62
CA LEU B 142 -12.99 7.23 -15.47
C LEU B 142 -13.59 7.60 -16.83
N GLU B 143 -13.10 7.00 -17.92
CA GLU B 143 -13.64 7.25 -19.25
C GLU B 143 -14.04 5.94 -19.93
N ARG B 144 -13.43 4.82 -19.53
CA ARG B 144 -13.68 3.52 -20.12
C ARG B 144 -14.59 2.68 -19.23
N LEU B 145 -14.29 2.64 -17.93
CA LEU B 145 -15.09 1.91 -16.95
C LEU B 145 -16.22 2.78 -16.41
N ASN B 146 -16.36 4.01 -16.90
CA ASN B 146 -17.43 4.90 -16.47
C ASN B 146 -18.73 4.63 -17.22
N ASN B 147 -19.80 4.34 -16.47
CA ASN B 147 -21.17 4.27 -16.97
C ASN B 147 -21.32 3.31 -18.15
N ILE B 148 -20.58 2.19 -18.12
CA ILE B 148 -20.61 1.19 -19.19
C ILE B 148 -21.89 0.35 -19.10
N GLU B 149 -22.71 0.59 -18.08
CA GLU B 149 -23.91 -0.20 -17.76
C GLU B 149 -23.55 -1.65 -17.42
N PHE B 150 -23.36 -1.92 -16.12
CA PHE B 150 -22.97 -3.24 -15.64
C PHE B 150 -24.19 -4.05 -15.23
N ARG B 151 -24.59 -5.01 -16.06
CA ARG B 151 -25.71 -5.90 -15.76
C ARG B 151 -27.00 -5.14 -15.48
N GLY B 152 -27.08 -3.90 -15.99
CA GLY B 152 -28.25 -3.05 -15.84
C GLY B 152 -28.00 -1.95 -14.79
N SER B 153 -26.88 -2.04 -14.06
CA SER B 153 -26.47 -1.02 -13.11
C SER B 153 -25.64 0.03 -13.85
N VAL B 154 -25.03 0.96 -13.11
CA VAL B 154 -24.20 2.01 -13.70
C VAL B 154 -23.02 2.28 -12.78
N ILE B 155 -21.80 2.20 -13.33
CA ILE B 155 -20.58 2.42 -12.57
C ILE B 155 -20.19 3.89 -12.63
N THR B 156 -20.18 4.55 -11.48
CA THR B 156 -19.74 5.94 -11.37
C THR B 156 -18.28 6.08 -10.98
N VAL B 157 -17.41 5.21 -11.50
CA VAL B 157 -15.98 5.30 -11.24
C VAL B 157 -15.50 6.71 -11.59
N GLU B 158 -14.92 7.39 -10.61
CA GLU B 158 -14.35 8.72 -10.81
C GLU B 158 -13.18 8.93 -9.86
N ARG B 159 -12.22 9.77 -10.26
CA ARG B 159 -11.04 10.03 -9.46
C ARG B 159 -11.43 10.74 -8.17
N ASP B 160 -10.79 10.31 -7.08
CA ASP B 160 -10.99 10.93 -5.77
C ASP B 160 -9.61 11.29 -5.19
N ASP B 161 -8.62 11.47 -6.08
CA ASP B 161 -7.24 11.75 -5.69
C ASP B 161 -6.62 10.66 -4.82
N ASN B 162 -7.18 9.46 -4.88
CA ASN B 162 -6.70 8.25 -4.23
C ASN B 162 -6.08 8.51 -2.84
N PRO B 163 -6.91 8.83 -1.84
CA PRO B 163 -6.47 9.16 -0.50
C PRO B 163 -5.62 8.02 0.10
N PRO B 164 -4.64 8.35 0.94
CA PRO B 164 -3.77 7.38 1.58
C PRO B 164 -4.54 6.29 2.35
N PRO B 165 -5.50 6.65 3.22
CA PRO B 165 -6.25 5.68 4.00
C PRO B 165 -7.32 5.01 3.13
N ILE B 166 -7.55 3.71 3.36
CA ILE B 166 -8.58 2.97 2.63
C ILE B 166 -9.92 3.08 3.36
N ARG B 167 -9.87 3.21 4.69
CA ARG B 167 -11.07 3.30 5.52
C ARG B 167 -11.52 4.76 5.69
N ARG B 168 -10.98 5.66 4.84
CA ARG B 168 -11.29 7.08 4.87
C ARG B 168 -11.04 7.70 6.25
N SER B 169 -10.16 7.07 7.04
CA SER B 169 -9.82 7.53 8.38
C SER B 169 -8.43 7.04 8.76
N MET B 1 4.78 -16.84 -7.51
CA MET B 1 5.63 -17.23 -8.64
C MET B 1 6.86 -16.32 -8.74
N HIS B 2 6.64 -15.03 -9.00
CA HIS B 2 7.73 -14.06 -9.09
C HIS B 2 8.34 -13.85 -7.71
N HIS B 3 9.66 -13.62 -7.66
CA HIS B 3 10.39 -13.47 -6.41
C HIS B 3 10.14 -12.09 -5.78
N ARG B 4 9.59 -11.15 -6.57
CA ARG B 4 9.20 -9.83 -6.11
C ARG B 4 10.31 -9.18 -5.29
N GLN B 5 11.53 -9.17 -5.83
CA GLN B 5 12.67 -8.57 -5.16
C GLN B 5 13.72 -8.11 -6.17
N GLU B 6 14.46 -7.05 -5.85
CA GLU B 6 15.54 -6.56 -6.70
C GLU B 6 16.58 -5.81 -5.86
N GLY B 7 16.17 -5.27 -4.71
CA GLY B 7 17.09 -4.63 -3.78
C GLY B 7 17.57 -3.27 -4.29
N GLU B 8 16.81 -2.64 -5.19
CA GLU B 8 17.16 -1.35 -5.76
C GLU B 8 16.32 -0.22 -5.14
N LEU B 9 15.94 -0.38 -3.87
CA LEU B 9 15.05 0.55 -3.19
C LEU B 9 15.70 1.93 -3.05
N SER B 10 14.88 2.94 -2.72
CA SER B 10 15.30 4.32 -2.61
C SER B 10 16.15 4.56 -1.36
N ASN B 11 16.59 3.47 -0.70
CA ASN B 11 17.37 3.54 0.52
C ASN B 11 16.57 4.23 1.63
N THR B 12 15.32 3.82 1.84
CA THR B 12 14.47 4.43 2.87
C THR B 12 13.80 3.39 3.78
N ARG B 13 13.24 2.31 3.21
CA ARG B 13 12.64 1.25 4.00
C ARG B 13 13.70 0.30 4.57
N LEU B 14 13.56 -0.05 5.86
CA LEU B 14 14.49 -0.97 6.53
C LEU B 14 13.73 -2.21 7.01
N PHE B 15 14.11 -3.39 6.50
CA PHE B 15 13.50 -4.64 6.91
C PHE B 15 14.12 -5.21 8.18
N VAL B 16 13.34 -5.26 9.25
CA VAL B 16 13.76 -5.90 10.48
C VAL B 16 13.14 -7.29 10.58
N ARG B 17 13.72 -8.18 11.40
CA ARG B 17 13.28 -9.56 11.46
C ARG B 17 13.25 -10.05 12.90
N PRO B 18 14.35 -9.89 13.66
CA PRO B 18 14.38 -10.26 15.05
C PRO B 18 13.43 -9.39 15.86
N PHE B 19 12.38 -10.00 16.40
CA PHE B 19 11.44 -9.35 17.29
C PHE B 19 11.04 -10.19 18.49
N PRO B 20 10.61 -9.55 19.59
CA PRO B 20 10.09 -10.24 20.75
C PRO B 20 8.72 -10.82 20.42
N LEU B 21 7.65 -10.04 20.59
CA LEU B 21 6.30 -10.45 20.25
C LEU B 21 5.30 -9.29 20.42
N ASP B 22 5.51 -8.45 21.43
CA ASP B 22 4.62 -7.35 21.74
C ASP B 22 5.32 -6.03 21.42
N VAL B 23 6.22 -6.05 20.43
CA VAL B 23 6.95 -4.85 20.02
C VAL B 23 5.93 -3.77 19.62
N GLN B 24 5.00 -4.12 18.73
CA GLN B 24 3.82 -3.32 18.37
C GLN B 24 4.05 -1.82 18.46
N GLU B 25 5.03 -1.31 17.72
CA GLU B 25 5.27 0.12 17.59
C GLU B 25 5.42 0.78 18.97
N SER B 26 6.39 0.30 19.75
CA SER B 26 6.60 0.81 21.10
C SER B 26 8.08 1.06 21.38
N GLU B 27 8.97 0.57 20.51
CA GLU B 27 10.41 0.77 20.68
C GLU B 27 11.09 1.13 19.36
N LEU B 28 10.43 0.90 18.22
CA LEU B 28 10.97 1.33 16.93
C LEU B 28 11.02 2.85 16.91
N ASN B 29 10.00 3.49 17.48
CA ASN B 29 9.94 4.94 17.58
C ASN B 29 11.05 5.48 18.49
N GLU B 30 11.66 4.61 19.29
CA GLU B 30 12.74 5.00 20.20
C GLU B 30 14.10 4.72 19.58
N ILE B 31 14.23 3.62 18.84
CA ILE B 31 15.49 3.23 18.20
C ILE B 31 15.67 3.96 16.88
N PHE B 32 14.65 3.92 16.03
CA PHE B 32 14.67 4.62 14.75
C PHE B 32 14.32 6.10 14.86
N GLY B 33 13.91 6.53 16.06
CA GLY B 33 13.49 7.90 16.32
C GLY B 33 14.63 8.91 16.18
N PRO B 34 15.74 8.72 16.91
CA PRO B 34 16.86 9.64 16.88
C PRO B 34 17.59 9.61 15.53
N PHE B 35 17.33 8.60 14.70
CA PHE B 35 17.96 8.49 13.40
C PHE B 35 17.38 9.39 12.31
N GLY B 36 16.10 9.76 12.44
CA GLY B 36 15.47 10.64 11.47
C GLY B 36 13.99 10.84 11.80
N PRO B 37 13.28 11.61 10.95
CA PRO B 37 11.90 11.97 11.18
C PRO B 37 10.95 10.79 11.04
N MET B 38 11.46 9.65 10.51
CA MET B 38 10.73 8.40 10.31
C MET B 38 9.26 8.61 9.92
N LYS B 39 8.98 8.54 8.61
CA LYS B 39 7.63 8.77 8.09
C LYS B 39 6.62 7.82 8.74
N GLU B 40 7.02 6.55 8.91
CA GLU B 40 6.13 5.54 9.44
C GLU B 40 6.93 4.29 9.81
N VAL B 41 6.38 3.46 10.71
CA VAL B 41 6.94 2.15 11.00
C VAL B 41 5.79 1.15 10.88
N LYS B 42 5.99 0.13 10.05
CA LYS B 42 5.00 -0.93 9.86
C LYS B 42 5.56 -2.23 10.45
N ILE B 43 5.23 -2.48 11.72
CA ILE B 43 5.54 -3.74 12.38
C ILE B 43 4.36 -4.70 12.19
N LEU B 44 4.67 -5.98 12.05
CA LEU B 44 3.67 -7.02 11.87
C LEU B 44 4.28 -8.37 12.25
N ASN B 45 3.47 -9.43 12.21
CA ASN B 45 3.88 -10.73 12.72
C ASN B 45 5.19 -11.21 12.09
N GLY B 46 6.27 -11.17 12.89
CA GLY B 46 7.55 -11.78 12.55
C GLY B 46 8.57 -10.79 11.97
N PHE B 47 8.15 -9.57 11.65
CA PHE B 47 9.06 -8.57 11.07
C PHE B 47 8.51 -7.15 11.08
N ALA B 48 9.30 -6.19 10.59
CA ALA B 48 8.87 -4.81 10.53
C ALA B 48 9.54 -4.06 9.38
N PHE B 49 8.98 -2.89 9.03
CA PHE B 49 9.51 -2.07 7.95
C PHE B 49 9.38 -0.62 8.37
N VAL B 50 10.49 -0.03 8.82
CA VAL B 50 10.56 1.40 9.12
C VAL B 50 10.84 2.15 7.83
N GLU B 51 10.43 3.43 7.75
CA GLU B 51 10.66 4.24 6.57
C GLU B 51 11.07 5.66 6.96
N PHE B 52 11.93 6.30 6.15
CA PHE B 52 12.44 7.63 6.41
C PHE B 52 12.16 8.66 5.31
N GLU B 53 12.40 9.93 5.62
CA GLU B 53 12.18 11.02 4.67
C GLU B 53 13.42 11.25 3.81
N GLU B 54 14.56 10.71 4.25
CA GLU B 54 15.83 10.89 3.57
C GLU B 54 16.57 9.56 3.49
N ALA B 55 17.27 9.35 2.38
CA ALA B 55 18.05 8.12 2.17
C ALA B 55 19.15 8.02 3.22
N GLU B 56 19.62 9.17 3.72
CA GLU B 56 20.68 9.22 4.70
C GLU B 56 20.20 8.76 6.07
N SER B 57 18.96 9.13 6.44
CA SER B 57 18.42 8.76 7.75
C SER B 57 18.21 7.26 7.84
N ALA B 58 17.76 6.63 6.74
CA ALA B 58 17.57 5.19 6.70
C ALA B 58 18.91 4.45 6.72
N ALA B 59 19.85 4.86 5.87
CA ALA B 59 21.16 4.24 5.83
C ALA B 59 21.86 4.33 7.18
N LYS B 60 21.72 5.46 7.88
CA LYS B 60 22.36 5.65 9.17
C LYS B 60 21.76 4.71 10.20
N ALA B 61 20.44 4.55 10.20
CA ALA B 61 19.77 3.70 11.16
C ALA B 61 20.14 2.24 10.91
N ILE B 62 20.13 1.79 9.65
CA ILE B 62 20.52 0.42 9.35
C ILE B 62 21.96 0.18 9.76
N GLU B 63 22.85 1.13 9.47
CA GLU B 63 24.26 0.98 9.77
C GLU B 63 24.49 0.87 11.28
N GLU B 64 23.59 1.43 12.09
CA GLU B 64 23.75 1.44 13.53
C GLU B 64 22.86 0.39 14.23
N VAL B 65 21.78 -0.05 13.58
CA VAL B 65 20.85 -0.99 14.19
C VAL B 65 21.13 -2.43 13.75
N HIS B 66 21.81 -2.62 12.61
CA HIS B 66 22.10 -3.97 12.11
C HIS B 66 23.24 -4.64 12.87
N GLY B 67 23.42 -4.30 14.15
CA GLY B 67 24.54 -4.79 14.94
C GLY B 67 24.35 -4.55 16.43
N LYS B 68 23.10 -4.47 16.88
CA LYS B 68 22.78 -4.23 18.30
C LYS B 68 21.54 -5.03 18.70
N SER B 69 20.85 -4.61 19.75
CA SER B 69 19.72 -5.36 20.29
C SER B 69 18.68 -4.44 20.91
N PHE B 70 17.41 -4.84 20.84
CA PHE B 70 16.33 -4.14 21.54
C PHE B 70 15.43 -5.09 22.33
N ALA B 71 15.77 -6.39 22.33
CA ALA B 71 14.93 -7.43 22.89
C ALA B 71 15.77 -8.66 23.24
N ASN B 72 17.01 -8.45 23.71
CA ASN B 72 17.94 -9.53 24.02
C ASN B 72 18.19 -10.42 22.80
N GLN B 73 18.06 -9.85 21.59
CA GLN B 73 18.28 -10.57 20.35
C GLN B 73 19.11 -9.71 19.39
N PRO B 74 20.08 -10.31 18.69
CA PRO B 74 20.96 -9.60 17.79
C PRO B 74 20.19 -9.14 16.55
N LEU B 75 20.16 -7.82 16.34
CA LEU B 75 19.52 -7.23 15.17
C LEU B 75 20.48 -7.27 13.99
N GLU B 76 19.92 -7.36 12.79
CA GLU B 76 20.68 -7.51 11.55
C GLU B 76 19.90 -6.87 10.39
N VAL B 77 19.28 -5.71 10.66
CA VAL B 77 18.48 -4.99 9.68
C VAL B 77 19.10 -4.94 8.28
N VAL B 78 18.24 -4.96 7.26
CA VAL B 78 18.65 -4.90 5.86
C VAL B 78 17.62 -4.10 5.08
N TYR B 79 17.84 -3.91 3.77
CA TYR B 79 16.92 -3.14 2.95
C TYR B 79 15.68 -3.91 2.51
N SER B 80 14.54 -3.23 2.47
CA SER B 80 13.25 -3.85 2.19
C SER B 80 12.97 -3.92 0.69
N LYS B 81 11.82 -4.48 0.31
CA LYS B 81 11.33 -4.42 -1.07
C LYS B 81 11.06 -2.96 -1.47
N LEU B 82 10.88 -2.75 -2.77
CA LEU B 82 10.83 -1.42 -3.38
C LEU B 82 9.53 -0.70 -3.04
N PRO B 83 9.57 0.42 -2.29
CA PRO B 83 8.43 1.28 -2.10
C PRO B 83 7.83 1.67 -3.45
N ALA B 84 6.52 1.87 -3.51
CA ALA B 84 5.84 2.12 -4.77
C ALA B 84 4.54 2.89 -4.58
N LYS B 85 4.21 3.74 -5.54
CA LYS B 85 2.94 4.45 -5.58
C LYS B 85 1.88 3.56 -6.25
N ARG B 86 0.60 3.80 -5.92
CA ARG B 86 -0.51 3.11 -6.55
C ARG B 86 -1.57 4.12 -6.95
N TYR B 87 -2.48 3.71 -7.84
CA TYR B 87 -3.57 4.56 -8.28
C TYR B 87 -4.91 4.08 -7.79
N ARG B 88 -5.90 4.96 -7.72
CA ARG B 88 -7.22 4.62 -7.23
C ARG B 88 -8.25 5.59 -7.79
N ILE B 89 -9.53 5.19 -7.79
CA ILE B 89 -10.60 6.07 -8.23
C ILE B 89 -11.85 5.81 -7.40
N THR B 90 -12.74 6.81 -7.33
CA THR B 90 -14.01 6.67 -6.63
C THR B 90 -15.01 6.16 -7.65
N MET B 91 -15.82 5.19 -7.25
CA MET B 91 -16.84 4.64 -8.12
C MET B 91 -18.17 4.53 -7.39
N LYS B 92 -19.26 4.65 -8.15
CA LYS B 92 -20.59 4.54 -7.61
C LYS B 92 -21.33 3.48 -8.40
N ASN B 93 -22.25 2.77 -7.75
CA ASN B 93 -23.06 1.75 -8.39
C ASN B 93 -24.31 1.55 -7.52
N LEU B 94 -24.82 0.32 -7.45
CA LEU B 94 -26.05 0.02 -6.71
C LEU B 94 -25.85 -1.24 -5.87
N PRO B 95 -26.49 -1.28 -4.69
CA PRO B 95 -26.33 -2.36 -3.73
C PRO B 95 -27.04 -3.63 -4.20
N GLU B 96 -26.41 -4.38 -5.11
CA GLU B 96 -26.93 -5.68 -5.52
C GLU B 96 -25.83 -6.55 -6.14
N GLY B 97 -25.63 -7.72 -5.56
CA GLY B 97 -24.72 -8.75 -6.06
C GLY B 97 -23.25 -8.30 -6.07
N CYS B 98 -22.97 -7.04 -5.76
CA CYS B 98 -21.63 -6.50 -5.89
C CYS B 98 -20.69 -6.99 -4.79
N SER B 99 -19.46 -7.30 -5.18
CA SER B 99 -18.35 -7.59 -4.27
C SER B 99 -17.06 -7.36 -5.05
N TRP B 100 -15.93 -7.24 -4.35
CA TRP B 100 -14.67 -6.88 -5.01
C TRP B 100 -14.32 -7.90 -6.09
N GLN B 101 -14.88 -9.12 -6.00
CA GLN B 101 -14.64 -10.15 -7.01
C GLN B 101 -15.31 -9.79 -8.33
N ASP B 102 -16.54 -9.28 -8.27
CA ASP B 102 -17.29 -8.93 -9.46
C ASP B 102 -16.77 -7.69 -10.17
N LEU B 103 -16.22 -6.74 -9.41
CA LEU B 103 -15.64 -5.55 -10.01
C LEU B 103 -14.28 -5.88 -10.62
N LYS B 104 -13.62 -6.94 -10.15
CA LYS B 104 -12.38 -7.40 -10.75
C LYS B 104 -12.65 -8.00 -12.13
N ASP B 105 -13.67 -8.86 -12.22
CA ASP B 105 -14.04 -9.50 -13.47
C ASP B 105 -14.65 -8.47 -14.42
N LEU B 106 -15.48 -7.57 -13.89
CA LEU B 106 -16.09 -6.52 -14.68
C LEU B 106 -15.02 -5.64 -15.33
N ALA B 107 -14.03 -5.22 -14.54
CA ALA B 107 -13.00 -4.32 -15.02
C ALA B 107 -12.13 -5.00 -16.08
N ARG B 108 -11.83 -6.28 -15.89
CA ARG B 108 -10.93 -6.99 -16.79
C ARG B 108 -11.65 -7.44 -18.06
N GLU B 109 -12.98 -7.31 -18.09
CA GLU B 109 -13.76 -7.64 -19.29
C GLU B 109 -13.91 -6.46 -20.25
N ASN B 110 -13.10 -5.41 -20.08
CA ASN B 110 -13.12 -4.27 -21.00
C ASN B 110 -11.78 -4.17 -21.73
N SER B 111 -10.72 -3.81 -20.99
CA SER B 111 -9.38 -3.72 -21.54
C SER B 111 -8.38 -3.52 -20.41
N LEU B 112 -8.76 -2.71 -19.41
CA LEU B 112 -7.93 -2.50 -18.23
C LEU B 112 -8.10 -3.66 -17.26
N GLU B 113 -7.43 -3.58 -16.10
CA GLU B 113 -7.60 -4.58 -15.05
C GLU B 113 -7.15 -4.00 -13.71
N THR B 114 -7.91 -4.29 -12.65
CA THR B 114 -7.59 -3.80 -11.31
C THR B 114 -6.53 -4.62 -10.61
N THR B 115 -5.66 -3.96 -9.86
CA THR B 115 -4.70 -4.64 -9.00
C THR B 115 -5.42 -4.96 -7.69
N PHE B 116 -6.45 -4.19 -7.37
CA PHE B 116 -7.18 -4.33 -6.11
C PHE B 116 -8.55 -3.65 -6.14
N SER B 117 -9.54 -4.23 -5.45
CA SER B 117 -10.92 -3.73 -5.51
C SER B 117 -11.54 -3.74 -4.12
N SER B 118 -12.35 -2.74 -3.79
CA SER B 118 -12.99 -2.70 -2.47
C SER B 118 -14.29 -1.89 -2.49
N VAL B 119 -15.10 -2.08 -1.45
CA VAL B 119 -16.36 -1.37 -1.27
C VAL B 119 -16.17 -0.15 -0.36
N ASN B 120 -17.11 0.78 -0.36
CA ASN B 120 -17.03 1.99 0.45
C ASN B 120 -18.42 2.31 1.00
N THR B 121 -18.73 1.75 2.17
CA THR B 121 -20.08 1.81 2.73
C THR B 121 -20.04 1.42 4.20
N ARG B 122 -21.05 1.85 4.96
CA ARG B 122 -21.20 1.44 6.36
C ARG B 122 -21.84 0.06 6.45
N ASP B 123 -22.34 -0.46 5.33
CA ASP B 123 -22.89 -1.80 5.27
C ASP B 123 -22.80 -2.40 3.86
N PHE B 124 -23.61 -1.85 2.94
CA PHE B 124 -23.60 -2.25 1.55
C PHE B 124 -24.39 -1.24 0.71
N ASP B 125 -23.67 -0.48 -0.12
CA ASP B 125 -24.26 0.56 -0.96
C ASP B 125 -23.98 0.36 -2.45
N GLY B 126 -23.27 -0.71 -2.79
CA GLY B 126 -22.87 -0.99 -4.17
C GLY B 126 -21.67 -0.15 -4.58
N THR B 127 -21.60 1.09 -4.08
CA THR B 127 -20.44 1.96 -4.31
C THR B 127 -19.17 1.43 -3.66
N GLY B 128 -18.00 1.90 -4.10
CA GLY B 128 -16.74 1.41 -3.61
C GLY B 128 -15.58 2.17 -4.24
N ALA B 129 -14.53 1.45 -4.62
CA ALA B 129 -13.35 2.05 -5.23
C ALA B 129 -12.48 0.98 -5.87
N LEU B 130 -11.67 1.38 -6.85
CA LEU B 130 -10.80 0.46 -7.59
C LEU B 130 -9.39 1.03 -7.61
N GLU B 131 -8.38 0.16 -7.56
CA GLU B 131 -7.00 0.60 -7.65
C GLU B 131 -6.35 0.12 -8.95
N PHE B 132 -5.31 0.85 -9.39
CA PHE B 132 -4.63 0.59 -10.65
C PHE B 132 -3.12 0.71 -10.51
N PRO B 133 -2.36 0.02 -11.37
CA PRO B 133 -0.91 0.02 -11.36
C PRO B 133 -0.32 1.35 -11.83
N SER B 134 -1.06 2.14 -12.62
CA SER B 134 -0.52 3.39 -13.16
C SER B 134 -1.63 4.40 -13.50
N GLU B 135 -1.22 5.64 -13.78
CA GLU B 135 -2.14 6.72 -14.13
C GLU B 135 -2.79 6.46 -15.48
N GLU B 136 -2.07 5.78 -16.38
CA GLU B 136 -2.56 5.51 -17.73
C GLU B 136 -3.75 4.53 -17.68
N ILE B 137 -4.04 3.99 -16.50
CA ILE B 137 -5.20 3.13 -16.30
C ILE B 137 -6.34 3.94 -15.71
N LEU B 138 -6.01 4.91 -14.86
CA LEU B 138 -6.99 5.76 -14.20
C LEU B 138 -7.68 6.64 -15.24
N VAL B 139 -6.88 7.28 -16.11
CA VAL B 139 -7.42 8.21 -17.11
C VAL B 139 -8.16 7.48 -18.23
N GLU B 140 -7.99 6.16 -18.31
CA GLU B 140 -8.69 5.35 -19.31
C GLU B 140 -9.90 4.66 -18.72
N ALA B 141 -9.85 4.30 -17.43
CA ALA B 141 -10.96 3.61 -16.78
C ALA B 141 -12.18 4.52 -16.71
N LEU B 142 -11.95 5.82 -16.54
CA LEU B 142 -13.04 6.79 -16.49
C LEU B 142 -13.60 7.07 -17.89
N GLU B 143 -13.09 6.36 -18.90
CA GLU B 143 -13.51 6.56 -20.27
C GLU B 143 -14.04 5.26 -20.90
N ARG B 144 -13.90 4.12 -20.20
CA ARG B 144 -14.38 2.85 -20.73
C ARG B 144 -15.00 1.96 -19.65
N LEU B 145 -14.54 2.07 -18.40
CA LEU B 145 -15.20 1.42 -17.28
C LEU B 145 -16.30 2.35 -16.73
N ASN B 146 -16.47 3.53 -17.35
CA ASN B 146 -17.49 4.48 -16.93
C ASN B 146 -18.83 4.20 -17.61
N ASN B 147 -19.87 4.01 -16.78
CA ASN B 147 -21.27 3.94 -17.21
C ASN B 147 -21.50 2.87 -18.30
N ILE B 148 -20.79 1.75 -18.19
CA ILE B 148 -20.89 0.65 -19.16
C ILE B 148 -22.19 -0.15 -18.94
N GLU B 149 -22.96 0.20 -17.90
CA GLU B 149 -24.14 -0.52 -17.47
C GLU B 149 -23.79 -1.92 -16.98
N PHE B 150 -23.59 -2.05 -15.67
CA PHE B 150 -23.22 -3.32 -15.04
C PHE B 150 -24.43 -3.96 -14.38
N ARG B 151 -24.90 -5.07 -14.93
CA ARG B 151 -26.06 -5.80 -14.42
C ARG B 151 -27.30 -4.91 -14.35
N GLY B 152 -27.30 -3.83 -15.13
CA GLY B 152 -28.41 -2.88 -15.16
C GLY B 152 -28.15 -1.67 -14.26
N SER B 153 -27.04 -1.72 -13.49
CA SER B 153 -26.59 -0.61 -12.67
C SER B 153 -25.68 0.29 -13.53
N VAL B 154 -24.98 1.22 -12.90
CA VAL B 154 -24.09 2.14 -13.61
C VAL B 154 -22.87 2.41 -12.76
N ILE B 155 -21.69 2.25 -13.36
CA ILE B 155 -20.42 2.50 -12.71
C ILE B 155 -19.98 3.94 -12.94
N THR B 156 -19.92 4.73 -11.87
CA THR B 156 -19.43 6.10 -11.94
C THR B 156 -17.96 6.24 -11.60
N VAL B 157 -17.11 5.34 -12.12
CA VAL B 157 -15.68 5.41 -11.88
C VAL B 157 -15.17 6.77 -12.35
N GLU B 158 -14.55 7.52 -11.43
CA GLU B 158 -13.93 8.79 -11.74
C GLU B 158 -12.78 9.08 -10.79
N ARG B 159 -11.85 9.93 -11.22
CA ARG B 159 -10.66 10.24 -10.45
C ARG B 159 -11.04 10.84 -9.10
N ASP B 160 -10.31 10.43 -8.06
CA ASP B 160 -10.48 10.96 -6.72
C ASP B 160 -9.13 11.43 -6.15
N ASP B 161 -8.16 11.67 -7.03
CA ASP B 161 -6.79 12.03 -6.66
C ASP B 161 -6.06 10.97 -5.84
N ASN B 162 -6.68 9.79 -5.72
CA ASN B 162 -6.11 8.59 -5.11
C ASN B 162 -5.26 8.88 -3.86
N PRO B 163 -5.81 9.58 -2.87
CA PRO B 163 -5.07 9.98 -1.68
C PRO B 163 -4.58 8.74 -0.92
N PRO B 164 -3.47 8.87 -0.19
CA PRO B 164 -2.83 7.76 0.51
C PRO B 164 -3.76 7.03 1.50
N PRO B 165 -4.50 7.75 2.36
CA PRO B 165 -5.37 7.12 3.34
C PRO B 165 -6.42 6.21 2.69
N ILE B 166 -6.71 5.08 3.34
CA ILE B 166 -7.71 4.14 2.86
C ILE B 166 -9.09 4.53 3.38
N ARG B 167 -10.12 4.37 2.56
CA ARG B 167 -11.50 4.72 2.91
C ARG B 167 -12.25 3.53 3.52
N ARG B 168 -11.51 2.61 4.16
CA ARG B 168 -12.11 1.43 4.78
C ARG B 168 -13.01 1.82 5.96
N SER B 169 -12.80 3.04 6.50
CA SER B 169 -13.60 3.54 7.61
C SER B 169 -13.66 5.06 7.58
N MET B 1 15.17 -11.49 -19.71
CA MET B 1 16.40 -11.72 -18.94
C MET B 1 16.08 -12.30 -17.56
N HIS B 2 17.08 -12.88 -16.91
CA HIS B 2 16.93 -13.47 -15.59
C HIS B 2 16.88 -12.40 -14.49
N HIS B 3 17.27 -11.16 -14.85
CA HIS B 3 17.26 -10.05 -13.90
C HIS B 3 15.83 -9.65 -13.56
N ARG B 4 15.64 -9.13 -12.33
CA ARG B 4 14.33 -8.69 -11.85
C ARG B 4 14.50 -7.44 -10.99
N GLN B 5 13.41 -6.72 -10.75
CA GLN B 5 13.41 -5.53 -9.92
C GLN B 5 13.50 -5.91 -8.43
N GLU B 6 13.61 -7.20 -8.13
CA GLU B 6 13.70 -7.67 -6.76
C GLU B 6 14.97 -7.15 -6.10
N GLY B 7 14.85 -6.65 -4.86
CA GLY B 7 15.99 -6.18 -4.09
C GLY B 7 16.51 -4.83 -4.59
N GLU B 8 15.76 -4.16 -5.47
CA GLU B 8 16.14 -2.86 -6.00
C GLU B 8 15.20 -1.77 -5.48
N LEU B 9 14.91 -1.81 -4.18
CA LEU B 9 13.98 -0.89 -3.53
C LEU B 9 14.53 0.54 -3.53
N SER B 10 13.64 1.51 -3.27
CA SER B 10 13.99 2.93 -3.22
C SER B 10 14.81 3.27 -1.99
N ASN B 11 15.28 2.25 -1.26
CA ASN B 11 16.09 2.43 -0.07
C ASN B 11 15.30 3.18 1.00
N THR B 12 14.09 2.73 1.32
CA THR B 12 13.28 3.39 2.35
C THR B 12 12.71 2.42 3.38
N ARG B 13 12.19 1.26 2.96
CA ARG B 13 11.70 0.27 3.91
C ARG B 13 12.82 -0.59 4.48
N LEU B 14 12.77 -0.87 5.79
CA LEU B 14 13.77 -1.68 6.48
C LEU B 14 13.10 -2.89 7.12
N PHE B 15 13.51 -4.09 6.71
CA PHE B 15 12.97 -5.34 7.24
C PHE B 15 13.67 -5.80 8.51
N VAL B 16 12.93 -5.84 9.62
CA VAL B 16 13.45 -6.33 10.90
C VAL B 16 12.86 -7.68 11.26
N ARG B 17 13.53 -8.46 12.12
CA ARG B 17 13.11 -9.84 12.39
C ARG B 17 13.28 -10.23 13.87
N PRO B 18 14.45 -10.00 14.48
CA PRO B 18 14.80 -10.46 15.83
C PRO B 18 14.02 -9.75 16.95
N PHE B 19 12.71 -9.58 16.78
CA PHE B 19 11.86 -8.98 17.79
C PHE B 19 11.66 -9.79 19.06
N PRO B 20 11.25 -9.15 20.15
CA PRO B 20 10.83 -9.82 21.36
C PRO B 20 9.50 -10.53 21.12
N LEU B 21 8.39 -9.82 21.33
CA LEU B 21 7.05 -10.35 21.06
C LEU B 21 5.97 -9.27 21.23
N ASP B 22 6.17 -8.36 22.19
CA ASP B 22 5.19 -7.32 22.50
C ASP B 22 5.77 -5.96 22.08
N VAL B 23 6.61 -5.97 21.05
CA VAL B 23 7.24 -4.75 20.55
C VAL B 23 6.13 -3.76 20.13
N GLN B 24 5.20 -4.21 19.29
CA GLN B 24 3.97 -3.50 18.94
C GLN B 24 4.12 -1.98 18.92
N GLU B 25 5.03 -1.47 18.09
CA GLU B 25 5.20 -0.04 17.86
C GLU B 25 5.39 0.71 19.18
N SER B 26 6.45 0.35 19.93
CA SER B 26 6.73 0.97 21.22
C SER B 26 8.22 1.31 21.36
N GLU B 27 9.07 0.76 20.49
CA GLU B 27 10.51 1.04 20.56
C GLU B 27 11.10 1.30 19.17
N LEU B 28 10.37 0.99 18.10
CA LEU B 28 10.81 1.34 16.75
C LEU B 28 10.81 2.86 16.63
N ASN B 29 9.80 3.50 17.22
CA ASN B 29 9.70 4.96 17.22
C ASN B 29 10.84 5.57 18.03
N GLU B 30 11.52 4.76 18.84
CA GLU B 30 12.64 5.24 19.65
C GLU B 30 13.98 4.95 18.96
N ILE B 31 14.10 3.80 18.29
CA ILE B 31 15.32 3.42 17.60
C ILE B 31 15.39 4.09 16.24
N PHE B 32 14.33 3.94 15.43
CA PHE B 32 14.25 4.56 14.12
C PHE B 32 13.84 6.03 14.17
N GLY B 33 13.50 6.51 15.37
CA GLY B 33 13.05 7.88 15.58
C GLY B 33 14.14 8.92 15.31
N PRO B 34 15.31 8.80 15.98
CA PRO B 34 16.39 9.76 15.81
C PRO B 34 17.05 9.61 14.45
N PHE B 35 16.78 8.51 13.74
CA PHE B 35 17.35 8.28 12.42
C PHE B 35 16.69 9.06 11.29
N GLY B 36 15.41 9.41 11.45
CA GLY B 36 14.70 10.19 10.45
C GLY B 36 13.24 10.42 10.82
N PRO B 37 12.48 11.05 9.92
CA PRO B 37 11.10 11.45 10.14
C PRO B 37 10.16 10.24 10.19
N MET B 38 10.63 9.07 9.72
CA MET B 38 9.89 7.80 9.68
C MET B 38 8.39 7.97 9.42
N LYS B 39 7.98 7.83 8.15
CA LYS B 39 6.60 8.00 7.75
C LYS B 39 5.68 7.04 8.49
N GLU B 40 6.14 5.79 8.69
CA GLU B 40 5.32 4.74 9.27
C GLU B 40 6.18 3.56 9.69
N VAL B 41 5.70 2.78 10.65
CA VAL B 41 6.34 1.53 11.03
C VAL B 41 5.24 0.47 11.08
N LYS B 42 5.37 -0.55 10.22
CA LYS B 42 4.46 -1.68 10.19
C LYS B 42 5.11 -2.87 10.88
N ILE B 43 4.85 -3.01 12.18
CA ILE B 43 5.23 -4.21 12.93
C ILE B 43 4.09 -5.21 12.91
N LEU B 44 4.43 -6.49 12.87
CA LEU B 44 3.47 -7.57 12.78
C LEU B 44 4.14 -8.86 13.24
N ASN B 45 3.38 -9.96 13.27
CA ASN B 45 3.85 -11.21 13.84
C ASN B 45 5.16 -11.69 13.20
N GLY B 46 6.27 -11.56 13.95
CA GLY B 46 7.55 -12.15 13.59
C GLY B 46 8.50 -11.18 12.91
N PHE B 47 8.01 -10.01 12.48
CA PHE B 47 8.84 -9.02 11.80
C PHE B 47 8.23 -7.62 11.72
N ALA B 48 8.97 -6.68 11.14
CA ALA B 48 8.48 -5.33 10.98
C ALA B 48 9.10 -4.66 9.75
N PHE B 49 8.50 -3.55 9.32
CA PHE B 49 8.97 -2.81 8.17
C PHE B 49 8.79 -1.32 8.47
N VAL B 50 9.88 -0.65 8.87
CA VAL B 50 9.90 0.79 9.07
C VAL B 50 10.07 1.44 7.70
N GLU B 51 9.60 2.67 7.52
CA GLU B 51 9.74 3.38 6.26
C GLU B 51 10.08 4.86 6.50
N PHE B 52 10.92 5.43 5.62
CA PHE B 52 11.39 6.80 5.74
C PHE B 52 10.98 7.71 4.59
N GLU B 53 11.18 9.02 4.77
CA GLU B 53 10.84 10.01 3.75
C GLU B 53 11.93 10.13 2.70
N GLU B 54 13.13 9.63 3.01
CA GLU B 54 14.26 9.73 2.09
C GLU B 54 15.23 8.56 2.29
N ALA B 55 15.98 8.25 1.23
CA ALA B 55 16.88 7.11 1.21
C ALA B 55 18.03 7.29 2.19
N GLU B 56 18.29 8.54 2.58
CA GLU B 56 19.37 8.85 3.49
C GLU B 56 19.03 8.38 4.89
N SER B 57 17.80 8.63 5.33
CA SER B 57 17.36 8.29 6.67
C SER B 57 17.24 6.78 6.82
N ALA B 58 16.79 6.09 5.77
CA ALA B 58 16.65 4.64 5.82
C ALA B 58 18.01 3.95 5.84
N ALA B 59 18.90 4.30 4.90
CA ALA B 59 20.23 3.72 4.84
C ALA B 59 21.01 3.98 6.13
N LYS B 60 20.87 5.18 6.71
CA LYS B 60 21.60 5.54 7.91
C LYS B 60 21.11 4.69 9.08
N ALA B 61 19.80 4.51 9.21
CA ALA B 61 19.26 3.73 10.29
C ALA B 61 19.70 2.27 10.17
N ILE B 62 19.53 1.65 8.99
CA ILE B 62 19.92 0.27 8.78
C ILE B 62 21.40 0.10 9.13
N GLU B 63 22.24 1.02 8.64
CA GLU B 63 23.68 0.94 8.85
C GLU B 63 24.02 0.96 10.34
N GLU B 64 23.18 1.60 11.15
CA GLU B 64 23.45 1.77 12.58
C GLU B 64 22.62 0.83 13.45
N VAL B 65 21.59 0.20 12.87
CA VAL B 65 20.66 -0.65 13.62
C VAL B 65 20.81 -2.14 13.27
N HIS B 66 21.45 -2.45 12.14
CA HIS B 66 21.66 -3.83 11.72
C HIS B 66 22.85 -4.48 12.43
N GLY B 67 23.18 -3.99 13.63
CA GLY B 67 24.39 -4.43 14.33
C GLY B 67 24.33 -4.12 15.81
N LYS B 68 23.12 -4.02 16.38
CA LYS B 68 22.93 -3.70 17.79
C LYS B 68 21.77 -4.52 18.36
N SER B 69 21.11 -4.03 19.41
CA SER B 69 20.05 -4.78 20.07
C SER B 69 19.00 -3.85 20.65
N PHE B 70 17.74 -4.30 20.68
CA PHE B 70 16.67 -3.58 21.36
C PHE B 70 15.84 -4.50 22.26
N ALA B 71 16.25 -5.78 22.35
CA ALA B 71 15.47 -6.81 23.02
C ALA B 71 16.38 -7.95 23.46
N ASN B 72 17.61 -7.62 23.87
CA ASN B 72 18.62 -8.61 24.24
C ASN B 72 18.89 -9.60 23.11
N GLN B 73 18.67 -9.17 21.86
CA GLN B 73 18.88 -10.00 20.69
C GLN B 73 19.58 -9.18 19.60
N PRO B 74 20.56 -9.79 18.91
CA PRO B 74 21.34 -9.12 17.89
C PRO B 74 20.49 -8.84 16.66
N LEU B 75 20.34 -7.56 16.33
CA LEU B 75 19.59 -7.14 15.14
C LEU B 75 20.45 -7.29 13.90
N GLU B 76 19.81 -7.38 12.73
CA GLU B 76 20.49 -7.57 11.46
C GLU B 76 19.59 -7.05 10.34
N VAL B 77 18.95 -5.90 10.55
CA VAL B 77 18.05 -5.28 9.58
C VAL B 77 18.64 -5.27 8.15
N VAL B 78 17.74 -5.37 7.17
CA VAL B 78 18.09 -5.36 5.75
C VAL B 78 16.96 -4.69 4.98
N TYR B 79 17.12 -4.53 3.66
CA TYR B 79 16.11 -3.88 2.85
C TYR B 79 14.89 -4.76 2.56
N SER B 80 13.70 -4.13 2.52
CA SER B 80 12.44 -4.84 2.35
C SER B 80 12.06 -4.97 0.87
N LYS B 81 10.92 -5.62 0.61
CA LYS B 81 10.33 -5.64 -0.72
C LYS B 81 10.01 -4.21 -1.17
N LEU B 82 9.79 -4.04 -2.49
CA LEU B 82 9.68 -2.75 -3.16
C LEU B 82 8.45 -1.97 -2.69
N PRO B 83 8.62 -0.87 -1.94
CA PRO B 83 7.53 0.04 -1.64
C PRO B 83 7.19 0.84 -2.89
N ALA B 84 5.96 1.33 -2.99
CA ALA B 84 5.48 1.92 -4.22
C ALA B 84 4.25 2.81 -3.99
N LYS B 85 4.11 3.85 -4.81
CA LYS B 85 2.91 4.66 -4.88
C LYS B 85 1.90 3.99 -5.81
N ARG B 86 0.63 4.37 -5.68
CA ARG B 86 -0.44 3.82 -6.51
C ARG B 86 -1.47 4.91 -6.81
N TYR B 87 -2.37 4.63 -7.74
CA TYR B 87 -3.46 5.52 -8.06
C TYR B 87 -4.79 4.99 -7.54
N ARG B 88 -5.78 5.85 -7.30
CA ARG B 88 -7.08 5.41 -6.84
C ARG B 88 -8.15 6.39 -7.31
N ILE B 89 -9.38 5.89 -7.48
CA ILE B 89 -10.50 6.71 -7.92
C ILE B 89 -11.77 6.31 -7.17
N THR B 90 -12.73 7.23 -7.13
CA THR B 90 -13.99 6.99 -6.45
C THR B 90 -14.96 6.44 -7.50
N MET B 91 -15.72 5.42 -7.13
CA MET B 91 -16.71 4.83 -8.02
C MET B 91 -18.05 4.71 -7.30
N LYS B 92 -19.12 4.75 -8.09
CA LYS B 92 -20.48 4.61 -7.58
C LYS B 92 -21.18 3.53 -8.39
N ASN B 93 -22.07 2.79 -7.74
CA ASN B 93 -22.81 1.73 -8.39
C ASN B 93 -24.10 1.49 -7.59
N LEU B 94 -24.52 0.24 -7.42
CA LEU B 94 -25.75 -0.11 -6.72
C LEU B 94 -25.54 -1.36 -5.86
N PRO B 95 -26.24 -1.44 -4.72
CA PRO B 95 -26.07 -2.49 -3.74
C PRO B 95 -26.70 -3.81 -4.21
N GLU B 96 -26.05 -4.47 -5.18
CA GLU B 96 -26.53 -5.78 -5.64
C GLU B 96 -25.41 -6.57 -6.33
N GLY B 97 -25.16 -7.77 -5.82
CA GLY B 97 -24.22 -8.73 -6.39
C GLY B 97 -22.77 -8.24 -6.35
N CYS B 98 -22.54 -6.97 -6.02
CA CYS B 98 -21.21 -6.39 -6.09
C CYS B 98 -20.33 -6.76 -4.90
N SER B 99 -19.05 -7.01 -5.18
CA SER B 99 -18.01 -7.20 -4.18
C SER B 99 -16.67 -6.97 -4.88
N TRP B 100 -15.60 -6.75 -4.13
CA TRP B 100 -14.33 -6.35 -4.73
C TRP B 100 -13.85 -7.40 -5.72
N GLN B 101 -14.30 -8.66 -5.59
CA GLN B 101 -13.96 -9.71 -6.54
C GLN B 101 -14.56 -9.41 -7.91
N ASP B 102 -15.78 -8.87 -7.93
CA ASP B 102 -16.53 -8.69 -9.16
C ASP B 102 -15.95 -7.51 -9.91
N LEU B 103 -15.46 -6.49 -9.19
CA LEU B 103 -14.92 -5.30 -9.82
C LEU B 103 -13.54 -5.58 -10.40
N LYS B 104 -12.79 -6.55 -9.85
CA LYS B 104 -11.52 -6.96 -10.41
C LYS B 104 -11.74 -7.65 -11.75
N ASP B 105 -12.79 -8.47 -11.84
CA ASP B 105 -13.12 -9.15 -13.08
C ASP B 105 -13.75 -8.20 -14.08
N LEU B 106 -14.59 -7.29 -13.61
CA LEU B 106 -15.22 -6.29 -14.45
C LEU B 106 -14.17 -5.45 -15.16
N ALA B 107 -13.13 -5.03 -14.42
CA ALA B 107 -12.13 -4.12 -14.94
C ALA B 107 -11.25 -4.82 -15.98
N ARG B 108 -10.92 -6.09 -15.74
CA ARG B 108 -10.04 -6.84 -16.63
C ARG B 108 -10.81 -7.32 -17.86
N GLU B 109 -12.14 -7.23 -17.85
CA GLU B 109 -12.93 -7.63 -19.00
C GLU B 109 -13.18 -6.47 -19.98
N ASN B 110 -12.57 -5.32 -19.74
CA ASN B 110 -12.68 -4.18 -20.63
C ASN B 110 -11.38 -4.01 -21.41
N SER B 111 -10.31 -3.61 -20.70
CA SER B 111 -9.00 -3.41 -21.31
C SER B 111 -7.95 -3.14 -20.24
N LEU B 112 -8.35 -2.42 -19.19
CA LEU B 112 -7.45 -2.06 -18.09
C LEU B 112 -7.39 -3.20 -17.07
N GLU B 113 -6.68 -2.97 -15.96
CA GLU B 113 -6.58 -3.94 -14.90
C GLU B 113 -6.29 -3.24 -13.57
N THR B 114 -6.96 -3.68 -12.50
CA THR B 114 -6.78 -3.12 -11.18
C THR B 114 -5.70 -3.83 -10.37
N THR B 115 -5.01 -3.10 -9.51
CA THR B 115 -4.04 -3.68 -8.58
C THR B 115 -4.77 -4.00 -7.28
N PHE B 116 -5.91 -3.33 -7.05
CA PHE B 116 -6.70 -3.51 -5.83
C PHE B 116 -8.12 -2.95 -5.96
N SER B 117 -9.07 -3.56 -5.24
CA SER B 117 -10.47 -3.16 -5.31
C SER B 117 -11.09 -3.13 -3.92
N SER B 118 -12.00 -2.20 -3.66
CA SER B 118 -12.62 -2.09 -2.34
C SER B 118 -14.06 -1.58 -2.43
N VAL B 119 -14.80 -1.75 -1.32
CA VAL B 119 -16.16 -1.29 -1.16
C VAL B 119 -16.19 -0.56 0.18
N ASN B 120 -16.14 0.77 0.13
CA ASN B 120 -16.03 1.62 1.30
C ASN B 120 -17.42 1.94 1.87
N THR B 121 -18.19 0.90 2.21
CA THR B 121 -19.53 1.07 2.74
C THR B 121 -19.83 -0.17 3.60
N ARG B 122 -20.28 0.07 4.83
CA ARG B 122 -20.55 -1.01 5.79
C ARG B 122 -21.96 -1.56 5.61
N ASP B 123 -22.91 -0.71 5.21
CA ASP B 123 -24.28 -1.12 4.96
C ASP B 123 -24.36 -1.68 3.53
N PHE B 124 -23.22 -1.68 2.83
CA PHE B 124 -23.11 -2.07 1.44
C PHE B 124 -24.00 -1.29 0.49
N ASP B 125 -23.42 -0.29 -0.18
CA ASP B 125 -24.15 0.59 -1.08
C ASP B 125 -23.83 0.34 -2.55
N GLY B 126 -23.03 -0.69 -2.83
CA GLY B 126 -22.58 -0.98 -4.18
C GLY B 126 -21.37 -0.14 -4.57
N THR B 127 -21.28 1.07 -4.00
CA THR B 127 -20.15 1.96 -4.19
C THR B 127 -18.85 1.44 -3.59
N GLY B 128 -17.71 2.01 -4.00
CA GLY B 128 -16.42 1.58 -3.51
C GLY B 128 -15.31 2.44 -4.11
N ALA B 129 -14.19 1.80 -4.47
CA ALA B 129 -13.07 2.50 -5.07
C ALA B 129 -12.13 1.49 -5.74
N LEU B 130 -11.46 1.91 -6.81
CA LEU B 130 -10.53 1.04 -7.54
C LEU B 130 -9.15 1.69 -7.58
N GLU B 131 -8.10 0.86 -7.49
CA GLU B 131 -6.73 1.35 -7.57
C GLU B 131 -6.07 0.96 -8.88
N PHE B 132 -5.04 1.70 -9.28
CA PHE B 132 -4.32 1.48 -10.52
C PHE B 132 -2.80 1.62 -10.35
N PRO B 133 -2.03 0.89 -11.16
CA PRO B 133 -0.57 0.92 -11.12
C PRO B 133 0.01 2.24 -11.65
N SER B 134 -0.76 3.02 -12.42
CA SER B 134 -0.25 4.26 -12.99
C SER B 134 -1.39 5.23 -13.33
N GLU B 135 -1.03 6.48 -13.62
CA GLU B 135 -1.97 7.51 -14.01
C GLU B 135 -2.56 7.18 -15.38
N GLU B 136 -1.78 6.47 -16.21
CA GLU B 136 -2.19 6.11 -17.55
C GLU B 136 -3.39 5.18 -17.54
N ILE B 137 -3.71 4.62 -16.37
CA ILE B 137 -4.88 3.74 -16.23
C ILE B 137 -6.05 4.52 -15.66
N LEU B 138 -5.75 5.55 -14.86
CA LEU B 138 -6.79 6.38 -14.25
C LEU B 138 -7.46 7.24 -15.33
N VAL B 139 -6.66 7.86 -16.19
CA VAL B 139 -7.17 8.72 -17.25
C VAL B 139 -7.88 7.91 -18.34
N GLU B 140 -7.73 6.58 -18.32
CA GLU B 140 -8.39 5.71 -19.29
C GLU B 140 -9.61 5.04 -18.68
N ALA B 141 -9.55 4.69 -17.39
CA ALA B 141 -10.64 3.99 -16.73
C ALA B 141 -11.90 4.84 -16.69
N LEU B 142 -11.73 6.16 -16.68
CA LEU B 142 -12.85 7.09 -16.63
C LEU B 142 -13.57 7.20 -17.98
N GLU B 143 -13.16 6.38 -18.96
CA GLU B 143 -13.82 6.38 -20.26
C GLU B 143 -14.20 4.95 -20.68
N ARG B 144 -13.47 3.95 -20.18
CA ARG B 144 -13.71 2.55 -20.52
C ARG B 144 -14.53 1.85 -19.44
N LEU B 145 -14.18 2.09 -18.17
CA LEU B 145 -14.88 1.52 -17.04
C LEU B 145 -16.02 2.45 -16.59
N ASN B 146 -16.21 3.57 -17.28
CA ASN B 146 -17.28 4.50 -16.93
C ASN B 146 -18.60 4.12 -17.60
N ASN B 147 -19.62 3.89 -16.77
CA ASN B 147 -21.02 3.74 -17.20
C ASN B 147 -21.18 2.64 -18.27
N ILE B 148 -20.42 1.56 -18.14
CA ILE B 148 -20.43 0.45 -19.10
C ILE B 148 -21.68 -0.42 -18.92
N GLU B 149 -22.48 -0.14 -17.89
CA GLU B 149 -23.60 -0.97 -17.45
C GLU B 149 -23.11 -2.31 -16.89
N PHE B 150 -23.04 -2.38 -15.55
CA PHE B 150 -22.57 -3.55 -14.83
C PHE B 150 -23.71 -4.14 -14.02
N ARG B 151 -24.09 -5.38 -14.34
CA ARG B 151 -25.23 -6.07 -13.71
C ARG B 151 -26.52 -5.25 -13.87
N GLY B 152 -26.54 -4.33 -14.83
CA GLY B 152 -27.70 -3.46 -15.06
C GLY B 152 -27.55 -2.15 -14.28
N SER B 153 -26.51 -2.06 -13.45
CA SER B 153 -26.18 -0.85 -12.72
C SER B 153 -25.30 0.05 -13.59
N VAL B 154 -24.61 1.02 -12.99
CA VAL B 154 -23.78 1.97 -13.73
C VAL B 154 -22.60 2.33 -12.84
N ILE B 155 -21.39 2.12 -13.37
CA ILE B 155 -20.15 2.44 -12.68
C ILE B 155 -19.78 3.90 -12.92
N THR B 156 -19.70 4.69 -11.86
CA THR B 156 -19.30 6.09 -11.94
C THR B 156 -17.86 6.33 -11.53
N VAL B 157 -16.93 5.51 -12.04
CA VAL B 157 -15.52 5.69 -11.76
C VAL B 157 -15.11 7.10 -12.18
N GLU B 158 -14.58 7.87 -11.23
CA GLU B 158 -14.10 9.21 -11.48
C GLU B 158 -12.97 9.57 -10.53
N ARG B 159 -12.10 10.48 -10.95
CA ARG B 159 -10.94 10.87 -10.16
C ARG B 159 -11.37 11.52 -8.84
N ASP B 160 -10.63 11.21 -7.78
CA ASP B 160 -10.85 11.80 -6.47
C ASP B 160 -9.54 12.35 -5.91
N ASP B 161 -8.58 12.64 -6.79
CA ASP B 161 -7.27 13.17 -6.39
C ASP B 161 -6.65 12.35 -5.26
N ASN B 162 -6.43 11.06 -5.52
CA ASN B 162 -5.97 10.12 -4.51
C ASN B 162 -4.73 10.65 -3.78
N PRO B 163 -4.60 10.35 -2.47
CA PRO B 163 -3.47 10.73 -1.67
C PRO B 163 -2.27 9.82 -1.99
N PRO B 164 -1.05 10.35 -1.91
CA PRO B 164 0.16 9.57 -2.10
C PRO B 164 0.22 8.31 -1.20
N PRO B 165 -0.04 8.42 0.11
CA PRO B 165 -0.14 7.26 0.98
C PRO B 165 -1.42 6.48 0.69
N ILE B 166 -1.48 5.23 1.16
CA ILE B 166 -2.59 4.34 0.85
C ILE B 166 -3.88 4.81 1.54
N ARG B 167 -3.76 5.63 2.59
CA ARG B 167 -4.92 6.14 3.34
C ARG B 167 -4.72 7.60 3.71
N ARG B 168 -5.81 8.25 4.16
CA ARG B 168 -5.80 9.66 4.53
C ARG B 168 -6.77 9.89 5.69
N SER B 169 -6.65 11.06 6.34
CA SER B 169 -7.51 11.42 7.46
C SER B 169 -7.59 12.94 7.59
N MET B 1 17.79 -11.26 -17.75
CA MET B 1 17.97 -9.94 -18.39
C MET B 1 18.98 -9.11 -17.60
N HIS B 2 19.58 -8.11 -18.26
CA HIS B 2 20.57 -7.24 -17.64
C HIS B 2 19.89 -6.24 -16.69
N HIS B 3 18.62 -5.93 -16.94
CA HIS B 3 17.86 -5.00 -16.11
C HIS B 3 17.59 -5.61 -14.74
N ARG B 4 17.42 -4.74 -13.72
CA ARG B 4 17.14 -5.16 -12.36
C ARG B 4 16.23 -4.15 -11.67
N GLN B 5 15.56 -4.56 -10.60
CA GLN B 5 14.72 -3.68 -9.81
C GLN B 5 14.61 -4.17 -8.36
N GLU B 6 15.02 -5.42 -8.09
CA GLU B 6 14.98 -5.97 -6.75
C GLU B 6 16.11 -5.41 -5.91
N GLY B 7 15.82 -5.01 -4.67
CA GLY B 7 16.82 -4.47 -3.77
C GLY B 7 17.29 -3.07 -4.18
N GLU B 8 16.55 -2.42 -5.09
CA GLU B 8 16.87 -1.08 -5.57
C GLU B 8 15.90 -0.05 -5.00
N LEU B 9 15.58 -0.18 -3.71
CA LEU B 9 14.63 0.69 -3.02
C LEU B 9 15.18 2.11 -2.88
N SER B 10 14.30 3.04 -2.49
CA SER B 10 14.64 4.45 -2.35
C SER B 10 15.48 4.70 -1.09
N ASN B 11 15.98 3.63 -0.47
CA ASN B 11 16.78 3.71 0.74
C ASN B 11 15.97 4.32 1.89
N THR B 12 14.76 3.80 2.13
CA THR B 12 13.91 4.32 3.21
C THR B 12 13.33 3.22 4.09
N ARG B 13 12.78 2.14 3.50
CA ARG B 13 12.27 1.03 4.29
C ARG B 13 13.40 0.13 4.80
N LEU B 14 13.27 -0.33 6.05
CA LEU B 14 14.32 -1.09 6.72
C LEU B 14 13.73 -2.38 7.30
N PHE B 15 14.14 -3.52 6.76
CA PHE B 15 13.64 -4.82 7.18
C PHE B 15 14.35 -5.35 8.43
N VAL B 16 13.60 -5.46 9.53
CA VAL B 16 14.11 -6.09 10.74
C VAL B 16 13.54 -7.51 10.85
N ARG B 17 14.18 -8.37 11.65
CA ARG B 17 13.76 -9.76 11.74
C ARG B 17 13.85 -10.25 13.18
N PRO B 18 15.01 -10.10 13.86
CA PRO B 18 15.14 -10.49 15.24
C PRO B 18 14.22 -9.64 16.12
N PHE B 19 13.20 -10.28 16.69
CA PHE B 19 12.28 -9.66 17.63
C PHE B 19 11.96 -10.53 18.84
N PRO B 20 11.56 -9.92 19.95
CA PRO B 20 11.12 -10.64 21.14
C PRO B 20 9.76 -11.29 20.85
N LEU B 21 8.66 -10.56 21.07
CA LEU B 21 7.32 -11.04 20.78
C LEU B 21 6.28 -9.94 20.99
N ASP B 22 6.49 -9.10 22.00
CA ASP B 22 5.55 -8.03 22.35
C ASP B 22 6.18 -6.68 22.04
N VAL B 23 7.03 -6.64 21.01
CA VAL B 23 7.69 -5.42 20.58
C VAL B 23 6.60 -4.40 20.21
N GLN B 24 5.66 -4.79 19.35
CA GLN B 24 4.43 -4.06 19.03
C GLN B 24 4.58 -2.54 19.12
N GLU B 25 5.51 -1.98 18.34
CA GLU B 25 5.66 -0.53 18.21
C GLU B 25 5.81 0.12 19.59
N SER B 26 6.84 -0.31 20.34
CA SER B 26 7.07 0.22 21.69
C SER B 26 8.55 0.54 21.92
N GLU B 27 9.44 0.07 21.04
CA GLU B 27 10.86 0.35 21.15
C GLU B 27 11.49 0.76 19.82
N LEU B 28 10.81 0.50 18.70
CA LEU B 28 11.25 0.97 17.41
C LEU B 28 11.22 2.50 17.40
N ASN B 29 10.19 3.07 18.02
CA ASN B 29 10.04 4.52 18.13
C ASN B 29 11.14 5.11 19.00
N GLU B 30 11.82 4.27 19.78
CA GLU B 30 12.91 4.72 20.64
C GLU B 30 14.27 4.54 19.97
N ILE B 31 14.44 3.44 19.22
CA ILE B 31 15.70 3.14 18.54
C ILE B 31 15.78 3.91 17.23
N PHE B 32 14.73 3.81 16.41
CA PHE B 32 14.66 4.51 15.14
C PHE B 32 14.22 5.97 15.28
N GLY B 33 13.83 6.37 16.50
CA GLY B 33 13.34 7.70 16.79
C GLY B 33 14.40 8.79 16.61
N PRO B 34 15.56 8.67 17.29
CA PRO B 34 16.62 9.65 17.21
C PRO B 34 17.29 9.66 15.83
N PHE B 35 17.05 8.65 15.00
CA PHE B 35 17.63 8.58 13.67
C PHE B 35 16.95 9.45 12.62
N GLY B 36 15.66 9.74 12.81
CA GLY B 36 14.92 10.58 11.87
C GLY B 36 13.44 10.67 12.24
N PRO B 37 12.66 11.38 11.43
CA PRO B 37 11.25 11.64 11.68
C PRO B 37 10.40 10.37 11.54
N MET B 38 10.96 9.30 10.99
CA MET B 38 10.33 7.99 10.80
C MET B 38 8.82 8.07 10.50
N LYS B 39 8.47 8.05 9.21
CA LYS B 39 7.08 8.18 8.79
C LYS B 39 6.22 7.08 9.39
N GLU B 40 6.74 5.86 9.45
CA GLU B 40 5.95 4.70 9.84
C GLU B 40 6.85 3.56 10.31
N VAL B 41 6.34 2.74 11.22
CA VAL B 41 6.99 1.49 11.59
C VAL B 41 5.90 0.41 11.54
N LYS B 42 6.03 -0.51 10.58
CA LYS B 42 5.10 -1.63 10.45
C LYS B 42 5.74 -2.88 11.04
N ILE B 43 5.50 -3.12 12.32
CA ILE B 43 5.89 -4.37 12.97
C ILE B 43 4.76 -5.37 12.86
N LEU B 44 5.12 -6.65 12.71
CA LEU B 44 4.16 -7.72 12.54
C LEU B 44 4.83 -9.04 12.88
N ASN B 45 4.08 -10.14 12.85
CA ASN B 45 4.56 -11.43 13.34
C ASN B 45 5.88 -11.84 12.65
N GLY B 46 6.98 -11.75 13.42
CA GLY B 46 8.27 -12.30 13.02
C GLY B 46 9.21 -11.26 12.40
N PHE B 47 8.72 -10.05 12.10
CA PHE B 47 9.55 -9.01 11.50
C PHE B 47 8.95 -7.61 11.55
N ALA B 48 9.67 -6.61 11.02
CA ALA B 48 9.17 -5.26 10.98
C ALA B 48 9.76 -4.49 9.81
N PHE B 49 9.16 -3.34 9.49
CA PHE B 49 9.61 -2.49 8.40
C PHE B 49 9.43 -1.04 8.84
N VAL B 50 10.53 -0.40 9.25
CA VAL B 50 10.55 1.02 9.55
C VAL B 50 10.75 1.80 8.26
N GLU B 51 10.27 3.05 8.19
CA GLU B 51 10.43 3.88 7.01
C GLU B 51 10.72 5.33 7.38
N PHE B 52 11.55 6.01 6.59
CA PHE B 52 11.97 7.38 6.86
C PHE B 52 11.58 8.39 5.79
N GLU B 53 11.76 9.68 6.09
CA GLU B 53 11.41 10.75 5.17
C GLU B 53 12.60 11.08 4.26
N GLU B 54 13.80 10.63 4.66
CA GLU B 54 15.01 10.90 3.92
C GLU B 54 15.84 9.62 3.81
N ALA B 55 16.52 9.44 2.68
CA ALA B 55 17.37 8.28 2.47
C ALA B 55 18.53 8.27 3.46
N GLU B 56 18.90 9.44 3.95
CA GLU B 56 20.00 9.59 4.89
C GLU B 56 19.65 9.09 6.28
N SER B 57 18.41 9.36 6.73
CA SER B 57 17.98 8.93 8.05
C SER B 57 17.85 7.41 8.09
N ALA B 58 17.40 6.83 6.98
CA ALA B 58 17.27 5.39 6.84
C ALA B 58 18.64 4.70 6.84
N ALA B 59 19.53 5.12 5.95
CA ALA B 59 20.86 4.52 5.85
C ALA B 59 21.61 4.64 7.18
N LYS B 60 21.44 5.75 7.89
CA LYS B 60 22.11 5.97 9.16
C LYS B 60 21.60 5.00 10.22
N ALA B 61 20.28 4.82 10.29
CA ALA B 61 19.69 3.93 11.28
C ALA B 61 20.08 2.49 11.00
N ILE B 62 20.02 2.05 9.74
CA ILE B 62 20.42 0.70 9.39
C ILE B 62 21.90 0.50 9.74
N GLU B 63 22.74 1.47 9.40
CA GLU B 63 24.18 1.37 9.64
C GLU B 63 24.48 1.25 11.14
N GLU B 64 23.60 1.78 12.00
CA GLU B 64 23.82 1.76 13.44
C GLU B 64 23.03 0.67 14.14
N VAL B 65 21.93 0.19 13.55
CA VAL B 65 21.07 -0.79 14.18
C VAL B 65 21.38 -2.21 13.69
N HIS B 66 22.00 -2.36 12.50
CA HIS B 66 22.29 -3.67 11.94
C HIS B 66 23.48 -4.34 12.64
N GLY B 67 23.73 -4.02 13.90
CA GLY B 67 24.91 -4.52 14.60
C GLY B 67 24.81 -4.31 16.11
N LYS B 68 23.57 -4.26 16.65
CA LYS B 68 23.35 -4.07 18.07
C LYS B 68 22.17 -4.92 18.53
N SER B 69 21.52 -4.54 19.63
CA SER B 69 20.45 -5.34 20.23
C SER B 69 19.41 -4.46 20.90
N PHE B 70 18.16 -4.90 20.89
CA PHE B 70 17.08 -4.27 21.63
C PHE B 70 16.27 -5.27 22.47
N ALA B 71 16.67 -6.54 22.43
CA ALA B 71 15.91 -7.63 23.04
C ALA B 71 16.82 -8.82 23.33
N ASN B 72 18.07 -8.54 23.74
CA ASN B 72 19.07 -9.57 24.00
C ASN B 72 19.31 -10.45 22.76
N GLN B 73 19.09 -9.88 21.56
CA GLN B 73 19.28 -10.59 20.30
C GLN B 73 19.99 -9.67 19.31
N PRO B 74 20.96 -10.20 18.56
CA PRO B 74 21.75 -9.44 17.61
C PRO B 74 20.88 -9.03 16.42
N LEU B 75 20.74 -7.73 16.21
CA LEU B 75 19.99 -7.19 15.08
C LEU B 75 20.87 -7.19 13.83
N GLU B 76 20.24 -7.23 12.66
CA GLU B 76 20.92 -7.37 11.38
C GLU B 76 20.13 -6.66 10.28
N VAL B 77 19.49 -5.54 10.61
CA VAL B 77 18.66 -4.79 9.67
C VAL B 77 19.25 -4.67 8.26
N VAL B 78 18.38 -4.71 7.26
CA VAL B 78 18.76 -4.57 5.85
C VAL B 78 17.61 -3.85 5.14
N TYR B 79 17.76 -3.61 3.84
CA TYR B 79 16.74 -2.91 3.08
C TYR B 79 15.56 -3.80 2.69
N SER B 80 14.36 -3.22 2.66
CA SER B 80 13.12 -3.96 2.42
C SER B 80 12.78 -4.00 0.93
N LYS B 81 11.65 -4.64 0.60
CA LYS B 81 11.10 -4.60 -0.76
C LYS B 81 10.74 -3.17 -1.14
N LEU B 82 10.54 -2.94 -2.44
CA LEU B 82 10.39 -1.62 -3.03
C LEU B 82 9.05 -0.99 -2.66
N PRO B 83 9.05 0.15 -1.94
CA PRO B 83 7.85 0.94 -1.73
C PRO B 83 7.22 1.30 -3.07
N ALA B 84 5.93 1.60 -3.08
CA ALA B 84 5.20 1.75 -4.32
C ALA B 84 4.02 2.72 -4.18
N LYS B 85 3.51 3.18 -5.33
CA LYS B 85 2.33 4.03 -5.41
C LYS B 85 1.47 3.57 -6.59
N ARG B 86 0.18 3.86 -6.55
CA ARG B 86 -0.76 3.44 -7.58
C ARG B 86 -1.88 4.47 -7.67
N TYR B 87 -2.75 4.31 -8.66
CA TYR B 87 -3.83 5.23 -8.92
C TYR B 87 -5.16 4.73 -8.37
N ARG B 88 -6.11 5.63 -8.11
CA ARG B 88 -7.42 5.24 -7.60
C ARG B 88 -8.49 6.19 -8.10
N ILE B 89 -9.73 5.71 -8.18
CA ILE B 89 -10.84 6.49 -8.70
C ILE B 89 -12.09 6.28 -7.87
N THR B 90 -12.99 7.25 -7.91
CA THR B 90 -14.26 7.17 -7.20
C THR B 90 -15.28 6.59 -8.17
N MET B 91 -16.06 5.63 -7.70
CA MET B 91 -17.07 4.99 -8.52
C MET B 91 -18.40 4.93 -7.78
N LYS B 92 -19.49 4.98 -8.54
CA LYS B 92 -20.84 4.89 -8.00
C LYS B 92 -21.58 3.81 -8.75
N ASN B 93 -22.45 3.08 -8.05
CA ASN B 93 -23.21 2.00 -8.63
C ASN B 93 -24.49 1.80 -7.80
N LEU B 94 -24.92 0.55 -7.59
CA LEU B 94 -26.14 0.25 -6.86
C LEU B 94 -25.93 -0.95 -5.95
N PRO B 95 -26.58 -0.96 -4.77
CA PRO B 95 -26.38 -1.96 -3.74
C PRO B 95 -27.07 -3.28 -4.12
N GLU B 96 -26.41 -4.10 -4.93
CA GLU B 96 -26.92 -5.42 -5.25
C GLU B 96 -25.82 -6.35 -5.74
N GLY B 97 -25.56 -7.39 -4.96
CA GLY B 97 -24.61 -8.46 -5.28
C GLY B 97 -23.17 -7.98 -5.45
N CYS B 98 -22.93 -6.67 -5.39
CA CYS B 98 -21.62 -6.11 -5.66
C CYS B 98 -20.63 -6.40 -4.52
N SER B 99 -19.40 -6.75 -4.91
CA SER B 99 -18.27 -6.91 -4.00
C SER B 99 -16.99 -6.75 -4.81
N TRP B 100 -15.86 -6.56 -4.14
CA TRP B 100 -14.61 -6.26 -4.82
C TRP B 100 -14.26 -7.37 -5.81
N GLN B 101 -14.81 -8.57 -5.61
CA GLN B 101 -14.62 -9.71 -6.50
C GLN B 101 -15.27 -9.45 -7.87
N ASP B 102 -16.48 -8.90 -7.86
CA ASP B 102 -17.23 -8.64 -9.08
C ASP B 102 -16.70 -7.47 -9.88
N LEU B 103 -16.16 -6.45 -9.22
CA LEU B 103 -15.61 -5.30 -9.92
C LEU B 103 -14.26 -5.66 -10.54
N LYS B 104 -13.56 -6.66 -9.99
CA LYS B 104 -12.32 -7.14 -10.60
C LYS B 104 -12.61 -7.84 -11.91
N ASP B 105 -13.62 -8.71 -11.92
CA ASP B 105 -13.98 -9.46 -13.12
C ASP B 105 -14.66 -8.51 -14.11
N LEU B 106 -15.50 -7.60 -13.62
CA LEU B 106 -16.17 -6.64 -14.46
C LEU B 106 -15.16 -5.79 -15.24
N ALA B 107 -14.08 -5.37 -14.58
CA ALA B 107 -13.10 -4.48 -15.18
C ALA B 107 -12.29 -5.20 -16.25
N ARG B 108 -11.95 -6.47 -16.02
CA ARG B 108 -11.13 -7.24 -16.96
C ARG B 108 -11.98 -7.71 -18.15
N GLU B 109 -13.31 -7.60 -18.05
CA GLU B 109 -14.20 -7.99 -19.15
C GLU B 109 -14.37 -6.87 -20.17
N ASN B 110 -13.39 -5.95 -20.26
CA ASN B 110 -13.42 -4.88 -21.24
C ASN B 110 -12.07 -4.78 -21.95
N SER B 111 -11.04 -4.35 -21.22
CA SER B 111 -9.69 -4.25 -21.78
C SER B 111 -8.68 -3.98 -20.67
N LEU B 112 -9.07 -3.19 -19.67
CA LEU B 112 -8.19 -2.80 -18.58
C LEU B 112 -8.16 -3.87 -17.50
N GLU B 113 -7.43 -3.61 -16.41
CA GLU B 113 -7.35 -4.52 -15.28
C GLU B 113 -7.05 -3.74 -14.00
N THR B 114 -7.65 -4.15 -12.89
CA THR B 114 -7.46 -3.51 -11.60
C THR B 114 -6.40 -4.20 -10.74
N THR B 115 -5.66 -3.43 -9.96
CA THR B 115 -4.66 -3.98 -9.06
C THR B 115 -5.32 -4.20 -7.70
N PHE B 116 -6.39 -3.44 -7.40
CA PHE B 116 -7.07 -3.53 -6.11
C PHE B 116 -8.46 -2.92 -6.19
N SER B 117 -9.40 -3.44 -5.38
CA SER B 117 -10.79 -3.02 -5.41
C SER B 117 -11.36 -2.88 -4.00
N SER B 118 -12.24 -1.89 -3.79
CA SER B 118 -12.81 -1.66 -2.47
C SER B 118 -14.24 -1.15 -2.56
N VAL B 119 -15.00 -1.32 -1.46
CA VAL B 119 -16.36 -0.82 -1.31
C VAL B 119 -16.35 -0.06 0.01
N ASN B 120 -16.30 1.28 -0.08
CA ASN B 120 -16.22 2.15 1.08
C ASN B 120 -17.60 2.66 1.44
N THR B 121 -18.40 1.81 2.10
CA THR B 121 -19.76 2.16 2.49
C THR B 121 -20.12 1.22 3.65
N ARG B 122 -20.75 1.77 4.70
CA ARG B 122 -21.09 1.03 5.90
C ARG B 122 -22.34 0.19 5.67
N ASP B 123 -23.40 0.81 5.14
CA ASP B 123 -24.68 0.15 4.92
C ASP B 123 -24.74 -0.52 3.55
N PHE B 124 -23.60 -0.55 2.85
CA PHE B 124 -23.46 -1.05 1.49
C PHE B 124 -24.36 -0.34 0.48
N ASP B 125 -23.77 0.55 -0.31
CA ASP B 125 -24.50 1.35 -1.29
C ASP B 125 -24.18 0.97 -2.73
N GLY B 126 -23.41 -0.10 -2.93
CA GLY B 126 -22.98 -0.52 -4.26
C GLY B 126 -21.77 0.30 -4.72
N THR B 127 -21.65 1.53 -4.23
CA THR B 127 -20.51 2.39 -4.49
C THR B 127 -19.22 1.86 -3.86
N GLY B 128 -18.06 2.37 -4.31
CA GLY B 128 -16.78 1.93 -3.81
C GLY B 128 -15.65 2.72 -4.46
N ALA B 129 -14.57 2.03 -4.80
CA ALA B 129 -13.43 2.65 -5.48
C ALA B 129 -12.53 1.56 -6.06
N LEU B 130 -11.78 1.92 -7.11
CA LEU B 130 -10.92 0.97 -7.80
C LEU B 130 -9.54 1.57 -7.97
N GLU B 131 -8.50 0.72 -8.05
CA GLU B 131 -7.14 1.19 -8.22
C GLU B 131 -6.52 0.68 -9.51
N PHE B 132 -5.46 1.37 -9.97
CA PHE B 132 -4.78 1.09 -11.22
C PHE B 132 -3.27 1.18 -11.08
N PRO B 133 -2.52 0.37 -11.83
CA PRO B 133 -1.06 0.31 -11.75
C PRO B 133 -0.39 1.59 -12.27
N SER B 134 -1.10 2.40 -13.05
CA SER B 134 -0.56 3.65 -13.60
C SER B 134 -1.69 4.54 -14.12
N GLU B 135 -1.37 5.78 -14.47
CA GLU B 135 -2.36 6.74 -14.93
C GLU B 135 -2.89 6.37 -16.32
N GLU B 136 -2.10 5.64 -17.10
CA GLU B 136 -2.47 5.29 -18.46
C GLU B 136 -3.63 4.29 -18.50
N ILE B 137 -3.99 3.74 -17.33
CA ILE B 137 -5.15 2.86 -17.21
C ILE B 137 -6.30 3.64 -16.57
N LEU B 138 -5.98 4.68 -15.79
CA LEU B 138 -6.97 5.50 -15.12
C LEU B 138 -7.72 6.34 -16.16
N VAL B 139 -6.99 7.08 -17.00
CA VAL B 139 -7.59 7.94 -18.01
C VAL B 139 -8.35 7.13 -19.06
N GLU B 140 -8.13 5.81 -19.09
CA GLU B 140 -8.84 4.93 -20.02
C GLU B 140 -10.07 4.33 -19.35
N ALA B 141 -9.98 4.03 -18.05
CA ALA B 141 -11.06 3.38 -17.32
C ALA B 141 -12.30 4.27 -17.28
N LEU B 142 -12.10 5.60 -17.26
CA LEU B 142 -13.20 6.55 -17.20
C LEU B 142 -13.87 6.71 -18.57
N GLU B 143 -13.49 5.89 -19.54
CA GLU B 143 -14.13 5.91 -20.87
C GLU B 143 -14.58 4.51 -21.28
N ARG B 144 -13.93 3.48 -20.73
CA ARG B 144 -14.25 2.08 -21.05
C ARG B 144 -15.09 1.44 -19.96
N LEU B 145 -14.68 1.64 -18.69
CA LEU B 145 -15.39 1.11 -17.55
C LEU B 145 -16.46 2.09 -17.05
N ASN B 146 -16.63 3.21 -17.76
CA ASN B 146 -17.65 4.19 -17.40
C ASN B 146 -19.00 3.86 -18.04
N ASN B 147 -20.03 3.73 -17.20
CA ASN B 147 -21.43 3.62 -17.63
C ASN B 147 -21.67 2.47 -18.62
N ILE B 148 -20.91 1.37 -18.44
CA ILE B 148 -21.01 0.21 -19.32
C ILE B 148 -22.30 -0.58 -19.06
N GLU B 149 -23.06 -0.17 -18.03
CA GLU B 149 -24.24 -0.87 -17.54
C GLU B 149 -23.88 -2.24 -16.97
N PHE B 150 -23.69 -2.30 -15.65
CA PHE B 150 -23.31 -3.53 -14.97
C PHE B 150 -24.53 -4.19 -14.34
N ARG B 151 -24.98 -5.30 -14.92
CA ARG B 151 -26.10 -6.07 -14.38
C ARG B 151 -27.37 -5.23 -14.28
N GLY B 152 -27.45 -4.14 -15.06
CA GLY B 152 -28.60 -3.25 -15.08
C GLY B 152 -28.32 -1.98 -14.26
N SER B 153 -27.19 -1.95 -13.54
CA SER B 153 -26.74 -0.79 -12.81
C SER B 153 -25.87 0.07 -13.71
N VAL B 154 -25.19 1.07 -13.14
CA VAL B 154 -24.33 1.97 -13.91
C VAL B 154 -23.12 2.34 -13.08
N ILE B 155 -21.93 2.16 -13.65
CA ILE B 155 -20.67 2.48 -13.00
C ILE B 155 -20.27 3.91 -13.33
N THR B 156 -20.12 4.74 -12.31
CA THR B 156 -19.66 6.12 -12.47
C THR B 156 -18.18 6.30 -12.15
N VAL B 157 -17.34 5.34 -12.55
CA VAL B 157 -15.91 5.43 -12.34
C VAL B 157 -15.39 6.74 -12.94
N GLU B 158 -14.77 7.57 -12.11
CA GLU B 158 -14.14 8.80 -12.55
C GLU B 158 -12.96 9.14 -11.65
N ARG B 159 -11.94 9.79 -12.21
CA ARG B 159 -10.74 10.13 -11.47
C ARG B 159 -11.08 11.17 -10.41
N ASP B 160 -10.63 10.92 -9.18
CA ASP B 160 -10.83 11.83 -8.06
C ASP B 160 -9.52 12.52 -7.71
N ASP B 161 -8.53 12.45 -8.60
CA ASP B 161 -7.18 12.96 -8.33
C ASP B 161 -6.68 12.46 -6.97
N ASN B 162 -6.69 11.13 -6.81
CA ASN B 162 -6.45 10.48 -5.53
C ASN B 162 -5.17 10.97 -4.86
N PRO B 163 -5.14 10.94 -3.51
CA PRO B 163 -3.99 11.30 -2.71
C PRO B 163 -2.88 10.25 -2.86
N PRO B 164 -1.73 10.47 -2.21
CA PRO B 164 -0.66 9.49 -2.09
C PRO B 164 -1.19 8.15 -1.54
N PRO B 165 -0.31 7.15 -1.38
CA PRO B 165 -0.68 5.79 -0.99
C PRO B 165 -1.64 5.78 0.22
N ILE B 166 -2.44 4.71 0.30
CA ILE B 166 -3.55 4.61 1.25
C ILE B 166 -3.06 4.65 2.70
N ARG B 167 -1.74 4.50 2.92
CA ARG B 167 -1.17 4.57 4.25
C ARG B 167 0.19 5.26 4.21
N ARG B 168 0.51 6.00 5.28
CA ARG B 168 1.79 6.67 5.44
C ARG B 168 2.21 6.66 6.92
N SER B 169 1.32 6.18 7.79
CA SER B 169 1.58 6.07 9.23
C SER B 169 0.68 4.99 9.83
N MET B 1 10.93 -11.45 -11.65
CA MET B 1 11.17 -10.36 -12.61
C MET B 1 11.58 -9.09 -11.87
N HIS B 2 12.37 -8.23 -12.53
CA HIS B 2 12.85 -6.99 -11.94
C HIS B 2 11.79 -5.89 -11.94
N HIS B 3 10.55 -6.23 -12.28
CA HIS B 3 9.47 -5.27 -12.31
C HIS B 3 9.01 -4.93 -10.90
N ARG B 4 8.83 -3.62 -10.63
CA ARG B 4 8.34 -3.10 -9.35
C ARG B 4 9.25 -3.48 -8.16
N GLN B 5 10.40 -4.11 -8.41
CA GLN B 5 11.33 -4.47 -7.34
C GLN B 5 12.77 -4.53 -7.86
N GLU B 6 13.69 -3.99 -7.07
CA GLU B 6 15.10 -3.96 -7.41
C GLU B 6 15.96 -3.64 -6.18
N GLY B 7 15.33 -3.08 -5.14
CA GLY B 7 16.02 -2.77 -3.90
C GLY B 7 16.78 -1.43 -3.96
N GLU B 8 16.38 -0.54 -4.88
CA GLU B 8 17.01 0.79 -5.02
C GLU B 8 16.06 1.88 -4.56
N LEU B 9 15.44 1.67 -3.40
CA LEU B 9 14.42 2.51 -2.79
C LEU B 9 14.95 3.86 -2.28
N SER B 10 15.98 4.41 -2.93
CA SER B 10 16.52 5.71 -2.60
C SER B 10 16.99 5.81 -1.15
N ASN B 11 17.31 4.67 -0.53
CA ASN B 11 17.84 4.62 0.82
C ASN B 11 16.88 5.25 1.83
N THR B 12 15.62 4.82 1.87
CA THR B 12 14.66 5.30 2.87
C THR B 12 13.87 4.19 3.57
N ARG B 13 13.30 3.25 2.81
CA ARG B 13 12.60 2.11 3.39
C ARG B 13 13.60 1.09 3.96
N LEU B 14 13.29 0.55 5.15
CA LEU B 14 14.20 -0.36 5.86
C LEU B 14 13.46 -1.63 6.27
N PHE B 15 13.85 -2.77 5.68
CA PHE B 15 13.22 -4.05 5.92
C PHE B 15 13.79 -4.74 7.16
N VAL B 16 12.94 -4.96 8.18
CA VAL B 16 13.32 -5.68 9.38
C VAL B 16 12.66 -7.06 9.42
N ARG B 17 13.22 -8.02 10.17
CA ARG B 17 12.78 -9.40 10.08
C ARG B 17 12.77 -10.11 11.45
N PRO B 18 13.87 -10.06 12.22
CA PRO B 18 14.05 -10.80 13.47
C PRO B 18 13.18 -10.32 14.63
N PHE B 19 11.90 -10.03 14.38
CA PHE B 19 10.98 -9.58 15.41
C PHE B 19 10.61 -10.62 16.46
N PRO B 20 10.14 -10.18 17.64
CA PRO B 20 9.58 -11.05 18.64
C PRO B 20 8.21 -11.55 18.16
N LEU B 21 7.13 -10.82 18.46
CA LEU B 21 5.79 -11.16 18.00
C LEU B 21 4.79 -10.05 18.34
N ASP B 22 4.95 -9.40 19.49
CA ASP B 22 4.03 -8.37 19.95
C ASP B 22 4.69 -7.00 19.85
N VAL B 23 5.63 -6.86 18.90
CA VAL B 23 6.34 -5.61 18.69
C VAL B 23 5.32 -4.49 18.38
N GLN B 24 4.45 -4.72 17.39
CA GLN B 24 3.29 -3.89 17.08
C GLN B 24 3.52 -2.40 17.33
N GLU B 25 4.54 -1.83 16.68
CA GLU B 25 4.77 -0.39 16.71
C GLU B 25 4.86 0.12 18.14
N SER B 26 5.79 -0.43 18.92
CA SER B 26 5.95 -0.07 20.33
C SER B 26 7.42 0.15 20.69
N GLU B 27 8.36 -0.26 19.82
CA GLU B 27 9.77 -0.08 20.06
C GLU B 27 10.51 0.39 18.80
N LEU B 28 9.88 0.31 17.63
CA LEU B 28 10.46 0.87 16.42
C LEU B 28 10.52 2.39 16.58
N ASN B 29 9.49 2.96 17.20
CA ASN B 29 9.44 4.40 17.46
C ASN B 29 10.51 4.81 18.48
N GLU B 30 11.08 3.83 19.18
CA GLU B 30 12.12 4.10 20.17
C GLU B 30 13.51 3.87 19.58
N ILE B 31 13.66 2.84 18.74
CA ILE B 31 14.95 2.54 18.11
C ILE B 31 15.18 3.44 16.91
N PHE B 32 14.20 3.51 16.00
CA PHE B 32 14.27 4.36 14.82
C PHE B 32 13.91 5.82 15.11
N GLY B 33 13.48 6.10 16.35
CA GLY B 33 13.05 7.42 16.76
C GLY B 33 14.21 8.42 16.80
N PRO B 34 15.28 8.12 17.55
CA PRO B 34 16.41 9.03 17.68
C PRO B 34 17.22 9.09 16.38
N PHE B 35 16.99 8.15 15.46
CA PHE B 35 17.70 8.12 14.19
C PHE B 35 17.20 9.14 13.17
N GLY B 36 15.93 9.51 13.23
CA GLY B 36 15.37 10.48 12.30
C GLY B 36 13.88 10.71 12.55
N PRO B 37 13.26 11.53 11.68
CA PRO B 37 11.87 11.96 11.83
C PRO B 37 10.87 10.82 11.57
N MET B 38 11.35 9.71 10.98
CA MET B 38 10.57 8.51 10.63
C MET B 38 9.12 8.82 10.26
N LYS B 39 8.86 8.98 8.96
CA LYS B 39 7.53 9.31 8.45
C LYS B 39 6.50 8.27 8.87
N GLU B 40 6.89 6.99 8.86
CA GLU B 40 5.96 5.90 9.14
C GLU B 40 6.74 4.61 9.42
N VAL B 41 6.13 3.70 10.20
CA VAL B 41 6.65 2.36 10.39
C VAL B 41 5.50 1.39 10.17
N LYS B 42 5.65 0.49 9.19
CA LYS B 42 4.66 -0.53 8.89
C LYS B 42 5.17 -1.88 9.37
N ILE B 43 4.81 -2.24 10.60
CA ILE B 43 5.07 -3.57 11.14
C ILE B 43 3.89 -4.48 10.85
N LEU B 44 4.18 -5.76 10.61
CA LEU B 44 3.18 -6.75 10.30
C LEU B 44 3.77 -8.14 10.57
N ASN B 45 2.97 -9.19 10.40
CA ASN B 45 3.40 -10.52 10.83
C ASN B 45 4.69 -10.94 10.13
N GLY B 46 5.77 -11.02 10.90
CA GLY B 46 7.02 -11.61 10.45
C GLY B 46 8.08 -10.57 10.06
N PHE B 47 7.67 -9.31 9.83
CA PHE B 47 8.58 -8.27 9.39
C PHE B 47 8.03 -6.85 9.54
N ALA B 48 8.84 -5.85 9.18
CA ALA B 48 8.41 -4.47 9.22
C ALA B 48 9.15 -3.63 8.19
N PHE B 49 8.67 -2.41 7.97
CA PHE B 49 9.28 -1.50 7.02
C PHE B 49 9.16 -0.08 7.58
N VAL B 50 10.28 0.47 8.04
CA VAL B 50 10.35 1.86 8.47
C VAL B 50 10.69 2.72 7.25
N GLU B 51 10.24 3.98 7.23
CA GLU B 51 10.51 4.88 6.12
C GLU B 51 10.88 6.27 6.63
N PHE B 52 11.95 6.86 6.10
CA PHE B 52 12.47 8.15 6.55
C PHE B 52 12.27 9.31 5.58
N GLU B 53 12.47 10.54 6.04
CA GLU B 53 12.29 11.74 5.24
C GLU B 53 13.48 11.99 4.33
N GLU B 54 14.63 11.37 4.65
CA GLU B 54 15.85 11.56 3.89
C GLU B 54 16.76 10.33 4.03
N ALA B 55 17.66 10.18 3.05
CA ALA B 55 18.53 9.03 2.97
C ALA B 55 19.52 8.99 4.13
N GLU B 56 19.82 10.17 4.68
CA GLU B 56 20.77 10.29 5.77
C GLU B 56 20.23 9.66 7.05
N SER B 57 18.94 9.84 7.33
CA SER B 57 18.33 9.27 8.53
C SER B 57 18.19 7.76 8.40
N ALA B 58 17.84 7.30 7.19
CA ALA B 58 17.69 5.88 6.93
C ALA B 58 19.02 5.13 7.02
N ALA B 59 20.02 5.58 6.25
CA ALA B 59 21.33 4.92 6.23
C ALA B 59 21.94 4.90 7.63
N LYS B 60 21.77 5.97 8.40
CA LYS B 60 22.35 6.05 9.74
C LYS B 60 21.69 5.02 10.66
N ALA B 61 20.36 4.88 10.57
CA ALA B 61 19.65 3.94 11.42
C ALA B 61 20.05 2.52 11.07
N ILE B 62 19.95 2.14 9.78
CA ILE B 62 20.29 0.79 9.35
C ILE B 62 21.71 0.46 9.76
N GLU B 63 22.65 1.40 9.55
CA GLU B 63 24.05 1.19 9.89
C GLU B 63 24.21 0.89 11.38
N GLU B 64 23.34 1.45 12.21
CA GLU B 64 23.47 1.34 13.66
C GLU B 64 22.52 0.30 14.26
N VAL B 65 21.55 -0.17 13.48
CA VAL B 65 20.53 -1.08 13.96
C VAL B 65 20.62 -2.47 13.33
N HIS B 66 21.36 -2.60 12.23
CA HIS B 66 21.53 -3.89 11.54
C HIS B 66 22.63 -4.73 12.21
N GLY B 67 22.87 -4.52 13.51
CA GLY B 67 23.98 -5.17 14.21
C GLY B 67 23.77 -5.18 15.72
N LYS B 68 22.52 -5.10 16.16
CA LYS B 68 22.18 -5.05 17.58
C LYS B 68 20.94 -5.90 17.84
N SER B 69 20.19 -5.60 18.89
CA SER B 69 19.04 -6.42 19.30
C SER B 69 17.97 -5.56 19.96
N PHE B 70 16.71 -5.95 19.77
CA PHE B 70 15.59 -5.35 20.49
C PHE B 70 14.64 -6.39 21.07
N ALA B 71 15.01 -7.67 20.94
CA ALA B 71 14.14 -8.79 21.28
C ALA B 71 14.96 -10.04 21.57
N ASN B 72 16.17 -9.87 22.14
CA ASN B 72 17.09 -10.96 22.39
C ASN B 72 17.45 -11.71 21.10
N GLN B 73 17.36 -11.02 19.96
CA GLN B 73 17.66 -11.60 18.66
C GLN B 73 18.48 -10.61 17.84
N PRO B 74 19.49 -11.10 17.10
CA PRO B 74 20.39 -10.26 16.33
C PRO B 74 19.66 -9.66 15.14
N LEU B 75 19.58 -8.33 15.07
CA LEU B 75 18.99 -7.63 13.95
C LEU B 75 19.98 -7.55 12.80
N GLU B 76 19.46 -7.36 11.59
CA GLU B 76 20.27 -7.31 10.38
C GLU B 76 19.51 -6.53 9.30
N VAL B 77 18.86 -5.43 9.69
CA VAL B 77 18.10 -4.60 8.77
C VAL B 77 18.78 -4.36 7.43
N VAL B 78 17.98 -4.26 6.37
CA VAL B 78 18.46 -4.01 5.02
C VAL B 78 17.46 -3.08 4.32
N TYR B 79 17.78 -2.64 3.10
CA TYR B 79 16.88 -1.78 2.36
C TYR B 79 15.76 -2.62 1.73
N SER B 80 14.54 -2.08 1.74
CA SER B 80 13.34 -2.80 1.30
C SER B 80 13.24 -2.81 -0.23
N LYS B 81 12.01 -2.98 -0.74
CA LYS B 81 11.70 -2.80 -2.15
C LYS B 81 11.21 -1.38 -2.43
N LEU B 82 11.01 -1.06 -3.73
CA LEU B 82 10.74 0.28 -4.21
C LEU B 82 9.35 0.76 -3.79
N PRO B 83 9.27 1.86 -3.02
CA PRO B 83 8.02 2.54 -2.73
C PRO B 83 7.28 2.88 -4.03
N ALA B 84 5.97 3.10 -3.93
CA ALA B 84 5.14 3.34 -5.10
C ALA B 84 3.96 4.24 -4.75
N LYS B 85 3.56 5.09 -5.69
CA LYS B 85 2.42 5.97 -5.52
C LYS B 85 1.13 5.16 -5.67
N ARG B 86 0.13 5.46 -4.85
CA ARG B 86 -1.19 4.85 -4.99
C ARG B 86 -1.91 5.43 -6.21
N TYR B 87 -2.91 4.72 -6.72
CA TYR B 87 -3.76 5.22 -7.78
C TYR B 87 -5.21 4.80 -7.56
N ARG B 88 -6.04 5.72 -7.07
CA ARG B 88 -7.38 5.38 -6.61
C ARG B 88 -8.42 6.32 -7.21
N ILE B 89 -9.64 5.81 -7.39
CA ILE B 89 -10.72 6.59 -7.98
C ILE B 89 -12.02 6.31 -7.24
N THR B 90 -12.95 7.27 -7.34
CA THR B 90 -14.26 7.15 -6.73
C THR B 90 -15.17 6.49 -7.76
N MET B 91 -15.98 5.54 -7.31
CA MET B 91 -16.90 4.84 -8.18
C MET B 91 -18.28 4.79 -7.56
N LYS B 92 -19.30 4.78 -8.42
CA LYS B 92 -20.69 4.70 -7.99
C LYS B 92 -21.32 3.54 -8.75
N ASN B 93 -22.26 2.83 -8.12
CA ASN B 93 -22.92 1.71 -8.72
C ASN B 93 -24.29 1.51 -8.04
N LEU B 94 -24.59 0.28 -7.60
CA LEU B 94 -25.87 -0.06 -7.02
C LEU B 94 -25.69 -1.11 -5.93
N PRO B 95 -26.35 -0.97 -4.77
CA PRO B 95 -26.24 -1.91 -3.67
C PRO B 95 -26.95 -3.23 -4.00
N GLU B 96 -26.36 -4.02 -4.89
CA GLU B 96 -26.93 -5.30 -5.29
C GLU B 96 -25.83 -6.31 -5.59
N GLY B 97 -25.65 -7.28 -4.69
CA GLY B 97 -24.72 -8.39 -4.86
C GLY B 97 -23.25 -7.96 -4.93
N CYS B 98 -22.99 -6.65 -4.92
CA CYS B 98 -21.64 -6.13 -5.08
C CYS B 98 -20.79 -6.37 -3.83
N SER B 99 -19.52 -6.69 -4.05
CA SER B 99 -18.50 -6.76 -3.01
C SER B 99 -17.15 -6.60 -3.70
N TRP B 100 -16.10 -6.30 -2.93
CA TRP B 100 -14.80 -6.00 -3.53
C TRP B 100 -14.33 -7.15 -4.40
N GLN B 101 -14.82 -8.37 -4.17
CA GLN B 101 -14.48 -9.53 -4.97
C GLN B 101 -15.03 -9.39 -6.39
N ASP B 102 -16.26 -8.89 -6.53
CA ASP B 102 -16.89 -8.71 -7.82
C ASP B 102 -16.29 -7.58 -8.64
N LEU B 103 -15.81 -6.52 -7.99
CA LEU B 103 -15.20 -5.40 -8.69
C LEU B 103 -13.80 -5.77 -9.18
N LYS B 104 -13.13 -6.72 -8.53
CA LYS B 104 -11.84 -7.22 -9.00
C LYS B 104 -12.04 -8.05 -10.26
N ASP B 105 -13.04 -8.93 -10.25
CA ASP B 105 -13.34 -9.77 -11.41
C ASP B 105 -13.91 -8.93 -12.54
N LEU B 106 -14.78 -7.98 -12.21
CA LEU B 106 -15.37 -7.09 -13.20
C LEU B 106 -14.28 -6.34 -13.95
N ALA B 107 -13.34 -5.75 -13.22
CA ALA B 107 -12.31 -4.92 -13.81
C ALA B 107 -11.37 -5.74 -14.68
N ARG B 108 -11.10 -7.00 -14.28
CA ARG B 108 -10.16 -7.84 -15.00
C ARG B 108 -10.83 -8.54 -16.19
N GLU B 109 -12.16 -8.42 -16.30
CA GLU B 109 -12.90 -8.99 -17.43
C GLU B 109 -13.04 -7.99 -18.60
N ASN B 110 -12.17 -6.98 -18.66
CA ASN B 110 -12.16 -6.04 -19.78
C ASN B 110 -10.79 -5.98 -20.42
N SER B 111 -9.79 -5.48 -19.69
CA SER B 111 -8.43 -5.39 -20.17
C SER B 111 -7.48 -5.01 -19.04
N LEU B 112 -7.94 -4.11 -18.15
CA LEU B 112 -7.16 -3.66 -17.01
C LEU B 112 -7.27 -4.67 -15.87
N GLU B 113 -6.69 -4.33 -14.71
CA GLU B 113 -6.83 -5.15 -13.51
C GLU B 113 -6.49 -4.32 -12.28
N THR B 114 -7.25 -4.50 -11.20
CA THR B 114 -7.06 -3.77 -9.96
C THR B 114 -6.04 -4.41 -9.03
N THR B 115 -5.31 -3.58 -8.30
CA THR B 115 -4.39 -4.07 -7.27
C THR B 115 -5.20 -4.27 -5.99
N PHE B 116 -6.29 -3.51 -5.84
CA PHE B 116 -7.13 -3.55 -4.66
C PHE B 116 -8.52 -2.93 -4.87
N SER B 117 -9.54 -3.46 -4.19
CA SER B 117 -10.91 -2.99 -4.36
C SER B 117 -11.58 -2.82 -3.00
N SER B 118 -12.37 -1.75 -2.83
CA SER B 118 -13.02 -1.52 -1.55
C SER B 118 -14.36 -0.80 -1.71
N VAL B 119 -15.17 -0.84 -0.64
CA VAL B 119 -16.47 -0.20 -0.60
C VAL B 119 -16.42 1.06 0.26
N ASN B 120 -17.34 2.00 0.03
CA ASN B 120 -17.41 3.23 0.79
C ASN B 120 -18.88 3.55 1.05
N THR B 121 -19.34 3.25 2.26
CA THR B 121 -20.76 3.29 2.57
C THR B 121 -20.96 3.22 4.08
N ARG B 122 -22.13 3.64 4.56
CA ARG B 122 -22.51 3.51 5.96
C ARG B 122 -22.78 2.05 6.29
N ASP B 123 -23.16 1.27 5.27
CA ASP B 123 -23.45 -0.15 5.43
C ASP B 123 -23.25 -0.89 4.11
N PHE B 124 -24.03 -0.53 3.08
CA PHE B 124 -23.90 -1.07 1.74
C PHE B 124 -24.67 -0.21 0.75
N ASP B 125 -23.93 0.49 -0.13
CA ASP B 125 -24.51 1.40 -1.10
C ASP B 125 -24.11 1.07 -2.55
N GLY B 126 -23.36 -0.01 -2.74
CA GLY B 126 -22.86 -0.40 -4.06
C GLY B 126 -21.65 0.43 -4.46
N THR B 127 -21.59 1.69 -4.01
CA THR B 127 -20.47 2.58 -4.26
C THR B 127 -19.22 2.21 -3.46
N GLY B 128 -18.05 2.68 -3.90
CA GLY B 128 -16.79 2.34 -3.25
C GLY B 128 -15.63 3.04 -3.95
N ALA B 129 -14.52 2.31 -4.13
CA ALA B 129 -13.33 2.86 -4.76
C ALA B 129 -12.41 1.74 -5.22
N LEU B 130 -11.62 2.00 -6.26
CA LEU B 130 -10.70 1.01 -6.81
C LEU B 130 -9.28 1.56 -6.86
N GLU B 131 -8.29 0.70 -6.59
CA GLU B 131 -6.88 1.07 -6.66
C GLU B 131 -6.25 0.52 -7.95
N PHE B 132 -5.09 1.08 -8.33
CA PHE B 132 -4.36 0.66 -9.52
C PHE B 132 -2.85 0.59 -9.27
N PRO B 133 -2.15 -0.35 -9.93
CA PRO B 133 -0.73 -0.56 -9.76
C PRO B 133 0.11 0.57 -10.38
N SER B 134 -0.48 1.37 -11.28
CA SER B 134 0.23 2.48 -11.92
C SER B 134 -0.75 3.43 -12.59
N GLU B 135 -0.27 4.60 -13.01
CA GLU B 135 -1.09 5.64 -13.60
C GLU B 135 -1.62 5.21 -14.97
N GLU B 136 -0.87 4.35 -15.67
CA GLU B 136 -1.23 3.95 -17.03
C GLU B 136 -2.49 3.07 -17.05
N ILE B 137 -2.93 2.61 -15.87
CA ILE B 137 -4.16 1.85 -15.75
C ILE B 137 -5.29 2.76 -15.25
N LEU B 138 -4.94 3.78 -14.46
CA LEU B 138 -5.90 4.71 -13.92
C LEU B 138 -6.54 5.54 -15.05
N VAL B 139 -5.71 6.15 -15.88
CA VAL B 139 -6.19 6.98 -16.98
C VAL B 139 -6.90 6.17 -18.06
N GLU B 140 -6.81 4.84 -17.99
CA GLU B 140 -7.50 3.97 -18.94
C GLU B 140 -8.80 3.43 -18.34
N ALA B 141 -8.82 3.20 -17.03
CA ALA B 141 -9.98 2.61 -16.36
C ALA B 141 -11.19 3.54 -16.47
N LEU B 142 -10.94 4.85 -16.51
CA LEU B 142 -12.01 5.84 -16.58
C LEU B 142 -12.61 5.90 -18.00
N GLU B 143 -12.18 5.01 -18.90
CA GLU B 143 -12.72 4.96 -20.25
C GLU B 143 -13.18 3.55 -20.61
N ARG B 144 -12.62 2.54 -19.95
CA ARG B 144 -12.94 1.14 -20.21
C ARG B 144 -13.88 0.58 -19.15
N LEU B 145 -13.56 0.82 -17.88
CA LEU B 145 -14.38 0.40 -16.75
C LEU B 145 -15.49 1.40 -16.45
N ASN B 146 -15.57 2.48 -17.24
CA ASN B 146 -16.62 3.48 -17.05
C ASN B 146 -17.91 3.07 -17.77
N ASN B 147 -19.00 2.97 -17.01
CA ASN B 147 -20.36 2.80 -17.53
C ASN B 147 -20.49 1.60 -18.46
N ILE B 148 -19.79 0.51 -18.15
CA ILE B 148 -19.79 -0.71 -18.97
C ILE B 148 -21.10 -1.51 -18.77
N GLU B 149 -21.95 -1.06 -17.85
CA GLU B 149 -23.16 -1.76 -17.42
C GLU B 149 -22.81 -3.07 -16.70
N PHE B 150 -22.80 -3.00 -15.35
CA PHE B 150 -22.48 -4.15 -14.50
C PHE B 150 -23.77 -4.66 -13.87
N ARG B 151 -24.20 -5.87 -14.23
CA ARG B 151 -25.43 -6.48 -13.74
C ARG B 151 -26.65 -5.60 -14.01
N GLY B 152 -26.54 -4.68 -14.99
CA GLY B 152 -27.61 -3.76 -15.34
C GLY B 152 -27.45 -2.43 -14.60
N SER B 153 -26.49 -2.36 -13.68
CA SER B 153 -26.13 -1.13 -12.99
C SER B 153 -25.14 -0.36 -13.85
N VAL B 154 -24.49 0.66 -13.28
CA VAL B 154 -23.54 1.48 -14.03
C VAL B 154 -22.39 1.88 -13.10
N ILE B 155 -21.17 1.64 -13.55
CA ILE B 155 -19.98 2.01 -12.81
C ILE B 155 -19.54 3.42 -13.18
N THR B 156 -19.58 4.33 -12.22
CA THR B 156 -19.15 5.70 -12.42
C THR B 156 -17.72 5.95 -11.96
N VAL B 157 -16.80 5.04 -12.30
CA VAL B 157 -15.40 5.18 -11.93
C VAL B 157 -14.88 6.49 -12.51
N GLU B 158 -14.39 7.38 -11.63
CA GLU B 158 -13.76 8.62 -12.05
C GLU B 158 -12.73 9.07 -11.03
N ARG B 159 -11.64 9.66 -11.50
CA ARG B 159 -10.57 10.13 -10.64
C ARG B 159 -11.02 11.32 -9.81
N ASP B 160 -11.05 11.14 -8.48
CA ASP B 160 -11.40 12.20 -7.55
C ASP B 160 -10.13 12.86 -7.02
N ASP B 161 -9.00 12.70 -7.73
CA ASP B 161 -7.71 13.18 -7.26
C ASP B 161 -7.44 12.72 -5.82
N ASN B 162 -7.50 11.40 -5.63
CA ASN B 162 -7.48 10.77 -4.32
C ASN B 162 -6.31 11.28 -3.46
N PRO B 163 -6.56 11.48 -2.15
CA PRO B 163 -5.53 11.88 -1.20
C PRO B 163 -4.59 10.71 -0.92
N PRO B 164 -3.30 10.98 -0.65
CA PRO B 164 -2.32 9.95 -0.38
C PRO B 164 -2.68 9.06 0.82
N PRO B 165 -3.10 9.64 1.97
CA PRO B 165 -3.52 8.85 3.12
C PRO B 165 -4.74 8.01 2.81
N ILE B 166 -4.83 6.83 3.44
CA ILE B 166 -5.96 5.93 3.33
C ILE B 166 -6.36 5.47 4.73
N ARG B 167 -7.62 5.07 4.92
CA ARG B 167 -8.09 4.59 6.21
C ARG B 167 -7.35 3.29 6.56
N ARG B 168 -7.36 2.92 7.84
CA ARG B 168 -6.60 1.77 8.33
C ARG B 168 -7.50 0.84 9.14
N SER B 169 -8.80 0.88 8.87
CA SER B 169 -9.79 0.05 9.56
C SER B 169 -10.97 -0.24 8.64
N MET B 1 3.58 0.71 -15.51
CA MET B 1 5.01 0.37 -15.63
C MET B 1 5.20 -0.95 -16.37
N HIS B 2 6.41 -1.19 -16.88
CA HIS B 2 6.71 -2.39 -17.66
C HIS B 2 8.07 -2.96 -17.28
N HIS B 3 8.69 -2.45 -16.21
CA HIS B 3 9.99 -2.91 -15.77
C HIS B 3 10.17 -2.66 -14.27
N ARG B 4 10.91 -3.56 -13.60
CA ARG B 4 11.18 -3.46 -12.17
C ARG B 4 12.41 -4.31 -11.83
N GLN B 5 12.98 -4.10 -10.64
CA GLN B 5 14.13 -4.86 -10.18
C GLN B 5 14.15 -4.91 -8.65
N GLU B 6 14.50 -6.07 -8.09
CA GLU B 6 14.52 -6.26 -6.64
C GLU B 6 15.82 -5.72 -6.04
N GLY B 7 15.74 -5.20 -4.81
CA GLY B 7 16.91 -4.74 -4.07
C GLY B 7 17.38 -3.36 -4.54
N GLU B 8 16.57 -2.66 -5.33
CA GLU B 8 16.92 -1.34 -5.86
C GLU B 8 16.03 -0.26 -5.21
N LEU B 9 15.79 -0.37 -3.90
CA LEU B 9 14.90 0.52 -3.18
C LEU B 9 15.52 1.92 -3.06
N SER B 10 14.66 2.89 -2.71
CA SER B 10 15.05 4.28 -2.56
C SER B 10 15.89 4.51 -1.31
N ASN B 11 16.37 3.42 -0.68
CA ASN B 11 17.18 3.48 0.52
C ASN B 11 16.39 4.12 1.67
N THR B 12 15.17 3.64 1.93
CA THR B 12 14.34 4.19 2.99
C THR B 12 13.72 3.12 3.88
N ARG B 13 13.19 2.03 3.30
CA ARG B 13 12.63 0.95 4.11
C ARG B 13 13.72 0.03 4.67
N LEU B 14 13.56 -0.37 5.94
CA LEU B 14 14.58 -1.13 6.66
C LEU B 14 13.96 -2.37 7.30
N PHE B 15 14.35 -3.56 6.83
CA PHE B 15 13.79 -4.82 7.28
C PHE B 15 14.48 -5.37 8.52
N VAL B 16 13.72 -5.51 9.62
CA VAL B 16 14.23 -6.07 10.86
C VAL B 16 13.61 -7.44 11.13
N ARG B 17 14.25 -8.27 11.97
CA ARG B 17 13.82 -9.66 12.14
C ARG B 17 13.95 -10.16 13.58
N PRO B 18 15.11 -9.99 14.24
CA PRO B 18 15.41 -10.53 15.57
C PRO B 18 14.61 -9.88 16.71
N PHE B 19 13.32 -9.66 16.51
CA PHE B 19 12.44 -9.09 17.53
C PHE B 19 12.21 -9.99 18.75
N PRO B 20 11.80 -9.40 19.88
CA PRO B 20 11.35 -10.15 21.03
C PRO B 20 10.01 -10.82 20.72
N LEU B 21 8.89 -10.11 20.95
CA LEU B 21 7.56 -10.61 20.63
C LEU B 21 6.50 -9.53 20.84
N ASP B 22 6.67 -8.69 21.87
CA ASP B 22 5.70 -7.65 22.21
C ASP B 22 6.29 -6.28 21.88
N VAL B 23 7.15 -6.23 20.87
CA VAL B 23 7.77 -4.99 20.43
C VAL B 23 6.69 -3.98 20.05
N GLN B 24 5.76 -4.39 19.17
CA GLN B 24 4.54 -3.66 18.82
C GLN B 24 4.70 -2.14 18.89
N GLU B 25 5.64 -1.59 18.12
CA GLU B 25 5.81 -0.15 17.97
C GLU B 25 5.95 0.54 19.32
N SER B 26 6.97 0.14 20.09
CA SER B 26 7.20 0.67 21.42
C SER B 26 8.67 1.00 21.66
N GLU B 27 9.56 0.52 20.78
CA GLU B 27 10.99 0.79 20.91
C GLU B 27 11.63 1.14 19.57
N LEU B 28 10.94 0.88 18.45
CA LEU B 28 11.43 1.32 17.15
C LEU B 28 11.43 2.84 17.12
N ASN B 29 10.40 3.45 17.71
CA ASN B 29 10.29 4.90 17.81
C ASN B 29 11.40 5.47 18.70
N GLU B 30 12.04 4.63 19.49
CA GLU B 30 13.13 5.06 20.37
C GLU B 30 14.49 4.82 19.72
N ILE B 31 14.65 3.72 18.99
CA ILE B 31 15.91 3.39 18.33
C ILE B 31 16.03 4.14 17.00
N PHE B 32 14.99 4.04 16.17
CA PHE B 32 14.95 4.73 14.88
C PHE B 32 14.53 6.20 14.99
N GLY B 33 14.14 6.63 16.20
CA GLY B 33 13.68 7.98 16.44
C GLY B 33 14.79 9.01 16.27
N PRO B 34 15.92 8.87 16.98
CA PRO B 34 17.01 9.83 16.89
C PRO B 34 17.71 9.78 15.53
N PHE B 35 17.45 8.75 14.73
CA PHE B 35 18.07 8.63 13.41
C PHE B 35 17.43 9.51 12.34
N GLY B 36 16.15 9.83 12.48
CA GLY B 36 15.45 10.67 11.52
C GLY B 36 13.98 10.82 11.88
N PRO B 37 13.22 11.54 11.04
CA PRO B 37 11.82 11.87 11.26
C PRO B 37 10.92 10.64 11.15
N MET B 38 11.45 9.52 10.62
CA MET B 38 10.75 8.24 10.44
C MET B 38 9.27 8.39 10.12
N LYS B 39 8.93 8.35 8.83
CA LYS B 39 7.55 8.54 8.38
C LYS B 39 6.61 7.51 9.02
N GLU B 40 7.07 6.27 9.15
CA GLU B 40 6.25 5.18 9.64
C GLU B 40 7.11 3.99 10.04
N VAL B 41 6.59 3.16 10.95
CA VAL B 41 7.19 1.87 11.28
C VAL B 41 6.07 0.84 11.21
N LYS B 42 6.26 -0.17 10.36
CA LYS B 42 5.31 -1.26 10.24
C LYS B 42 5.90 -2.52 10.84
N ILE B 43 5.62 -2.75 12.11
CA ILE B 43 5.97 -4.00 12.79
C ILE B 43 4.82 -4.99 12.69
N LEU B 44 5.16 -6.27 12.58
CA LEU B 44 4.19 -7.34 12.45
C LEU B 44 4.84 -8.65 12.88
N ASN B 45 4.09 -9.76 12.82
CA ASN B 45 4.56 -11.02 13.35
C ASN B 45 5.89 -11.45 12.75
N GLY B 46 6.95 -11.37 13.55
CA GLY B 46 8.26 -11.93 13.22
C GLY B 46 9.23 -10.92 12.59
N PHE B 47 8.73 -9.73 12.18
CA PHE B 47 9.58 -8.73 11.56
C PHE B 47 8.97 -7.33 11.52
N ALA B 48 9.73 -6.36 10.99
CA ALA B 48 9.24 -4.99 10.87
C ALA B 48 9.88 -4.30 9.68
N PHE B 49 9.32 -3.14 9.31
CA PHE B 49 9.86 -2.33 8.22
C PHE B 49 9.68 -0.87 8.62
N VAL B 50 10.79 -0.24 9.04
CA VAL B 50 10.82 1.19 9.34
C VAL B 50 11.06 1.95 8.03
N GLU B 51 10.59 3.19 7.94
CA GLU B 51 10.78 4.00 6.74
C GLU B 51 11.11 5.45 7.10
N PHE B 52 11.96 6.09 6.30
CA PHE B 52 12.42 7.46 6.54
C PHE B 52 12.06 8.45 5.44
N GLU B 53 12.28 9.75 5.71
CA GLU B 53 11.98 10.81 4.76
C GLU B 53 13.17 11.06 3.83
N GLU B 54 14.35 10.56 4.23
CA GLU B 54 15.58 10.78 3.49
C GLU B 54 16.36 9.47 3.40
N ALA B 55 17.05 9.26 2.27
CA ALA B 55 17.86 8.08 2.07
C ALA B 55 19.02 8.05 3.07
N GLU B 56 19.42 9.23 3.55
CA GLU B 56 20.53 9.36 4.48
C GLU B 56 20.14 8.92 5.90
N SER B 57 18.92 9.25 6.33
CA SER B 57 18.47 8.90 7.67
C SER B 57 18.29 7.40 7.78
N ALA B 58 17.83 6.77 6.69
CA ALA B 58 17.65 5.33 6.63
C ALA B 58 18.99 4.59 6.64
N ALA B 59 19.91 4.97 5.74
CA ALA B 59 21.22 4.35 5.67
C ALA B 59 21.96 4.50 7.01
N LYS B 60 21.79 5.64 7.67
CA LYS B 60 22.46 5.91 8.94
C LYS B 60 21.94 4.96 10.02
N ALA B 61 20.62 4.79 10.09
CA ALA B 61 20.02 3.92 11.09
C ALA B 61 20.39 2.47 10.83
N ILE B 62 20.34 2.00 9.58
CA ILE B 62 20.71 0.64 9.26
C ILE B 62 22.18 0.40 9.64
N GLU B 63 23.05 1.35 9.29
CA GLU B 63 24.48 1.22 9.55
C GLU B 63 24.76 1.13 11.04
N GLU B 64 23.88 1.68 11.89
CA GLU B 64 24.10 1.70 13.32
C GLU B 64 23.26 0.65 14.05
N VAL B 65 22.16 0.18 13.44
CA VAL B 65 21.26 -0.77 14.10
C VAL B 65 21.56 -2.20 13.64
N HIS B 66 22.19 -2.38 12.47
CA HIS B 66 22.46 -3.73 11.96
C HIS B 66 23.65 -4.39 12.67
N GLY B 67 23.93 -4.00 13.92
CA GLY B 67 25.10 -4.48 14.64
C GLY B 67 24.99 -4.23 16.14
N LYS B 68 23.75 -4.16 16.66
CA LYS B 68 23.51 -3.93 18.08
C LYS B 68 22.33 -4.78 18.54
N SER B 69 21.68 -4.38 19.64
CA SER B 69 20.61 -5.16 20.23
C SER B 69 19.56 -4.26 20.88
N PHE B 70 18.29 -4.70 20.84
CA PHE B 70 17.21 -4.03 21.54
C PHE B 70 16.36 -5.01 22.35
N ALA B 71 16.77 -6.27 22.37
CA ALA B 71 15.98 -7.35 22.96
C ALA B 71 16.88 -8.53 23.34
N ASN B 72 18.10 -8.23 23.78
CA ASN B 72 19.09 -9.25 24.12
C ASN B 72 19.38 -10.17 22.93
N GLN B 73 19.18 -9.65 21.71
CA GLN B 73 19.39 -10.40 20.48
C GLN B 73 20.11 -9.53 19.45
N PRO B 74 21.09 -10.09 18.74
CA PRO B 74 21.89 -9.35 17.77
C PRO B 74 21.04 -8.98 16.56
N LEU B 75 20.90 -7.68 16.30
CA LEU B 75 20.17 -7.18 15.15
C LEU B 75 21.06 -7.24 13.90
N GLU B 76 20.44 -7.19 12.73
CA GLU B 76 21.15 -7.29 11.46
C GLU B 76 20.28 -6.68 10.36
N VAL B 77 19.67 -5.52 10.62
CA VAL B 77 18.84 -4.81 9.66
C VAL B 77 19.43 -4.74 8.25
N VAL B 78 18.54 -4.78 7.24
CA VAL B 78 18.94 -4.70 5.83
C VAL B 78 17.83 -3.98 5.08
N TYR B 79 18.03 -3.73 3.78
CA TYR B 79 17.05 -3.04 2.98
C TYR B 79 15.86 -3.93 2.60
N SER B 80 14.66 -3.36 2.61
CA SER B 80 13.42 -4.10 2.40
C SER B 80 13.07 -4.14 0.91
N LYS B 81 11.99 -4.85 0.57
CA LYS B 81 11.42 -4.84 -0.79
C LYS B 81 10.98 -3.43 -1.18
N LEU B 82 10.68 -3.23 -2.46
CA LEU B 82 10.44 -1.93 -3.06
C LEU B 82 9.10 -1.34 -2.61
N PRO B 83 9.09 -0.20 -1.91
CA PRO B 83 7.88 0.56 -1.63
C PRO B 83 7.15 0.90 -2.92
N ALA B 84 5.85 1.18 -2.84
CA ALA B 84 5.07 1.46 -4.05
C ALA B 84 3.82 2.27 -3.72
N LYS B 85 3.48 3.20 -4.62
CA LYS B 85 2.23 3.95 -4.57
C LYS B 85 1.21 3.25 -5.46
N ARG B 86 -0.08 3.47 -5.20
CA ARG B 86 -1.15 2.92 -6.00
C ARG B 86 -2.19 4.01 -6.28
N TYR B 87 -3.08 3.74 -7.23
CA TYR B 87 -4.07 4.71 -7.66
C TYR B 87 -5.47 4.27 -7.24
N ARG B 88 -6.38 5.23 -7.03
CA ARG B 88 -7.76 4.91 -6.66
C ARG B 88 -8.73 5.94 -7.23
N ILE B 89 -9.98 5.52 -7.42
CA ILE B 89 -11.04 6.41 -7.90
C ILE B 89 -12.35 6.11 -7.18
N THR B 90 -13.28 7.08 -7.23
CA THR B 90 -14.60 6.92 -6.62
C THR B 90 -15.50 6.39 -7.72
N MET B 91 -16.35 5.43 -7.38
CA MET B 91 -17.33 4.88 -8.31
C MET B 91 -18.69 4.81 -7.67
N LYS B 92 -19.74 4.89 -8.51
CA LYS B 92 -21.11 4.78 -8.06
C LYS B 92 -21.78 3.72 -8.91
N ASN B 93 -22.75 3.02 -8.33
CA ASN B 93 -23.50 1.98 -9.03
C ASN B 93 -24.82 1.79 -8.27
N LEU B 94 -25.32 0.54 -8.19
CA LEU B 94 -26.59 0.25 -7.54
C LEU B 94 -26.45 -0.99 -6.65
N PRO B 95 -27.23 -1.04 -5.55
CA PRO B 95 -27.19 -2.12 -4.57
C PRO B 95 -27.85 -3.38 -5.12
N GLU B 96 -27.24 -3.99 -6.14
CA GLU B 96 -27.74 -5.25 -6.69
C GLU B 96 -26.67 -5.92 -7.54
N GLY B 97 -26.55 -7.25 -7.41
CA GLY B 97 -25.63 -8.04 -8.21
C GLY B 97 -24.22 -7.47 -8.16
N CYS B 98 -23.76 -7.05 -6.97
CA CYS B 98 -22.50 -6.33 -6.85
C CYS B 98 -21.69 -6.79 -5.64
N SER B 99 -20.39 -7.02 -5.88
CA SER B 99 -19.39 -7.25 -4.84
C SER B 99 -18.02 -7.05 -5.49
N TRP B 100 -16.96 -6.91 -4.70
CA TRP B 100 -15.65 -6.57 -5.23
C TRP B 100 -15.18 -7.63 -6.24
N GLN B 101 -15.77 -8.83 -6.19
CA GLN B 101 -15.45 -9.89 -7.15
C GLN B 101 -15.99 -9.55 -8.53
N ASP B 102 -17.20 -8.97 -8.59
CA ASP B 102 -17.83 -8.59 -9.84
C ASP B 102 -17.20 -7.38 -10.50
N LEU B 103 -16.64 -6.45 -9.72
CA LEU B 103 -15.98 -5.29 -10.29
C LEU B 103 -14.60 -5.69 -10.81
N LYS B 104 -14.00 -6.74 -10.23
CA LYS B 104 -12.73 -7.27 -10.74
C LYS B 104 -12.94 -7.93 -12.09
N ASP B 105 -14.02 -8.70 -12.21
CA ASP B 105 -14.36 -9.35 -13.47
C ASP B 105 -14.87 -8.35 -14.50
N LEU B 106 -15.64 -7.36 -14.05
CA LEU B 106 -16.14 -6.32 -14.92
C LEU B 106 -14.98 -5.57 -15.59
N ALA B 107 -13.99 -5.16 -14.78
CA ALA B 107 -12.90 -4.34 -15.27
C ALA B 107 -12.02 -5.10 -16.26
N ARG B 108 -11.84 -6.41 -16.03
CA ARG B 108 -10.98 -7.23 -16.88
C ARG B 108 -11.72 -7.67 -18.13
N GLU B 109 -13.06 -7.49 -18.18
CA GLU B 109 -13.84 -7.83 -19.36
C GLU B 109 -13.89 -6.70 -20.38
N ASN B 110 -13.11 -5.64 -20.16
CA ASN B 110 -12.98 -4.55 -21.12
C ASN B 110 -11.58 -4.57 -21.73
N SER B 111 -10.58 -4.29 -20.90
CA SER B 111 -9.17 -4.29 -21.29
C SER B 111 -8.31 -3.93 -20.07
N LEU B 112 -8.91 -3.18 -19.15
CA LEU B 112 -8.28 -2.71 -17.93
C LEU B 112 -8.04 -3.87 -16.98
N GLU B 113 -7.54 -3.53 -15.78
CA GLU B 113 -7.28 -4.50 -14.72
C GLU B 113 -7.20 -3.78 -13.38
N THR B 114 -7.69 -4.42 -12.32
CA THR B 114 -7.66 -3.84 -10.98
C THR B 114 -6.71 -4.58 -10.05
N THR B 115 -5.95 -3.83 -9.25
CA THR B 115 -5.05 -4.42 -8.27
C THR B 115 -5.85 -4.70 -7.00
N PHE B 116 -6.99 -4.01 -6.83
CA PHE B 116 -7.80 -4.15 -5.63
C PHE B 116 -9.19 -3.56 -5.95
N SER B 117 -10.22 -4.02 -5.25
CA SER B 117 -11.58 -3.54 -5.43
C SER B 117 -12.31 -3.54 -4.09
N SER B 118 -13.13 -2.52 -3.82
CA SER B 118 -13.80 -2.42 -2.52
C SER B 118 -15.14 -1.70 -2.62
N VAL B 119 -15.95 -1.83 -1.56
CA VAL B 119 -17.24 -1.18 -1.45
C VAL B 119 -17.21 -0.14 -0.32
N ASN B 120 -18.02 0.92 -0.45
CA ASN B 120 -18.05 2.00 0.52
C ASN B 120 -19.48 2.31 0.88
N THR B 121 -19.94 1.80 2.02
CA THR B 121 -21.34 1.83 2.39
C THR B 121 -21.48 1.43 3.85
N ARG B 122 -22.64 1.72 4.46
CA ARG B 122 -22.96 1.26 5.80
C ARG B 122 -23.07 -0.26 5.80
N ASP B 123 -23.58 -0.83 4.70
CA ASP B 123 -23.78 -2.26 4.58
C ASP B 123 -23.78 -2.73 3.11
N PHE B 124 -24.55 -2.05 2.26
CA PHE B 124 -24.56 -2.30 0.82
C PHE B 124 -25.31 -1.15 0.14
N ASP B 125 -24.68 -0.54 -0.86
CA ASP B 125 -25.29 0.58 -1.59
C ASP B 125 -24.84 0.54 -3.05
N GLY B 126 -24.14 -0.53 -3.46
CA GLY B 126 -23.65 -0.70 -4.81
C GLY B 126 -22.38 0.13 -5.06
N THR B 127 -22.35 1.37 -4.57
CA THR B 127 -21.19 2.25 -4.70
C THR B 127 -19.96 1.73 -3.94
N GLY B 128 -18.77 2.17 -4.34
CA GLY B 128 -17.54 1.72 -3.72
C GLY B 128 -16.34 2.48 -4.30
N ALA B 129 -15.26 1.76 -4.59
CA ALA B 129 -14.06 2.36 -5.15
C ALA B 129 -13.17 1.28 -5.74
N LEU B 130 -12.33 1.68 -6.70
CA LEU B 130 -11.43 0.76 -7.40
C LEU B 130 -10.02 1.32 -7.39
N GLU B 131 -9.02 0.43 -7.44
CA GLU B 131 -7.63 0.83 -7.45
C GLU B 131 -6.89 0.31 -8.68
N PHE B 132 -5.79 0.98 -9.02
CA PHE B 132 -5.02 0.67 -10.21
C PHE B 132 -3.52 0.60 -9.94
N PRO B 133 -2.80 -0.29 -10.65
CA PRO B 133 -1.37 -0.51 -10.46
C PRO B 133 -0.53 0.67 -10.97
N SER B 134 -1.11 1.53 -11.82
CA SER B 134 -0.41 2.68 -12.36
C SER B 134 -1.40 3.68 -12.96
N GLU B 135 -0.93 4.90 -13.24
CA GLU B 135 -1.78 5.97 -13.74
C GLU B 135 -2.28 5.67 -15.15
N GLU B 136 -1.51 4.90 -15.92
CA GLU B 136 -1.85 4.61 -17.31
C GLU B 136 -3.08 3.73 -17.43
N ILE B 137 -3.53 3.14 -16.31
CA ILE B 137 -4.77 2.37 -16.29
C ILE B 137 -5.90 3.22 -15.71
N LEU B 138 -5.56 4.19 -14.86
CA LEU B 138 -6.54 5.06 -14.23
C LEU B 138 -7.15 6.00 -15.27
N VAL B 139 -6.31 6.72 -16.01
CA VAL B 139 -6.78 7.69 -17.00
C VAL B 139 -7.52 7.01 -18.15
N GLU B 140 -7.38 5.70 -18.27
CA GLU B 140 -8.08 4.93 -19.29
C GLU B 140 -9.39 4.38 -18.74
N ALA B 141 -9.38 3.89 -17.51
CA ALA B 141 -10.53 3.24 -16.91
C ALA B 141 -11.71 4.22 -16.76
N LEU B 142 -11.41 5.51 -16.62
CA LEU B 142 -12.45 6.53 -16.44
C LEU B 142 -13.12 6.89 -17.75
N GLU B 143 -12.76 6.20 -18.84
CA GLU B 143 -13.40 6.41 -20.13
C GLU B 143 -13.93 5.09 -20.70
N ARG B 144 -13.35 3.98 -20.24
CA ARG B 144 -13.74 2.65 -20.69
C ARG B 144 -14.72 2.00 -19.72
N LEU B 145 -14.38 2.00 -18.43
CA LEU B 145 -15.24 1.45 -17.39
C LEU B 145 -16.30 2.46 -16.96
N ASN B 146 -16.32 3.65 -17.58
CA ASN B 146 -17.33 4.65 -17.26
C ASN B 146 -18.65 4.40 -18.00
N ASN B 147 -19.72 4.22 -17.23
CA ASN B 147 -21.10 4.17 -17.74
C ASN B 147 -21.30 3.12 -18.84
N ILE B 148 -20.67 1.95 -18.68
CA ILE B 148 -20.73 0.87 -19.66
C ILE B 148 -22.05 0.10 -19.54
N GLU B 149 -22.88 0.43 -18.55
CA GLU B 149 -24.10 -0.28 -18.20
C GLU B 149 -23.78 -1.70 -17.71
N PHE B 150 -23.65 -1.84 -16.38
CA PHE B 150 -23.28 -3.11 -15.75
C PHE B 150 -24.51 -3.73 -15.11
N ARG B 151 -24.97 -4.86 -15.67
CA ARG B 151 -26.19 -5.55 -15.22
C ARG B 151 -27.40 -4.61 -15.25
N GLY B 152 -27.34 -3.55 -16.05
CA GLY B 152 -28.42 -2.57 -16.16
C GLY B 152 -28.18 -1.38 -15.22
N SER B 153 -27.16 -1.48 -14.38
CA SER B 153 -26.74 -0.37 -13.52
C SER B 153 -25.80 0.53 -14.30
N VAL B 154 -25.13 1.46 -13.63
CA VAL B 154 -24.24 2.41 -14.29
C VAL B 154 -23.06 2.68 -13.37
N ILE B 155 -21.85 2.48 -13.90
CA ILE B 155 -20.62 2.71 -13.17
C ILE B 155 -20.14 4.14 -13.37
N THR B 156 -20.18 4.95 -12.31
CA THR B 156 -19.68 6.31 -12.35
C THR B 156 -18.23 6.46 -11.90
N VAL B 157 -17.36 5.53 -12.33
CA VAL B 157 -15.95 5.60 -12.00
C VAL B 157 -15.41 6.96 -12.45
N GLU B 158 -14.84 7.71 -11.51
CA GLU B 158 -14.22 8.99 -11.80
C GLU B 158 -13.11 9.26 -10.79
N ARG B 159 -12.02 9.89 -11.24
CA ARG B 159 -10.90 10.20 -10.36
C ARG B 159 -11.31 11.22 -9.32
N ASP B 160 -10.98 10.93 -8.07
CA ASP B 160 -11.24 11.82 -6.96
C ASP B 160 -9.95 12.37 -6.37
N ASP B 161 -8.81 12.05 -7.01
CA ASP B 161 -7.48 12.29 -6.47
C ASP B 161 -7.24 11.59 -5.13
N ASN B 162 -8.09 10.59 -4.85
CA ASN B 162 -8.04 9.73 -3.68
C ASN B 162 -7.60 10.48 -2.41
N PRO B 163 -8.42 11.44 -1.95
CA PRO B 163 -8.09 12.32 -0.84
C PRO B 163 -7.83 11.61 0.49
N PRO B 164 -8.67 10.64 0.91
CA PRO B 164 -8.52 9.99 2.20
C PRO B 164 -7.34 9.01 2.16
N PRO B 165 -6.80 8.66 3.33
CA PRO B 165 -5.72 7.70 3.45
C PRO B 165 -6.19 6.32 3.01
N ILE B 166 -5.33 5.60 2.29
CA ILE B 166 -5.65 4.28 1.78
C ILE B 166 -5.47 3.22 2.87
N ARG B 167 -4.75 3.55 3.94
CA ARG B 167 -4.49 2.62 5.02
C ARG B 167 -5.79 2.21 5.70
N ARG B 168 -5.99 0.90 5.86
CA ARG B 168 -7.20 0.35 6.47
C ARG B 168 -7.23 0.63 7.96
N SER B 169 -8.43 0.80 8.53
CA SER B 169 -8.59 1.09 9.95
C SER B 169 -9.97 0.61 10.41
N MET B 1 10.42 -16.93 -8.09
CA MET B 1 10.54 -16.00 -9.24
C MET B 1 11.54 -14.89 -8.91
N HIS B 2 12.00 -14.18 -9.95
CA HIS B 2 12.96 -13.09 -9.80
C HIS B 2 12.83 -12.11 -10.97
N HIS B 3 13.56 -11.00 -10.91
CA HIS B 3 13.56 -10.01 -11.98
C HIS B 3 14.93 -9.33 -12.06
N ARG B 4 15.26 -8.78 -13.23
CA ARG B 4 16.57 -8.20 -13.49
C ARG B 4 16.75 -6.84 -12.82
N GLN B 5 15.72 -6.37 -12.10
CA GLN B 5 15.76 -5.10 -11.41
C GLN B 5 15.23 -5.23 -9.97
N GLU B 6 15.16 -6.47 -9.47
CA GLU B 6 14.68 -6.74 -8.12
C GLU B 6 15.69 -6.24 -7.09
N GLY B 7 15.19 -5.73 -5.95
CA GLY B 7 16.04 -5.26 -4.87
C GLY B 7 16.75 -3.94 -5.22
N GLU B 8 16.25 -3.19 -6.21
CA GLU B 8 16.81 -1.89 -6.60
C GLU B 8 15.90 -0.75 -6.12
N LEU B 9 15.52 -0.78 -4.85
CA LEU B 9 14.59 0.17 -4.25
C LEU B 9 15.19 1.58 -4.14
N SER B 10 14.34 2.54 -3.79
CA SER B 10 14.74 3.96 -3.70
C SER B 10 15.51 4.25 -2.41
N ASN B 11 15.92 3.21 -1.68
CA ASN B 11 16.65 3.34 -0.42
C ASN B 11 15.83 4.07 0.64
N THR B 12 14.56 3.68 0.83
CA THR B 12 13.71 4.32 1.84
C THR B 12 13.02 3.32 2.76
N ARG B 13 12.45 2.23 2.23
CA ARG B 13 11.83 1.20 3.06
C ARG B 13 12.87 0.24 3.63
N LEU B 14 12.62 -0.25 4.86
CA LEU B 14 13.57 -1.09 5.59
C LEU B 14 12.86 -2.35 6.10
N PHE B 15 13.28 -3.52 5.63
CA PHE B 15 12.66 -4.78 6.00
C PHE B 15 13.25 -5.36 7.28
N VAL B 16 12.43 -5.43 8.33
CA VAL B 16 12.83 -6.02 9.61
C VAL B 16 12.18 -7.38 9.81
N ARG B 17 12.77 -8.24 10.64
CA ARG B 17 12.31 -9.63 10.76
C ARG B 17 12.34 -10.16 12.20
N PRO B 18 13.46 -10.03 12.93
CA PRO B 18 13.66 -10.60 14.26
C PRO B 18 12.79 -9.97 15.36
N PHE B 19 11.50 -9.71 15.09
CA PHE B 19 10.58 -9.15 16.06
C PHE B 19 10.25 -10.07 17.23
N PRO B 20 9.75 -9.50 18.33
CA PRO B 20 9.20 -10.26 19.44
C PRO B 20 7.87 -10.88 18.99
N LEU B 21 6.76 -10.16 19.17
CA LEU B 21 5.45 -10.62 18.72
C LEU B 21 4.38 -9.52 18.87
N ASP B 22 4.48 -8.72 19.93
CA ASP B 22 3.50 -7.69 20.23
C ASP B 22 4.14 -6.31 20.01
N VAL B 23 5.08 -6.23 19.08
CA VAL B 23 5.78 -4.99 18.75
C VAL B 23 4.73 -3.97 18.29
N GLN B 24 3.88 -4.35 17.32
CA GLN B 24 2.71 -3.60 16.89
C GLN B 24 2.87 -2.08 17.01
N GLU B 25 3.87 -1.53 16.31
CA GLU B 25 4.07 -0.08 16.20
C GLU B 25 4.13 0.56 17.59
N SER B 26 5.10 0.15 18.40
CA SER B 26 5.24 0.66 19.76
C SER B 26 6.70 0.97 20.10
N GLU B 27 7.65 0.52 19.27
CA GLU B 27 9.06 0.78 19.50
C GLU B 27 9.81 1.12 18.21
N LEU B 28 9.20 0.87 17.05
CA LEU B 28 9.78 1.31 15.78
C LEU B 28 9.81 2.83 15.76
N ASN B 29 8.75 3.45 16.26
CA ASN B 29 8.64 4.90 16.37
C ASN B 29 9.70 5.47 17.31
N GLU B 30 10.29 4.61 18.15
CA GLU B 30 11.31 5.03 19.10
C GLU B 30 12.71 4.77 18.57
N ILE B 31 12.91 3.64 17.87
CA ILE B 31 14.21 3.30 17.30
C ILE B 31 14.44 4.04 16.00
N PHE B 32 13.46 3.97 15.10
CA PHE B 32 13.52 4.65 13.82
C PHE B 32 13.14 6.14 13.91
N GLY B 33 12.68 6.57 15.08
CA GLY B 33 12.25 7.94 15.31
C GLY B 33 13.39 8.94 15.20
N PRO B 34 14.48 8.77 15.98
CA PRO B 34 15.59 9.69 15.97
C PRO B 34 16.38 9.64 14.65
N PHE B 35 16.16 8.61 13.83
CA PHE B 35 16.85 8.48 12.56
C PHE B 35 16.34 9.39 11.44
N GLY B 36 15.04 9.74 11.50
CA GLY B 36 14.44 10.60 10.51
C GLY B 36 12.95 10.80 10.77
N PRO B 37 12.27 11.56 9.90
CA PRO B 37 10.87 11.93 10.05
C PRO B 37 9.94 10.74 9.89
N MET B 38 10.46 9.60 9.39
CA MET B 38 9.75 8.34 9.17
C MET B 38 8.27 8.54 8.79
N LYS B 39 7.98 8.52 7.48
CA LYS B 39 6.65 8.76 6.97
C LYS B 39 5.64 7.79 7.60
N GLU B 40 6.04 6.53 7.75
CA GLU B 40 5.13 5.49 8.24
C GLU B 40 5.92 4.23 8.58
N VAL B 41 5.32 3.34 9.37
CA VAL B 41 5.89 2.03 9.65
C VAL B 41 4.77 1.00 9.50
N LYS B 42 5.00 -0.01 8.65
CA LYS B 42 4.04 -1.10 8.46
C LYS B 42 4.59 -2.36 9.12
N ILE B 43 4.24 -2.58 10.38
CA ILE B 43 4.52 -3.84 11.06
C ILE B 43 3.36 -4.80 10.85
N LEU B 44 3.69 -6.08 10.71
CA LEU B 44 2.74 -7.12 10.41
C LEU B 44 3.32 -8.46 10.85
N ASN B 45 2.58 -9.55 10.64
CA ASN B 45 2.96 -10.86 11.14
C ASN B 45 4.35 -11.29 10.67
N GLY B 46 5.32 -11.25 11.60
CA GLY B 46 6.65 -11.83 11.42
C GLY B 46 7.67 -10.81 10.91
N PHE B 47 7.23 -9.63 10.47
CA PHE B 47 8.14 -8.63 9.93
C PHE B 47 7.55 -7.23 9.85
N ALA B 48 8.34 -6.26 9.39
CA ALA B 48 7.89 -4.90 9.27
C ALA B 48 8.62 -4.18 8.13
N PHE B 49 8.07 -3.02 7.73
CA PHE B 49 8.68 -2.19 6.72
C PHE B 49 8.51 -0.73 7.14
N VAL B 50 9.58 -0.16 7.72
CA VAL B 50 9.62 1.27 8.04
C VAL B 50 9.93 2.03 6.76
N GLU B 51 9.53 3.30 6.66
CA GLU B 51 9.80 4.11 5.48
C GLU B 51 10.20 5.53 5.88
N PHE B 52 11.09 6.15 5.09
CA PHE B 52 11.60 7.49 5.36
C PHE B 52 11.33 8.50 4.24
N GLU B 53 11.56 9.78 4.54
CA GLU B 53 11.34 10.86 3.57
C GLU B 53 12.58 11.07 2.71
N GLU B 54 13.73 10.56 3.17
CA GLU B 54 15.00 10.74 2.50
C GLU B 54 15.76 9.43 2.45
N ALA B 55 16.51 9.20 1.37
CA ALA B 55 17.29 7.99 1.22
C ALA B 55 18.39 7.92 2.27
N GLU B 56 18.81 9.09 2.77
CA GLU B 56 19.86 9.19 3.75
C GLU B 56 19.38 8.74 5.14
N SER B 57 18.15 9.10 5.50
CA SER B 57 17.60 8.74 6.80
C SER B 57 17.39 7.22 6.88
N ALA B 58 16.96 6.62 5.77
CA ALA B 58 16.77 5.19 5.67
C ALA B 58 18.10 4.45 5.79
N ALA B 59 19.07 4.79 4.96
CA ALA B 59 20.38 4.16 4.99
C ALA B 59 21.02 4.29 6.37
N LYS B 60 20.84 5.44 7.04
CA LYS B 60 21.43 5.67 8.35
C LYS B 60 20.81 4.74 9.39
N ALA B 61 19.49 4.60 9.39
CA ALA B 61 18.82 3.75 10.35
C ALA B 61 19.17 2.28 10.12
N ILE B 62 19.17 1.82 8.87
CA ILE B 62 19.55 0.45 8.57
C ILE B 62 20.99 0.20 9.03
N GLU B 63 21.90 1.14 8.75
CA GLU B 63 23.29 1.00 9.11
C GLU B 63 23.47 0.84 10.61
N GLU B 64 22.55 1.42 11.40
CA GLU B 64 22.67 1.42 12.85
C GLU B 64 21.76 0.38 13.52
N VAL B 65 20.70 -0.07 12.84
CA VAL B 65 19.74 -1.00 13.42
C VAL B 65 20.04 -2.43 12.98
N HIS B 66 20.74 -2.62 11.85
CA HIS B 66 21.05 -3.97 11.35
C HIS B 66 22.16 -4.65 12.14
N GLY B 67 22.33 -4.28 13.41
CA GLY B 67 23.44 -4.78 14.21
C GLY B 67 23.24 -4.54 15.71
N LYS B 68 21.98 -4.45 16.15
CA LYS B 68 21.64 -4.22 17.55
C LYS B 68 20.41 -5.05 17.94
N SER B 69 19.68 -4.64 18.97
CA SER B 69 18.56 -5.42 19.49
C SER B 69 17.48 -4.51 20.04
N PHE B 70 16.23 -4.95 19.94
CA PHE B 70 15.09 -4.30 20.59
C PHE B 70 14.16 -5.30 21.29
N ALA B 71 14.57 -6.58 21.28
CA ALA B 71 13.72 -7.66 21.75
C ALA B 71 14.56 -8.87 22.18
N ASN B 72 15.75 -8.62 22.72
CA ASN B 72 16.69 -9.66 23.11
C ASN B 72 17.07 -10.54 21.91
N GLN B 73 16.96 -9.99 20.69
CA GLN B 73 17.29 -10.70 19.47
C GLN B 73 18.12 -9.81 18.56
N PRO B 74 19.12 -10.37 17.87
CA PRO B 74 19.99 -9.62 16.99
C PRO B 74 19.24 -9.17 15.74
N LEU B 75 19.14 -7.86 15.53
CA LEU B 75 18.50 -7.31 14.35
C LEU B 75 19.47 -7.34 13.17
N GLU B 76 18.91 -7.42 11.97
CA GLU B 76 19.67 -7.58 10.74
C GLU B 76 18.94 -6.92 9.57
N VAL B 77 18.30 -5.76 9.83
CA VAL B 77 17.55 -5.03 8.82
C VAL B 77 18.23 -4.97 7.45
N VAL B 78 17.41 -4.99 6.40
CA VAL B 78 17.88 -4.88 5.02
C VAL B 78 16.87 -4.10 4.19
N TYR B 79 17.16 -3.86 2.91
CA TYR B 79 16.27 -3.11 2.05
C TYR B 79 15.05 -3.91 1.57
N SER B 80 13.95 -3.20 1.32
CA SER B 80 12.68 -3.81 0.91
C SER B 80 12.65 -4.12 -0.58
N LYS B 81 11.52 -4.63 -1.05
CA LYS B 81 11.30 -4.92 -2.46
C LYS B 81 10.49 -3.82 -3.18
N LEU B 82 11.21 -2.79 -3.62
CA LEU B 82 10.73 -1.74 -4.53
C LEU B 82 9.45 -1.00 -4.09
N PRO B 83 9.54 -0.11 -3.10
CA PRO B 83 8.48 0.83 -2.75
C PRO B 83 8.02 1.64 -3.96
N ALA B 84 6.77 2.13 -3.89
CA ALA B 84 6.17 2.86 -4.99
C ALA B 84 4.98 3.67 -4.49
N LYS B 85 4.66 4.77 -5.18
CA LYS B 85 3.47 5.55 -4.87
C LYS B 85 2.23 4.79 -5.30
N ARG B 86 1.25 4.68 -4.39
CA ARG B 86 -0.01 4.00 -4.70
C ARG B 86 -0.96 4.96 -5.39
N TYR B 87 -1.98 4.42 -6.04
CA TYR B 87 -3.03 5.19 -6.67
C TYR B 87 -4.41 4.71 -6.25
N ARG B 88 -5.40 5.61 -6.21
CA ARG B 88 -6.74 5.24 -5.80
C ARG B 88 -7.76 6.20 -6.40
N ILE B 89 -8.99 5.72 -6.59
CA ILE B 89 -10.06 6.54 -7.15
C ILE B 89 -11.36 6.23 -6.43
N THR B 90 -12.31 7.18 -6.50
CA THR B 90 -13.61 7.02 -5.89
C THR B 90 -14.53 6.42 -6.96
N MET B 91 -15.34 5.45 -6.57
CA MET B 91 -16.28 4.80 -7.48
C MET B 91 -17.66 4.72 -6.84
N LYS B 92 -18.69 4.70 -7.68
CA LYS B 92 -20.06 4.59 -7.23
C LYS B 92 -20.72 3.48 -8.04
N ASN B 93 -21.68 2.78 -7.44
CA ASN B 93 -22.38 1.70 -8.11
C ASN B 93 -23.72 1.46 -7.40
N LEU B 94 -24.08 0.20 -7.16
CA LEU B 94 -25.36 -0.18 -6.58
C LEU B 94 -25.16 -1.39 -5.65
N PRO B 95 -25.78 -1.39 -4.46
CA PRO B 95 -25.62 -2.47 -3.50
C PRO B 95 -26.33 -3.74 -3.98
N GLU B 96 -25.65 -4.50 -4.84
CA GLU B 96 -26.16 -5.79 -5.27
C GLU B 96 -25.04 -6.67 -5.84
N GLY B 97 -24.87 -7.84 -5.26
CA GLY B 97 -23.92 -8.86 -5.70
C GLY B 97 -22.46 -8.41 -5.65
N CYS B 98 -22.20 -7.15 -5.27
CA CYS B 98 -20.86 -6.59 -5.30
C CYS B 98 -20.04 -6.99 -4.08
N SER B 99 -18.73 -7.17 -4.31
CA SER B 99 -17.73 -7.35 -3.28
C SER B 99 -16.37 -7.01 -3.87
N TRP B 100 -15.37 -6.73 -3.05
CA TRP B 100 -14.06 -6.31 -3.56
C TRP B 100 -13.53 -7.33 -4.56
N GLN B 101 -13.98 -8.59 -4.42
CA GLN B 101 -13.57 -9.67 -5.31
C GLN B 101 -14.15 -9.48 -6.71
N ASP B 102 -15.36 -8.95 -6.78
CA ASP B 102 -16.08 -8.84 -8.04
C ASP B 102 -15.49 -7.68 -8.82
N LEU B 103 -15.02 -6.63 -8.12
CA LEU B 103 -14.44 -5.46 -8.77
C LEU B 103 -13.04 -5.78 -9.29
N LYS B 104 -12.33 -6.73 -8.67
CA LYS B 104 -11.03 -7.16 -9.19
C LYS B 104 -11.21 -7.85 -10.54
N ASP B 105 -12.19 -8.76 -10.62
CA ASP B 105 -12.46 -9.50 -11.84
C ASP B 105 -13.10 -8.58 -12.89
N LEU B 106 -13.98 -7.67 -12.44
CA LEU B 106 -14.60 -6.71 -13.33
C LEU B 106 -13.54 -5.89 -14.06
N ALA B 107 -12.54 -5.40 -13.32
CA ALA B 107 -11.54 -4.50 -13.86
C ALA B 107 -10.65 -5.22 -14.88
N ARG B 108 -10.32 -6.49 -14.63
CA ARG B 108 -9.44 -7.24 -15.52
C ARG B 108 -10.21 -7.74 -16.76
N GLU B 109 -11.55 -7.66 -16.73
CA GLU B 109 -12.37 -8.05 -17.87
C GLU B 109 -12.50 -6.92 -18.90
N ASN B 110 -11.58 -5.95 -18.89
CA ASN B 110 -11.58 -4.88 -19.87
C ASN B 110 -10.19 -4.75 -20.51
N SER B 111 -9.22 -4.28 -19.74
CA SER B 111 -7.84 -4.14 -20.22
C SER B 111 -6.89 -3.83 -19.06
N LEU B 112 -7.37 -3.05 -18.10
CA LEU B 112 -6.58 -2.67 -16.94
C LEU B 112 -6.61 -3.77 -15.89
N GLU B 113 -5.98 -3.51 -14.74
CA GLU B 113 -6.00 -4.42 -13.60
C GLU B 113 -5.85 -3.61 -12.31
N THR B 114 -6.25 -4.20 -11.18
CA THR B 114 -6.19 -3.55 -9.89
C THR B 114 -5.21 -4.23 -8.95
N THR B 115 -4.53 -3.45 -8.11
CA THR B 115 -3.63 -4.01 -7.10
C THR B 115 -4.47 -4.31 -5.85
N PHE B 116 -5.59 -3.58 -5.69
CA PHE B 116 -6.43 -3.70 -4.51
C PHE B 116 -7.82 -3.09 -4.68
N SER B 117 -8.82 -3.67 -4.01
CA SER B 117 -10.21 -3.22 -4.13
C SER B 117 -10.85 -3.11 -2.76
N SER B 118 -11.70 -2.10 -2.55
CA SER B 118 -12.34 -1.89 -1.25
C SER B 118 -13.74 -1.32 -1.39
N VAL B 119 -14.55 -1.49 -0.35
CA VAL B 119 -15.89 -0.94 -0.28
C VAL B 119 -15.97 0.13 0.80
N ASN B 120 -16.79 1.15 0.58
CA ASN B 120 -16.92 2.26 1.51
C ASN B 120 -18.40 2.51 1.78
N THR B 121 -18.87 2.08 2.95
CA THR B 121 -20.29 2.06 3.24
C THR B 121 -20.49 1.83 4.74
N ARG B 122 -21.68 2.18 5.23
CA ARG B 122 -22.08 1.90 6.61
C ARG B 122 -22.41 0.42 6.82
N ASP B 123 -22.61 -0.30 5.71
CA ASP B 123 -22.89 -1.74 5.72
C ASP B 123 -22.68 -2.31 4.32
N PHE B 124 -23.47 -1.81 3.36
CA PHE B 124 -23.34 -2.17 1.96
C PHE B 124 -24.10 -1.16 1.10
N ASP B 125 -23.40 -0.45 0.21
CA ASP B 125 -23.98 0.56 -0.64
C ASP B 125 -23.56 0.44 -2.10
N GLY B 126 -22.81 -0.62 -2.41
CA GLY B 126 -22.31 -0.87 -3.77
C GLY B 126 -21.10 0.02 -4.08
N THR B 127 -21.09 1.24 -3.55
CA THR B 127 -19.96 2.16 -3.71
C THR B 127 -18.73 1.73 -2.92
N GLY B 128 -17.55 2.22 -3.33
CA GLY B 128 -16.30 1.85 -2.69
C GLY B 128 -15.15 2.62 -3.33
N ALA B 129 -14.03 1.94 -3.57
CA ALA B 129 -12.86 2.55 -4.17
C ALA B 129 -11.90 1.49 -4.68
N LEU B 130 -11.07 1.84 -5.66
CA LEU B 130 -10.14 0.91 -6.29
C LEU B 130 -8.75 1.53 -6.30
N GLU B 131 -7.72 0.69 -6.20
CA GLU B 131 -6.33 1.16 -6.26
C GLU B 131 -5.61 0.65 -7.51
N PHE B 132 -4.56 1.36 -7.90
CA PHE B 132 -3.80 1.05 -9.10
C PHE B 132 -2.28 1.13 -8.86
N PRO B 133 -1.50 0.35 -9.62
CA PRO B 133 -0.05 0.33 -9.51
C PRO B 133 0.59 1.61 -10.03
N SER B 134 -0.10 2.37 -10.90
CA SER B 134 0.46 3.58 -11.47
C SER B 134 -0.63 4.53 -11.96
N GLU B 135 -0.24 5.77 -12.29
CA GLU B 135 -1.15 6.81 -12.75
C GLU B 135 -1.69 6.45 -14.13
N GLU B 136 -0.90 5.73 -14.94
CA GLU B 136 -1.29 5.39 -16.29
C GLU B 136 -2.46 4.40 -16.29
N ILE B 137 -2.85 3.91 -15.11
CA ILE B 137 -4.03 3.06 -14.97
C ILE B 137 -5.21 3.90 -14.52
N LEU B 138 -4.95 4.92 -13.71
CA LEU B 138 -5.97 5.80 -13.18
C LEU B 138 -6.57 6.63 -14.31
N VAL B 139 -5.70 7.21 -15.15
CA VAL B 139 -6.15 8.07 -16.25
C VAL B 139 -6.81 7.26 -17.36
N GLU B 140 -6.71 5.93 -17.31
CA GLU B 140 -7.33 5.06 -18.30
C GLU B 140 -8.59 4.42 -17.74
N ALA B 141 -8.60 4.11 -16.44
CA ALA B 141 -9.74 3.44 -15.82
C ALA B 141 -10.99 4.32 -15.87
N LEU B 142 -10.80 5.64 -15.88
CA LEU B 142 -11.90 6.58 -15.92
C LEU B 142 -12.53 6.66 -17.30
N GLU B 143 -12.07 5.83 -18.25
CA GLU B 143 -12.63 5.82 -19.59
C GLU B 143 -13.03 4.39 -20.00
N ARG B 144 -12.36 3.39 -19.42
CA ARG B 144 -12.59 1.98 -19.75
C ARG B 144 -13.45 1.30 -18.69
N LEU B 145 -13.14 1.56 -17.41
CA LEU B 145 -13.91 1.02 -16.30
C LEU B 145 -15.03 1.97 -15.88
N ASN B 146 -15.21 3.07 -16.63
CA ASN B 146 -16.27 4.02 -16.35
C ASN B 146 -17.56 3.64 -17.08
N ASN B 147 -18.65 3.47 -16.33
CA ASN B 147 -20.00 3.32 -16.84
C ASN B 147 -20.12 2.18 -17.86
N ILE B 148 -19.38 1.10 -17.63
CA ILE B 148 -19.37 -0.06 -18.52
C ILE B 148 -20.65 -0.90 -18.35
N GLU B 149 -21.50 -0.52 -17.39
CA GLU B 149 -22.65 -1.29 -16.95
C GLU B 149 -22.24 -2.59 -16.28
N PHE B 150 -22.26 -2.60 -14.93
CA PHE B 150 -21.87 -3.74 -14.14
C PHE B 150 -23.05 -4.25 -13.33
N ARG B 151 -23.44 -5.51 -13.56
CA ARG B 151 -24.57 -6.14 -12.88
C ARG B 151 -25.86 -5.36 -13.14
N GLY B 152 -25.88 -4.54 -14.19
CA GLY B 152 -27.02 -3.70 -14.54
C GLY B 152 -26.91 -2.32 -13.88
N SER B 153 -25.87 -2.13 -13.05
CA SER B 153 -25.57 -0.86 -12.41
C SER B 153 -24.61 -0.08 -13.32
N VAL B 154 -23.92 0.92 -12.76
CA VAL B 154 -23.00 1.76 -13.50
C VAL B 154 -21.87 2.16 -12.57
N ILE B 155 -20.63 1.93 -13.00
CA ILE B 155 -19.44 2.26 -12.22
C ILE B 155 -19.04 3.71 -12.50
N THR B 156 -19.06 4.55 -11.47
CA THR B 156 -18.63 5.94 -11.57
C THR B 156 -17.19 6.16 -11.12
N VAL B 157 -16.27 5.28 -11.54
CA VAL B 157 -14.86 5.43 -11.19
C VAL B 157 -14.38 6.80 -11.69
N GLU B 158 -13.86 7.61 -10.76
CA GLU B 158 -13.31 8.92 -11.09
C GLU B 158 -12.22 9.30 -10.10
N ARG B 159 -11.27 10.14 -10.54
CA ARG B 159 -10.15 10.55 -9.72
C ARG B 159 -10.65 11.28 -8.47
N ASP B 160 -10.01 10.97 -7.34
CA ASP B 160 -10.29 11.63 -6.07
C ASP B 160 -9.02 12.31 -5.55
N ASP B 161 -8.05 12.54 -6.43
CA ASP B 161 -6.78 13.17 -6.07
C ASP B 161 -6.15 12.53 -4.84
N ASN B 162 -6.13 11.19 -4.81
CA ASN B 162 -5.70 10.43 -3.66
C ASN B 162 -4.29 10.87 -3.20
N PRO B 163 -4.07 10.97 -1.89
CA PRO B 163 -2.78 11.31 -1.32
C PRO B 163 -1.84 10.12 -1.41
N PRO B 164 -0.52 10.34 -1.51
CA PRO B 164 0.47 9.28 -1.60
C PRO B 164 0.37 8.26 -0.45
N PRO B 165 0.31 8.69 0.82
CA PRO B 165 0.11 7.78 1.92
C PRO B 165 -1.34 7.31 1.96
N ILE B 166 -1.55 6.06 2.41
CA ILE B 166 -2.89 5.50 2.47
C ILE B 166 -3.64 6.03 3.70
N ARG B 167 -4.92 6.37 3.52
CA ARG B 167 -5.76 6.94 4.58
C ARG B 167 -6.22 5.85 5.53
N ARG B 168 -6.42 6.21 6.82
CA ARG B 168 -6.88 5.28 7.84
C ARG B 168 -7.99 5.91 8.71
N SER B 169 -8.34 7.17 8.43
CA SER B 169 -9.36 7.88 9.19
C SER B 169 -10.74 7.29 8.92
N MET B 1 19.71 -3.21 -18.67
CA MET B 1 18.28 -3.60 -18.69
C MET B 1 17.56 -3.04 -17.46
N HIS B 2 16.22 -3.05 -17.50
CA HIS B 2 15.40 -2.51 -16.41
C HIS B 2 14.20 -3.42 -16.12
N HIS B 3 14.27 -4.68 -16.56
CA HIS B 3 13.20 -5.64 -16.36
C HIS B 3 13.08 -6.05 -14.88
N ARG B 4 14.08 -5.68 -14.07
CA ARG B 4 14.10 -6.00 -12.65
C ARG B 4 14.91 -4.95 -11.90
N GLN B 5 14.54 -4.69 -10.64
CA GLN B 5 15.22 -3.70 -9.81
C GLN B 5 15.16 -4.08 -8.33
N GLU B 6 14.93 -5.36 -8.04
CA GLU B 6 14.85 -5.84 -6.66
C GLU B 6 16.20 -5.65 -5.96
N GLY B 7 16.17 -5.16 -4.73
CA GLY B 7 17.38 -4.96 -3.94
C GLY B 7 18.11 -3.66 -4.31
N GLU B 8 17.51 -2.86 -5.21
CA GLU B 8 18.06 -1.58 -5.62
C GLU B 8 17.14 -0.44 -5.16
N LEU B 9 16.67 -0.52 -3.91
CA LEU B 9 15.72 0.41 -3.35
C LEU B 9 16.32 1.80 -3.14
N SER B 10 15.44 2.78 -2.93
CA SER B 10 15.82 4.18 -2.74
C SER B 10 16.48 4.40 -1.38
N ASN B 11 16.87 3.31 -0.70
CA ASN B 11 17.54 3.37 0.58
C ASN B 11 16.65 4.03 1.64
N THR B 12 15.41 3.54 1.81
CA THR B 12 14.50 4.12 2.81
C THR B 12 13.83 3.07 3.69
N ARG B 13 13.28 1.99 3.11
CA ARG B 13 12.69 0.92 3.90
C ARG B 13 13.76 0.01 4.50
N LEU B 14 13.54 -0.40 5.76
CA LEU B 14 14.52 -1.18 6.53
C LEU B 14 13.85 -2.43 7.10
N PHE B 15 14.29 -3.60 6.64
CA PHE B 15 13.73 -4.88 7.06
C PHE B 15 14.34 -5.40 8.35
N VAL B 16 13.56 -5.40 9.43
CA VAL B 16 13.98 -6.00 10.69
C VAL B 16 13.42 -7.40 10.82
N ARG B 17 13.99 -8.24 11.69
CA ARG B 17 13.57 -9.63 11.77
C ARG B 17 13.54 -10.10 13.23
N PRO B 18 14.63 -9.94 13.99
CA PRO B 18 14.65 -10.29 15.40
C PRO B 18 13.68 -9.40 16.18
N PHE B 19 12.63 -10.01 16.71
CA PHE B 19 11.67 -9.34 17.57
C PHE B 19 11.25 -10.16 18.79
N PRO B 20 10.80 -9.50 19.86
CA PRO B 20 10.29 -10.17 21.04
C PRO B 20 8.94 -10.81 20.70
N LEU B 21 7.85 -10.05 20.83
CA LEU B 21 6.50 -10.52 20.49
C LEU B 21 5.48 -9.40 20.58
N ASP B 22 5.62 -8.51 21.58
CA ASP B 22 4.67 -7.44 21.81
C ASP B 22 5.34 -6.10 21.46
N VAL B 23 6.27 -6.13 20.51
CA VAL B 23 6.96 -4.92 20.06
C VAL B 23 5.93 -3.90 19.59
N GLN B 24 5.03 -4.31 18.69
CA GLN B 24 3.84 -3.58 18.25
C GLN B 24 4.02 -2.06 18.30
N GLU B 25 5.01 -1.54 17.56
CA GLU B 25 5.20 -0.10 17.39
C GLU B 25 5.28 0.60 18.74
N SER B 26 6.25 0.18 19.58
CA SER B 26 6.39 0.73 20.93
C SER B 26 7.86 1.01 21.26
N GLU B 27 8.79 0.58 20.40
CA GLU B 27 10.21 0.83 20.61
C GLU B 27 10.92 1.16 19.29
N LEU B 28 10.30 0.86 18.16
CA LEU B 28 10.84 1.27 16.87
C LEU B 28 10.84 2.80 16.81
N ASN B 29 9.79 3.42 17.33
CA ASN B 29 9.68 4.87 17.38
C ASN B 29 10.74 5.47 18.30
N GLU B 30 11.33 4.64 19.16
CA GLU B 30 12.36 5.10 20.09
C GLU B 30 13.76 4.87 19.52
N ILE B 31 13.96 3.74 18.83
CA ILE B 31 15.26 3.40 18.24
C ILE B 31 15.44 4.12 16.92
N PHE B 32 14.44 4.02 16.03
CA PHE B 32 14.47 4.68 14.73
C PHE B 32 14.05 6.15 14.80
N GLY B 33 13.60 6.59 15.98
CA GLY B 33 13.13 7.95 16.19
C GLY B 33 14.25 8.99 16.04
N PRO B 34 15.34 8.87 16.81
CA PRO B 34 16.42 9.83 16.77
C PRO B 34 17.18 9.80 15.44
N PHE B 35 16.97 8.75 14.63
CA PHE B 35 17.64 8.63 13.34
C PHE B 35 17.06 9.50 12.23
N GLY B 36 15.76 9.81 12.30
CA GLY B 36 15.10 10.64 11.31
C GLY B 36 13.61 10.77 11.59
N PRO B 37 12.89 11.45 10.70
CA PRO B 37 11.48 11.75 10.86
C PRO B 37 10.58 10.52 10.71
N MET B 38 11.16 9.40 10.22
CA MET B 38 10.49 8.11 10.03
C MET B 38 9.03 8.24 9.61
N LYS B 39 8.77 8.13 8.29
CA LYS B 39 7.44 8.28 7.74
C LYS B 39 6.46 7.32 8.40
N GLU B 40 6.88 6.08 8.60
CA GLU B 40 6.01 5.03 9.13
C GLU B 40 6.84 3.81 9.53
N VAL B 41 6.30 2.98 10.42
CA VAL B 41 6.90 1.70 10.77
C VAL B 41 5.79 0.65 10.68
N LYS B 42 5.99 -0.35 9.83
CA LYS B 42 5.08 -1.47 9.68
C LYS B 42 5.67 -2.70 10.35
N ILE B 43 5.32 -2.91 11.62
CA ILE B 43 5.66 -4.14 12.34
C ILE B 43 4.54 -5.15 12.18
N LEU B 44 4.90 -6.43 12.11
CA LEU B 44 3.95 -7.51 11.95
C LEU B 44 4.60 -8.81 12.41
N ASN B 45 3.85 -9.91 12.36
CA ASN B 45 4.31 -11.18 12.91
C ASN B 45 5.64 -11.63 12.30
N GLY B 46 6.72 -11.52 13.10
CA GLY B 46 8.01 -12.09 12.77
C GLY B 46 9.00 -11.08 12.18
N PHE B 47 8.54 -9.87 11.84
CA PHE B 47 9.41 -8.86 11.26
C PHE B 47 8.79 -7.46 11.21
N ALA B 48 9.55 -6.48 10.70
CA ALA B 48 9.07 -5.11 10.59
C ALA B 48 9.73 -4.41 9.42
N PHE B 49 9.14 -3.28 9.00
CA PHE B 49 9.67 -2.47 7.91
C PHE B 49 9.49 -1.01 8.27
N VAL B 50 10.57 -0.38 8.74
CA VAL B 50 10.60 1.05 9.02
C VAL B 50 10.87 1.80 7.72
N GLU B 51 10.45 3.06 7.62
CA GLU B 51 10.69 3.87 6.42
C GLU B 51 11.04 5.31 6.78
N PHE B 52 11.94 5.92 6.01
CA PHE B 52 12.39 7.29 6.24
C PHE B 52 12.09 8.26 5.10
N GLU B 53 12.25 9.56 5.37
CA GLU B 53 12.00 10.60 4.39
C GLU B 53 13.25 10.86 3.55
N GLU B 54 14.40 10.40 4.04
CA GLU B 54 15.68 10.64 3.40
C GLU B 54 16.50 9.34 3.40
N ALA B 55 17.31 9.15 2.37
CA ALA B 55 18.17 7.98 2.27
C ALA B 55 19.25 8.02 3.33
N GLU B 56 19.53 9.20 3.87
CA GLU B 56 20.55 9.39 4.89
C GLU B 56 20.07 8.84 6.24
N SER B 57 18.82 9.14 6.59
CA SER B 57 18.27 8.72 7.87
C SER B 57 18.10 7.21 7.89
N ALA B 58 17.76 6.63 6.74
CA ALA B 58 17.62 5.19 6.61
C ALA B 58 18.97 4.49 6.72
N ALA B 59 19.94 4.87 5.88
CA ALA B 59 21.26 4.26 5.89
C ALA B 59 21.92 4.39 7.26
N LYS B 60 21.75 5.54 7.93
CA LYS B 60 22.35 5.76 9.23
C LYS B 60 21.74 4.83 10.28
N ALA B 61 20.41 4.69 10.27
CA ALA B 61 19.74 3.84 11.24
C ALA B 61 20.09 2.38 11.03
N ILE B 62 20.10 1.91 9.78
CA ILE B 62 20.49 0.53 9.49
C ILE B 62 21.94 0.31 9.93
N GLU B 63 22.82 1.27 9.62
CA GLU B 63 24.24 1.15 9.95
C GLU B 63 24.44 1.05 11.46
N GLU B 64 23.53 1.64 12.25
CA GLU B 64 23.67 1.65 13.71
C GLU B 64 22.81 0.59 14.40
N VAL B 65 21.73 0.14 13.74
CA VAL B 65 20.80 -0.82 14.35
C VAL B 65 21.13 -2.25 13.92
N HIS B 66 21.81 -2.44 12.78
CA HIS B 66 22.12 -3.79 12.30
C HIS B 66 23.26 -4.45 13.08
N GLY B 67 23.42 -4.10 14.36
CA GLY B 67 24.53 -4.57 15.15
C GLY B 67 24.35 -4.29 16.64
N LYS B 68 23.10 -4.19 17.10
CA LYS B 68 22.80 -3.90 18.50
C LYS B 68 21.58 -4.70 18.94
N SER B 69 20.87 -4.27 19.98
CA SER B 69 19.75 -5.01 20.55
C SER B 69 18.70 -4.07 21.10
N PHE B 70 17.43 -4.49 21.04
CA PHE B 70 16.33 -3.79 21.68
C PHE B 70 15.45 -4.73 22.53
N ALA B 71 15.82 -6.02 22.57
CA ALA B 71 15.01 -7.06 23.19
C ALA B 71 15.87 -8.24 23.59
N ASN B 72 17.10 -7.97 24.06
CA ASN B 72 18.06 -9.00 24.42
C ASN B 72 18.37 -9.93 23.24
N GLN B 73 18.24 -9.41 22.01
CA GLN B 73 18.49 -10.19 20.80
C GLN B 73 19.29 -9.34 19.81
N PRO B 74 20.28 -9.94 19.12
CA PRO B 74 21.13 -9.26 18.18
C PRO B 74 20.34 -8.89 16.92
N LEU B 75 20.24 -7.58 16.64
CA LEU B 75 19.56 -7.09 15.46
C LEU B 75 20.49 -7.18 14.25
N GLU B 76 19.89 -7.28 13.06
CA GLU B 76 20.61 -7.55 11.82
C GLU B 76 19.87 -6.88 10.64
N VAL B 77 19.33 -5.69 10.87
CA VAL B 77 18.58 -4.96 9.84
C VAL B 77 19.27 -4.91 8.48
N VAL B 78 18.46 -4.92 7.42
CA VAL B 78 18.93 -4.84 6.04
C VAL B 78 17.86 -4.12 5.22
N TYR B 79 18.10 -3.89 3.93
CA TYR B 79 17.15 -3.19 3.09
C TYR B 79 15.96 -4.05 2.67
N SER B 80 14.78 -3.45 2.61
CA SER B 80 13.53 -4.14 2.31
C SER B 80 13.30 -4.22 0.80
N LYS B 81 12.24 -4.92 0.40
CA LYS B 81 11.79 -4.90 -0.99
C LYS B 81 11.36 -3.48 -1.39
N LEU B 82 11.20 -3.27 -2.69
CA LEU B 82 10.99 -1.95 -3.29
C LEU B 82 9.60 -1.39 -2.96
N PRO B 83 9.54 -0.25 -2.24
CA PRO B 83 8.30 0.50 -2.06
C PRO B 83 7.64 0.79 -3.40
N ALA B 84 6.34 1.12 -3.38
CA ALA B 84 5.60 1.34 -4.61
C ALA B 84 4.43 2.28 -4.37
N LYS B 85 3.89 2.83 -5.46
CA LYS B 85 2.70 3.67 -5.44
C LYS B 85 1.74 3.20 -6.53
N ARG B 86 0.45 3.45 -6.35
CA ARG B 86 -0.55 3.05 -7.31
C ARG B 86 -1.68 4.08 -7.31
N TYR B 87 -2.58 3.98 -8.29
CA TYR B 87 -3.68 4.92 -8.44
C TYR B 87 -4.97 4.41 -7.83
N ARG B 88 -5.88 5.31 -7.46
CA ARG B 88 -7.16 4.95 -6.90
C ARG B 88 -8.23 5.93 -7.33
N ILE B 89 -9.47 5.45 -7.51
CA ILE B 89 -10.56 6.28 -7.98
C ILE B 89 -11.84 5.98 -7.20
N THR B 90 -12.74 6.94 -7.16
CA THR B 90 -14.01 6.80 -6.45
C THR B 90 -15.01 6.27 -7.46
N MET B 91 -15.77 5.26 -7.05
CA MET B 91 -16.78 4.66 -7.90
C MET B 91 -18.11 4.59 -7.15
N LYS B 92 -19.21 4.66 -7.91
CA LYS B 92 -20.55 4.60 -7.36
C LYS B 92 -21.32 3.55 -8.15
N ASN B 93 -22.23 2.84 -7.49
CA ASN B 93 -23.04 1.81 -8.12
C ASN B 93 -24.31 1.61 -7.29
N LEU B 94 -24.75 0.37 -7.11
CA LEU B 94 -25.98 0.05 -6.38
C LEU B 94 -25.78 -1.19 -5.51
N PRO B 95 -26.46 -1.24 -4.35
CA PRO B 95 -26.29 -2.28 -3.35
C PRO B 95 -26.90 -3.61 -3.78
N GLU B 96 -26.28 -4.28 -4.77
CA GLU B 96 -26.71 -5.62 -5.15
C GLU B 96 -25.61 -6.31 -5.98
N GLY B 97 -25.33 -7.57 -5.62
CA GLY B 97 -24.40 -8.42 -6.37
C GLY B 97 -22.95 -7.91 -6.34
N CYS B 98 -22.70 -6.76 -5.72
CA CYS B 98 -21.38 -6.15 -5.74
C CYS B 98 -20.43 -6.80 -4.74
N SER B 99 -19.22 -7.13 -5.21
CA SER B 99 -18.12 -7.55 -4.37
C SER B 99 -16.83 -7.30 -5.16
N TRP B 100 -15.70 -7.17 -4.49
CA TRP B 100 -14.47 -6.77 -5.17
C TRP B 100 -14.10 -7.79 -6.26
N GLN B 101 -14.64 -9.01 -6.17
CA GLN B 101 -14.43 -10.03 -7.19
C GLN B 101 -15.15 -9.67 -8.50
N ASP B 102 -16.36 -9.12 -8.40
CA ASP B 102 -17.14 -8.75 -9.56
C ASP B 102 -16.69 -7.45 -10.20
N LEU B 103 -16.14 -6.51 -9.41
CA LEU B 103 -15.59 -5.29 -9.97
C LEU B 103 -14.28 -5.62 -10.71
N LYS B 104 -13.59 -6.69 -10.31
CA LYS B 104 -12.41 -7.15 -11.04
C LYS B 104 -12.81 -7.76 -12.37
N ASP B 105 -13.87 -8.59 -12.36
CA ASP B 105 -14.36 -9.21 -13.57
C ASP B 105 -14.98 -8.21 -14.52
N LEU B 106 -15.74 -7.25 -13.98
CA LEU B 106 -16.33 -6.18 -14.76
C LEU B 106 -15.25 -5.32 -15.42
N ALA B 107 -14.16 -5.06 -14.69
CA ALA B 107 -13.10 -4.22 -15.20
C ALA B 107 -12.32 -4.93 -16.30
N ARG B 108 -12.07 -6.23 -16.12
CA ARG B 108 -11.23 -6.98 -17.05
C ARG B 108 -12.01 -7.41 -18.31
N GLU B 109 -13.34 -7.30 -18.31
CA GLU B 109 -14.10 -7.68 -19.51
C GLU B 109 -14.32 -6.48 -20.44
N ASN B 110 -13.67 -5.35 -20.16
CA ASN B 110 -13.74 -4.19 -21.04
C ASN B 110 -12.44 -4.09 -21.84
N SER B 111 -11.33 -3.77 -21.16
CA SER B 111 -10.03 -3.65 -21.80
C SER B 111 -8.94 -3.47 -20.75
N LEU B 112 -9.26 -2.75 -19.67
CA LEU B 112 -8.30 -2.48 -18.60
C LEU B 112 -8.31 -3.61 -17.57
N GLU B 113 -7.57 -3.43 -16.48
CA GLU B 113 -7.52 -4.37 -15.38
C GLU B 113 -7.25 -3.62 -14.07
N THR B 114 -7.55 -4.26 -12.94
CA THR B 114 -7.35 -3.67 -11.63
C THR B 114 -6.30 -4.41 -10.80
N THR B 115 -5.44 -3.65 -10.11
CA THR B 115 -4.48 -4.23 -9.19
C THR B 115 -5.20 -4.52 -7.87
N PHE B 116 -6.29 -3.79 -7.61
CA PHE B 116 -7.06 -3.95 -6.39
C PHE B 116 -8.48 -3.37 -6.49
N SER B 117 -9.44 -3.97 -5.78
CA SER B 117 -10.83 -3.55 -5.83
C SER B 117 -11.43 -3.49 -4.43
N SER B 118 -12.31 -2.52 -4.18
CA SER B 118 -12.91 -2.36 -2.87
C SER B 118 -14.40 -2.03 -2.95
N VAL B 119 -15.10 -2.31 -1.85
CA VAL B 119 -16.53 -2.04 -1.67
C VAL B 119 -16.80 -1.74 -0.19
N ASN B 120 -15.88 -0.99 0.43
CA ASN B 120 -15.88 -0.73 1.86
C ASN B 120 -17.00 0.24 2.27
N THR B 121 -18.12 0.27 1.53
CA THR B 121 -19.29 1.05 1.90
C THR B 121 -19.79 0.44 3.22
N ARG B 122 -20.12 1.30 4.19
CA ARG B 122 -20.47 0.85 5.53
C ARG B 122 -21.90 0.30 5.57
N ASP B 123 -22.85 1.06 5.04
CA ASP B 123 -24.25 0.64 4.98
C ASP B 123 -24.52 -0.24 3.76
N PHE B 124 -23.46 -0.54 2.99
CA PHE B 124 -23.51 -1.20 1.70
C PHE B 124 -24.42 -0.47 0.71
N ASP B 125 -23.80 0.19 -0.27
CA ASP B 125 -24.53 1.00 -1.25
C ASP B 125 -24.02 0.66 -2.65
N GLY B 126 -23.29 -0.44 -2.79
CA GLY B 126 -22.71 -0.86 -4.06
C GLY B 126 -21.45 -0.06 -4.39
N THR B 127 -21.32 1.13 -3.81
CA THR B 127 -20.14 1.98 -4.00
C THR B 127 -18.88 1.39 -3.40
N GLY B 128 -17.72 1.91 -3.81
CA GLY B 128 -16.44 1.41 -3.36
C GLY B 128 -15.30 2.22 -3.99
N ALA B 129 -14.26 1.54 -4.43
CA ALA B 129 -13.12 2.17 -5.07
C ALA B 129 -12.30 1.14 -5.83
N LEU B 130 -11.60 1.57 -6.89
CA LEU B 130 -10.74 0.69 -7.67
C LEU B 130 -9.34 1.30 -7.73
N GLU B 131 -8.33 0.44 -7.92
CA GLU B 131 -6.96 0.90 -8.05
C GLU B 131 -6.34 0.45 -9.38
N PHE B 132 -5.26 1.13 -9.77
CA PHE B 132 -4.58 0.89 -11.03
C PHE B 132 -3.05 1.03 -10.87
N PRO B 133 -2.27 0.33 -11.71
CA PRO B 133 -0.83 0.37 -11.66
C PRO B 133 -0.25 1.73 -12.08
N SER B 134 -1.00 2.53 -12.86
CA SER B 134 -0.53 3.83 -13.31
C SER B 134 -1.70 4.74 -13.69
N GLU B 135 -1.42 6.03 -13.91
CA GLU B 135 -2.44 7.01 -14.23
C GLU B 135 -3.02 6.73 -15.63
N GLU B 136 -2.22 6.13 -16.51
CA GLU B 136 -2.63 5.88 -17.88
C GLU B 136 -3.74 4.82 -17.93
N ILE B 137 -4.06 4.20 -16.79
CA ILE B 137 -5.18 3.28 -16.70
C ILE B 137 -6.38 4.00 -16.10
N LEU B 138 -6.12 4.97 -15.21
CA LEU B 138 -7.17 5.71 -14.54
C LEU B 138 -7.86 6.62 -15.55
N VAL B 139 -7.07 7.33 -16.37
CA VAL B 139 -7.62 8.27 -17.36
C VAL B 139 -8.35 7.52 -18.47
N GLU B 140 -8.18 6.20 -18.54
CA GLU B 140 -8.88 5.38 -19.51
C GLU B 140 -10.10 4.72 -18.87
N ALA B 141 -9.98 4.33 -17.60
CA ALA B 141 -11.06 3.66 -16.90
C ALA B 141 -12.27 4.58 -16.75
N LEU B 142 -12.03 5.89 -16.63
CA LEU B 142 -13.11 6.86 -16.50
C LEU B 142 -13.82 7.10 -17.83
N GLU B 143 -13.44 6.35 -18.88
CA GLU B 143 -14.09 6.45 -20.17
C GLU B 143 -14.59 5.09 -20.65
N ARG B 144 -13.95 4.01 -20.16
CA ARG B 144 -14.29 2.65 -20.57
C ARG B 144 -15.09 1.93 -19.49
N LEU B 145 -14.67 2.06 -18.23
CA LEU B 145 -15.35 1.44 -17.10
C LEU B 145 -16.43 2.39 -16.57
N ASN B 146 -16.60 3.55 -17.19
CA ASN B 146 -17.62 4.50 -16.78
C ASN B 146 -18.96 4.19 -17.42
N ASN B 147 -19.99 3.99 -16.59
CA ASN B 147 -21.39 3.89 -17.01
C ASN B 147 -21.59 2.79 -18.07
N ILE B 148 -20.83 1.70 -17.97
CA ILE B 148 -20.91 0.58 -18.91
C ILE B 148 -22.20 -0.23 -18.71
N GLU B 149 -22.96 0.11 -17.66
CA GLU B 149 -24.10 -0.65 -17.19
C GLU B 149 -23.66 -2.00 -16.62
N PHE B 150 -23.58 -2.07 -15.28
CA PHE B 150 -23.16 -3.26 -14.57
C PHE B 150 -24.38 -4.19 -14.51
N ARG B 151 -24.69 -4.80 -15.65
CA ARG B 151 -25.77 -5.77 -15.80
C ARG B 151 -27.11 -5.25 -15.26
N GLY B 152 -27.25 -3.92 -15.12
CA GLY B 152 -28.48 -3.29 -14.68
C GLY B 152 -28.21 -2.08 -13.80
N SER B 153 -27.01 -2.01 -13.20
CA SER B 153 -26.60 -0.86 -12.40
C SER B 153 -25.68 0.03 -13.23
N VAL B 154 -25.11 1.09 -12.64
CA VAL B 154 -24.22 1.99 -13.37
C VAL B 154 -23.00 2.34 -12.54
N ILE B 155 -21.82 2.21 -13.14
CA ILE B 155 -20.54 2.49 -12.49
C ILE B 155 -20.13 3.93 -12.74
N THR B 156 -19.89 4.68 -11.66
CA THR B 156 -19.42 6.05 -11.75
C THR B 156 -17.94 6.22 -11.41
N VAL B 157 -17.10 5.29 -11.88
CA VAL B 157 -15.65 5.38 -11.67
C VAL B 157 -15.16 6.74 -12.18
N GLU B 158 -14.53 7.51 -11.29
CA GLU B 158 -13.93 8.78 -11.65
C GLU B 158 -12.78 9.11 -10.71
N ARG B 159 -11.79 9.88 -11.20
CA ARG B 159 -10.62 10.21 -10.41
C ARG B 159 -10.98 11.12 -9.24
N ASP B 160 -10.40 10.82 -8.08
CA ASP B 160 -10.59 11.60 -6.88
C ASP B 160 -9.25 12.19 -6.43
N ASP B 161 -8.25 12.21 -7.33
CA ASP B 161 -6.91 12.69 -7.00
C ASP B 161 -6.40 12.09 -5.69
N ASN B 162 -6.48 10.75 -5.60
CA ASN B 162 -6.21 10.03 -4.35
C ASN B 162 -4.84 10.41 -3.77
N PRO B 163 -4.75 10.48 -2.43
CA PRO B 163 -3.51 10.74 -1.73
C PRO B 163 -2.63 9.48 -1.76
N PRO B 164 -1.31 9.62 -1.57
CA PRO B 164 -0.38 8.51 -1.59
C PRO B 164 -0.75 7.38 -0.63
N PRO B 165 -1.03 7.66 0.66
CA PRO B 165 -1.44 6.64 1.61
C PRO B 165 -2.87 6.18 1.33
N ILE B 166 -3.27 5.06 1.96
CA ILE B 166 -4.63 4.54 1.82
C ILE B 166 -5.61 5.41 2.60
N ARG B 167 -5.14 6.04 3.68
CA ARG B 167 -5.95 6.90 4.52
C ARG B 167 -6.19 8.25 3.85
N ARG B 168 -7.37 8.83 4.08
CA ARG B 168 -7.70 10.14 3.51
C ARG B 168 -6.89 11.24 4.20
N SER B 169 -6.58 12.30 3.46
CA SER B 169 -5.81 13.43 3.98
C SER B 169 -6.57 14.12 5.11
#